data_2CMT
# 
_entry.id   2CMT 
# 
_audit_conform.dict_name       mmcif_pdbx.dic 
_audit_conform.dict_version    5.382 
_audit_conform.dict_location   http://mmcif.pdb.org/dictionaries/ascii/mmcif_pdbx.dic 
# 
loop_
_database_2.database_id 
_database_2.database_code 
_database_2.pdbx_database_accession 
_database_2.pdbx_DOI 
PDB   2CMT         pdb_00002cmt 10.2210/pdb2cmt/pdb 
PDBE  EBI-28726    ?            ?                   
WWPDB D_1290028726 ?            ?                   
# 
_pdbx_database_related.db_name        PDB 
_pdbx_database_related.db_id          2CK1 
_pdbx_database_related.content_type   unspecified 
_pdbx_database_related.details        'THE STRUCTURE OF OXIDISED CYCLOPHILIN A FROM S. MANSONI' 
# 
_pdbx_database_status.status_code                     REL 
_pdbx_database_status.entry_id                        2CMT 
_pdbx_database_status.deposit_site                    PDBE 
_pdbx_database_status.process_site                    PDBE 
_pdbx_database_status.SG_entry                        . 
_pdbx_database_status.recvd_initial_deposition_date   2006-05-12 
_pdbx_database_status.pdb_format_compatible           Y 
_pdbx_database_status.status_code_sf                  REL 
_pdbx_database_status.status_code_mr                  ? 
_pdbx_database_status.status_code_cs                  ? 
_pdbx_database_status.methods_development_category    ? 
_pdbx_database_status.status_code_nmr_data            ? 
# 
loop_
_audit_author.name 
_audit_author.pdbx_ordinal 
'Gourlay, L.J.' 1 
'Angelucci, F.' 2 
'Bellelli, A.'  3 
'Boumis, G.'    4 
'Miele, A.E.'   5 
'Brunori, M.'   6 
# 
_citation.id                        primary 
_citation.title                     
;The Three-Dimensional Structure of Two Redox States of Cyclophilin a from Schistosoma Mansoni. Evidence for Redox Regulation of Peptidyl-Prolyl Cis-Trans Isomerase Activity.
;
_citation.journal_abbrev            J.Biol.Chem. 
_citation.journal_volume            282 
_citation.page_first                24851 
_citation.page_last                 ? 
_citation.year                      2007 
_citation.journal_id_ASTM           JBCHA3 
_citation.country                   US 
_citation.journal_id_ISSN           0021-9258 
_citation.journal_id_CSD            0071 
_citation.book_publisher            ? 
_citation.pdbx_database_id_PubMed   17591771 
_citation.pdbx_database_id_DOI      10.1074/JBC.M702714200 
# 
loop_
_citation_author.citation_id 
_citation_author.name 
_citation_author.ordinal 
_citation_author.identifier_ORCID 
primary 'Gourlay, L.J.' 1 ? 
primary 'Angelucci, F.' 2 ? 
primary 'Baiocco, P.'   3 ? 
primary 'Boumis, G.'    4 ? 
primary 'Brunori, M.'   5 ? 
primary 'Bellelli, A.'  6 ? 
primary 'Miele, A.E.'   7 ? 
# 
_cell.entry_id           2CMT 
_cell.length_a           39.654 
_cell.length_b           59.213 
_cell.length_c           61.888 
_cell.angle_alpha        90.00 
_cell.angle_beta         90.00 
_cell.angle_gamma        90.00 
_cell.Z_PDB              4 
_cell.pdbx_unique_axis   ? 
# 
_symmetry.entry_id                         2CMT 
_symmetry.space_group_name_H-M             'P 21 21 21' 
_symmetry.pdbx_full_space_group_name_H-M   ? 
_symmetry.cell_setting                     ? 
_symmetry.Int_Tables_number                19 
# 
loop_
_entity.id 
_entity.type 
_entity.src_method 
_entity.pdbx_description 
_entity.formula_weight 
_entity.pdbx_number_of_molecules 
_entity.pdbx_ec 
_entity.pdbx_mutation 
_entity.pdbx_fragment 
_entity.details 
1 polymer     man 'PEPTIDYL-PROLYL CIS-TRANS ISOMERASE E' 19218.100 1   5.2.1.8 ? 'RESIDUES 102-273' ? 
2 non-polymer syn 'ACETATE ION'                           59.044    1   ?       ? ?                  ? 
3 water       nat water                                   18.015    100 ?       ? ?                  ? 
# 
_entity_name_com.entity_id   1 
_entity_name_com.name        'CYCLOPHILIN A, PPIASE E, ROTAMASE E, CYCLOPHILIN E' 
# 
_entity_poly.entity_id                      1 
_entity_poly.type                           'polypeptide(L)' 
_entity_poly.nstd_linkage                   no 
_entity_poly.nstd_monomer                   no 
_entity_poly.pdbx_seq_one_letter_code       
;MRTKKQKRNLPRVFFDIRIGNGDAGRIVMELRSDIVPRTAENFRALCTGERGFGYHNCCFHRVIPQFMCQGGDFVKGDGT
GGKSIYGRKFDDENFQLRHEGFGVLSMANSGPNTNGSQFFICTTKCDWLDGKHVVFGRVVDGQNVVKKMESVGSKSGKVK
EPVIISRCGELI
;
_entity_poly.pdbx_seq_one_letter_code_can   
;MRTKKQKRNLPRVFFDIRIGNGDAGRIVMELRSDIVPRTAENFRALCTGERGFGYHNCCFHRVIPQFMCQGGDFVKGDGT
GGKSIYGRKFDDENFQLRHEGFGVLSMANSGPNTNGSQFFICTTKCDWLDGKHVVFGRVVDGQNVVKKMESVGSKSGKVK
EPVIISRCGELI
;
_entity_poly.pdbx_strand_id                 A 
_entity_poly.pdbx_target_identifier         ? 
# 
loop_
_entity_poly_seq.entity_id 
_entity_poly_seq.num 
_entity_poly_seq.mon_id 
_entity_poly_seq.hetero 
1 1   MET n 
1 2   ARG n 
1 3   THR n 
1 4   LYS n 
1 5   LYS n 
1 6   GLN n 
1 7   LYS n 
1 8   ARG n 
1 9   ASN n 
1 10  LEU n 
1 11  PRO n 
1 12  ARG n 
1 13  VAL n 
1 14  PHE n 
1 15  PHE n 
1 16  ASP n 
1 17  ILE n 
1 18  ARG n 
1 19  ILE n 
1 20  GLY n 
1 21  ASN n 
1 22  GLY n 
1 23  ASP n 
1 24  ALA n 
1 25  GLY n 
1 26  ARG n 
1 27  ILE n 
1 28  VAL n 
1 29  MET n 
1 30  GLU n 
1 31  LEU n 
1 32  ARG n 
1 33  SER n 
1 34  ASP n 
1 35  ILE n 
1 36  VAL n 
1 37  PRO n 
1 38  ARG n 
1 39  THR n 
1 40  ALA n 
1 41  GLU n 
1 42  ASN n 
1 43  PHE n 
1 44  ARG n 
1 45  ALA n 
1 46  LEU n 
1 47  CYS n 
1 48  THR n 
1 49  GLY n 
1 50  GLU n 
1 51  ARG n 
1 52  GLY n 
1 53  PHE n 
1 54  GLY n 
1 55  TYR n 
1 56  HIS n 
1 57  ASN n 
1 58  CYS n 
1 59  CYS n 
1 60  PHE n 
1 61  HIS n 
1 62  ARG n 
1 63  VAL n 
1 64  ILE n 
1 65  PRO n 
1 66  GLN n 
1 67  PHE n 
1 68  MET n 
1 69  CYS n 
1 70  GLN n 
1 71  GLY n 
1 72  GLY n 
1 73  ASP n 
1 74  PHE n 
1 75  VAL n 
1 76  LYS n 
1 77  GLY n 
1 78  ASP n 
1 79  GLY n 
1 80  THR n 
1 81  GLY n 
1 82  GLY n 
1 83  LYS n 
1 84  SER n 
1 85  ILE n 
1 86  TYR n 
1 87  GLY n 
1 88  ARG n 
1 89  LYS n 
1 90  PHE n 
1 91  ASP n 
1 92  ASP n 
1 93  GLU n 
1 94  ASN n 
1 95  PHE n 
1 96  GLN n 
1 97  LEU n 
1 98  ARG n 
1 99  HIS n 
1 100 GLU n 
1 101 GLY n 
1 102 PHE n 
1 103 GLY n 
1 104 VAL n 
1 105 LEU n 
1 106 SER n 
1 107 MET n 
1 108 ALA n 
1 109 ASN n 
1 110 SER n 
1 111 GLY n 
1 112 PRO n 
1 113 ASN n 
1 114 THR n 
1 115 ASN n 
1 116 GLY n 
1 117 SER n 
1 118 GLN n 
1 119 PHE n 
1 120 PHE n 
1 121 ILE n 
1 122 CYS n 
1 123 THR n 
1 124 THR n 
1 125 LYS n 
1 126 CYS n 
1 127 ASP n 
1 128 TRP n 
1 129 LEU n 
1 130 ASP n 
1 131 GLY n 
1 132 LYS n 
1 133 HIS n 
1 134 VAL n 
1 135 VAL n 
1 136 PHE n 
1 137 GLY n 
1 138 ARG n 
1 139 VAL n 
1 140 VAL n 
1 141 ASP n 
1 142 GLY n 
1 143 GLN n 
1 144 ASN n 
1 145 VAL n 
1 146 VAL n 
1 147 LYS n 
1 148 LYS n 
1 149 MET n 
1 150 GLU n 
1 151 SER n 
1 152 VAL n 
1 153 GLY n 
1 154 SER n 
1 155 LYS n 
1 156 SER n 
1 157 GLY n 
1 158 LYS n 
1 159 VAL n 
1 160 LYS n 
1 161 GLU n 
1 162 PRO n 
1 163 VAL n 
1 164 ILE n 
1 165 ILE n 
1 166 SER n 
1 167 ARG n 
1 168 CYS n 
1 169 GLY n 
1 170 GLU n 
1 171 LEU n 
1 172 ILE n 
# 
_entity_src_gen.entity_id                          1 
_entity_src_gen.pdbx_src_id                        1 
_entity_src_gen.pdbx_alt_source_flag               sample 
_entity_src_gen.pdbx_seq_type                      ? 
_entity_src_gen.pdbx_beg_seq_num                   ? 
_entity_src_gen.pdbx_end_seq_num                   ? 
_entity_src_gen.gene_src_common_name               'BLOOD FLUKE' 
_entity_src_gen.gene_src_genus                     ? 
_entity_src_gen.pdbx_gene_src_gene                 ? 
_entity_src_gen.gene_src_species                   ? 
_entity_src_gen.gene_src_strain                    ? 
_entity_src_gen.gene_src_tissue                    ? 
_entity_src_gen.gene_src_tissue_fraction           ? 
_entity_src_gen.gene_src_details                   ? 
_entity_src_gen.pdbx_gene_src_fragment             ? 
_entity_src_gen.pdbx_gene_src_scientific_name      'SCHISTOSOMA MANSONI' 
_entity_src_gen.pdbx_gene_src_ncbi_taxonomy_id     6183 
_entity_src_gen.pdbx_gene_src_variant              ? 
_entity_src_gen.pdbx_gene_src_cell_line            ? 
_entity_src_gen.pdbx_gene_src_atcc                 ? 
_entity_src_gen.pdbx_gene_src_organ                ? 
_entity_src_gen.pdbx_gene_src_organelle            ? 
_entity_src_gen.pdbx_gene_src_cell                 ? 
_entity_src_gen.pdbx_gene_src_cellular_location    ? 
_entity_src_gen.host_org_common_name               ? 
_entity_src_gen.pdbx_host_org_scientific_name      'ESCHERICHIA COLI' 
_entity_src_gen.pdbx_host_org_ncbi_taxonomy_id     469008 
_entity_src_gen.host_org_genus                     ? 
_entity_src_gen.pdbx_host_org_gene                 ? 
_entity_src_gen.pdbx_host_org_organ                ? 
_entity_src_gen.host_org_species                   ? 
_entity_src_gen.pdbx_host_org_tissue               ? 
_entity_src_gen.pdbx_host_org_tissue_fraction      ? 
_entity_src_gen.pdbx_host_org_strain               'BL21(DE3)' 
_entity_src_gen.pdbx_host_org_variant              ? 
_entity_src_gen.pdbx_host_org_cell_line            ? 
_entity_src_gen.pdbx_host_org_atcc                 ? 
_entity_src_gen.pdbx_host_org_culture_collection   ? 
_entity_src_gen.pdbx_host_org_cell                 ? 
_entity_src_gen.pdbx_host_org_organelle            ? 
_entity_src_gen.pdbx_host_org_cellular_location    ? 
_entity_src_gen.pdbx_host_org_vector_type          ? 
_entity_src_gen.pdbx_host_org_vector               ? 
_entity_src_gen.host_org_details                   ? 
_entity_src_gen.expression_system_id               ? 
_entity_src_gen.plasmid_name                       PGEX4T-1 
_entity_src_gen.plasmid_details                    ? 
_entity_src_gen.pdbx_description                   ? 
# 
_struct_ref.id                         1 
_struct_ref.db_name                    UNP 
_struct_ref.db_code                    PPIE_SCHMA 
_struct_ref.entity_id                  1 
_struct_ref.pdbx_seq_one_letter_code   ? 
_struct_ref.pdbx_align_begin           ? 
_struct_ref.pdbx_db_accession          Q26548 
_struct_ref.pdbx_db_isoform            ? 
# 
_struct_ref_seq.align_id                      1 
_struct_ref_seq.ref_id                        1 
_struct_ref_seq.pdbx_PDB_id_code              2CMT 
_struct_ref_seq.pdbx_strand_id                A 
_struct_ref_seq.seq_align_beg                 1 
_struct_ref_seq.pdbx_seq_align_beg_ins_code   ? 
_struct_ref_seq.seq_align_end                 172 
_struct_ref_seq.pdbx_seq_align_end_ins_code   ? 
_struct_ref_seq.pdbx_db_accession             Q26548 
_struct_ref_seq.db_align_beg                  102 
_struct_ref_seq.pdbx_db_align_beg_ins_code    ? 
_struct_ref_seq.db_align_end                  273 
_struct_ref_seq.pdbx_db_align_end_ins_code    ? 
_struct_ref_seq.pdbx_auth_seq_align_beg       1 
_struct_ref_seq.pdbx_auth_seq_align_end       172 
# 
loop_
_chem_comp.id 
_chem_comp.type 
_chem_comp.mon_nstd_flag 
_chem_comp.name 
_chem_comp.pdbx_synonyms 
_chem_comp.formula 
_chem_comp.formula_weight 
ACT non-polymer         . 'ACETATE ION'   ? 'C2 H3 O2 -1'    59.044  
ALA 'L-peptide linking' y ALANINE         ? 'C3 H7 N O2'     89.093  
ARG 'L-peptide linking' y ARGININE        ? 'C6 H15 N4 O2 1' 175.209 
ASN 'L-peptide linking' y ASPARAGINE      ? 'C4 H8 N2 O3'    132.118 
ASP 'L-peptide linking' y 'ASPARTIC ACID' ? 'C4 H7 N O4'     133.103 
CYS 'L-peptide linking' y CYSTEINE        ? 'C3 H7 N O2 S'   121.158 
GLN 'L-peptide linking' y GLUTAMINE       ? 'C5 H10 N2 O3'   146.144 
GLU 'L-peptide linking' y 'GLUTAMIC ACID' ? 'C5 H9 N O4'     147.129 
GLY 'peptide linking'   y GLYCINE         ? 'C2 H5 N O2'     75.067  
HIS 'L-peptide linking' y HISTIDINE       ? 'C6 H10 N3 O2 1' 156.162 
HOH non-polymer         . WATER           ? 'H2 O'           18.015  
ILE 'L-peptide linking' y ISOLEUCINE      ? 'C6 H13 N O2'    131.173 
LEU 'L-peptide linking' y LEUCINE         ? 'C6 H13 N O2'    131.173 
LYS 'L-peptide linking' y LYSINE          ? 'C6 H15 N2 O2 1' 147.195 
MET 'L-peptide linking' y METHIONINE      ? 'C5 H11 N O2 S'  149.211 
PHE 'L-peptide linking' y PHENYLALANINE   ? 'C9 H11 N O2'    165.189 
PRO 'L-peptide linking' y PROLINE         ? 'C5 H9 N O2'     115.130 
SER 'L-peptide linking' y SERINE          ? 'C3 H7 N O3'     105.093 
THR 'L-peptide linking' y THREONINE       ? 'C4 H9 N O3'     119.119 
TRP 'L-peptide linking' y TRYPTOPHAN      ? 'C11 H12 N2 O2'  204.225 
TYR 'L-peptide linking' y TYROSINE        ? 'C9 H11 N O3'    181.189 
VAL 'L-peptide linking' y VALINE          ? 'C5 H11 N O2'    117.146 
# 
_exptl.entry_id          2CMT 
_exptl.method            'X-RAY DIFFRACTION' 
_exptl.crystals_number   1 
# 
_exptl_crystal.id                    1 
_exptl_crystal.density_meas          ? 
_exptl_crystal.density_Matthews      2 
_exptl_crystal.density_percent_sol   38.6 
_exptl_crystal.description           ? 
# 
_exptl_crystal_grow.crystal_id      1 
_exptl_crystal_grow.method          ? 
_exptl_crystal_grow.temp            ? 
_exptl_crystal_grow.temp_details    ? 
_exptl_crystal_grow.pH              5.50 
_exptl_crystal_grow.pdbx_pH_range   ? 
_exptl_crystal_grow.pdbx_details    '0.1M IMIDAZOLE/MALATE PH 5.5, 20 % PEG 600' 
# 
_diffrn.id                     1 
_diffrn.ambient_temp           287.0 
_diffrn.ambient_temp_details   ? 
_diffrn.crystal_id             1 
# 
_diffrn_detector.diffrn_id              1 
_diffrn_detector.detector               CCD 
_diffrn_detector.type                   'ADSC CCD' 
_diffrn_detector.pdbx_collection_date   2006-04-24 
_diffrn_detector.details                ? 
# 
_diffrn_radiation.diffrn_id                        1 
_diffrn_radiation.wavelength_id                    1 
_diffrn_radiation.pdbx_monochromatic_or_laue_m_l   M 
_diffrn_radiation.monochromator                    ? 
_diffrn_radiation.pdbx_diffrn_protocol             'SINGLE WAVELENGTH' 
_diffrn_radiation.pdbx_scattering_type             x-ray 
# 
_diffrn_radiation_wavelength.id           1 
_diffrn_radiation_wavelength.wavelength   0.939 
_diffrn_radiation_wavelength.wt           1.0 
# 
_diffrn_source.diffrn_id                   1 
_diffrn_source.source                      SYNCHROTRON 
_diffrn_source.type                        'ESRF BEAMLINE ID14-4' 
_diffrn_source.pdbx_synchrotron_site       ESRF 
_diffrn_source.pdbx_synchrotron_beamline   ID14-4 
_diffrn_source.pdbx_wavelength             0.939 
_diffrn_source.pdbx_wavelength_list        ? 
# 
_reflns.pdbx_diffrn_id               1 
_reflns.pdbx_ordinal                 1 
_reflns.entry_id                     2CMT 
_reflns.observed_criterion_sigma_I   2.000 
_reflns.observed_criterion_sigma_F   ? 
_reflns.d_resolution_low             62.020 
_reflns.d_resolution_high            1.500 
_reflns.number_obs                   23994 
_reflns.number_all                   ? 
_reflns.percent_possible_obs         99.9 
_reflns.pdbx_Rmerge_I_obs            0.06000 
_reflns.pdbx_Rsym_value              ? 
_reflns.pdbx_netI_over_sigmaI        7.2100 
_reflns.B_iso_Wilson_estimate        ? 
_reflns.pdbx_redundancy              13.600 
# 
_reflns_shell.pdbx_diffrn_id         1 
_reflns_shell.pdbx_ordinal           1 
_reflns_shell.d_res_high             1.50 
_reflns_shell.d_res_low              1.58 
_reflns_shell.percent_possible_all   100.0 
_reflns_shell.Rmerge_I_obs           0.17000 
_reflns_shell.pdbx_Rsym_value        ? 
_reflns_shell.meanI_over_sigI_obs    ? 
_reflns_shell.pdbx_redundancy        14.00 
# 
_refine.pdbx_refine_id                           'X-RAY DIFFRACTION' 
_refine.entry_id                                 2CMT 
_refine.pdbx_diffrn_id                           1 
_refine.pdbx_TLS_residual_ADP_flag               ? 
_refine.ls_number_reflns_obs                     22715 
_refine.ls_number_reflns_all                     ? 
_refine.pdbx_ls_sigma_I                          ? 
_refine.pdbx_ls_sigma_F                          ? 
_refine.pdbx_data_cutoff_high_absF               ? 
_refine.pdbx_data_cutoff_low_absF                ? 
_refine.pdbx_data_cutoff_high_rms_absF           ? 
_refine.ls_d_res_low                             42.80 
_refine.ls_d_res_high                            1.50 
_refine.ls_percent_reflns_obs                    99.8 
_refine.ls_R_factor_obs                          0.184 
_refine.ls_R_factor_all                          ? 
_refine.ls_R_factor_R_work                       0.182 
_refine.ls_R_factor_R_free                       0.205 
_refine.ls_R_factor_R_free_error                 ? 
_refine.ls_R_factor_R_free_error_details         ? 
_refine.ls_percent_reflns_R_free                 5.100 
_refine.ls_number_reflns_R_free                  1226 
_refine.ls_number_parameters                     ? 
_refine.ls_number_restraints                     ? 
_refine.occupancy_min                            ? 
_refine.occupancy_max                            ? 
_refine.correlation_coeff_Fo_to_Fc               0.951 
_refine.correlation_coeff_Fo_to_Fc_free          0.941 
_refine.B_iso_mean                               8.85 
_refine.aniso_B[1][1]                            0.56000 
_refine.aniso_B[2][2]                            -0.30000 
_refine.aniso_B[3][3]                            -0.27000 
_refine.aniso_B[1][2]                            0.00000 
_refine.aniso_B[1][3]                            0.00000 
_refine.aniso_B[2][3]                            0.00000 
_refine.solvent_model_details                    MASK 
_refine.solvent_model_param_ksol                 ? 
_refine.solvent_model_param_bsol                 ? 
_refine.pdbx_solvent_vdw_probe_radii             1.20 
_refine.pdbx_solvent_ion_probe_radii             0.80 
_refine.pdbx_solvent_shrinkage_radii             0.80 
_refine.pdbx_ls_cross_valid_method               THROUGHOUT 
_refine.details                                  'HYDROGENS HAVE BEEN ADDED IN THE RIDING POSITIONS.' 
_refine.pdbx_starting_model                      'PDB ENTRY 1ZMF' 
_refine.pdbx_method_to_determine_struct          'MOLECULAR REPLACEMENT' 
_refine.pdbx_isotropic_thermal_model             ? 
_refine.pdbx_stereochemistry_target_values       'MAXIMUM LIKELIHOOD' 
_refine.pdbx_stereochem_target_val_spec_case     ? 
_refine.pdbx_R_Free_selection_details            RANDOM 
_refine.pdbx_overall_ESU_R                       0.080 
_refine.pdbx_overall_ESU_R_Free                  0.078 
_refine.overall_SU_ML                            0.044 
_refine.pdbx_overall_phase_error                 ? 
_refine.overall_SU_B                             1.120 
_refine.overall_SU_R_Cruickshank_DPI             ? 
_refine.pdbx_overall_SU_R_free_Cruickshank_DPI   ? 
_refine.pdbx_overall_SU_R_Blow_DPI               ? 
_refine.pdbx_overall_SU_R_free_Blow_DPI          ? 
# 
_refine_hist.pdbx_refine_id                   'X-RAY DIFFRACTION' 
_refine_hist.cycle_id                         LAST 
_refine_hist.pdbx_number_atoms_protein        1271 
_refine_hist.pdbx_number_atoms_nucleic_acid   0 
_refine_hist.pdbx_number_atoms_ligand         4 
_refine_hist.number_atoms_solvent             100 
_refine_hist.number_atoms_total               1375 
_refine_hist.d_res_high                       1.50 
_refine_hist.d_res_low                        42.80 
# 
loop_
_refine_ls_restr.type 
_refine_ls_restr.dev_ideal 
_refine_ls_restr.dev_ideal_target 
_refine_ls_restr.weight 
_refine_ls_restr.number 
_refine_ls_restr.pdbx_refine_id 
_refine_ls_restr.pdbx_restraint_function 
r_bond_refined_d             0.005  0.022  ? 1338 'X-RAY DIFFRACTION' ? 
r_bond_other_d               0.001  0.020  ? 1201 'X-RAY DIFFRACTION' ? 
r_angle_refined_deg          0.985  1.946  ? 1807 'X-RAY DIFFRACTION' ? 
r_angle_other_deg            0.713  3.000  ? 2804 'X-RAY DIFFRACTION' ? 
r_dihedral_angle_1_deg       5.382  5.000  ? 178  'X-RAY DIFFRACTION' ? 
r_dihedral_angle_2_deg       30.930 23.231 ? 65   'X-RAY DIFFRACTION' ? 
r_dihedral_angle_3_deg       9.953  15.000 ? 233  'X-RAY DIFFRACTION' ? 
r_dihedral_angle_4_deg       11.902 15.000 ? 12   'X-RAY DIFFRACTION' ? 
r_chiral_restr               0.064  0.200  ? 188  'X-RAY DIFFRACTION' ? 
r_gen_planes_refined         0.002  0.020  ? 1544 'X-RAY DIFFRACTION' ? 
r_gen_planes_other           0.001  0.020  ? 299  'X-RAY DIFFRACTION' ? 
r_nbd_refined                0.187  0.200  ? 216  'X-RAY DIFFRACTION' ? 
r_nbd_other                  0.167  0.200  ? 1210 'X-RAY DIFFRACTION' ? 
r_nbtor_refined              0.170  0.200  ? 669  'X-RAY DIFFRACTION' ? 
r_nbtor_other                0.077  0.200  ? 802  'X-RAY DIFFRACTION' ? 
r_xyhbond_nbd_refined        0.073  0.200  ? 66   'X-RAY DIFFRACTION' ? 
r_xyhbond_nbd_other          ?      ?      ? ?    'X-RAY DIFFRACTION' ? 
r_metal_ion_refined          ?      ?      ? ?    'X-RAY DIFFRACTION' ? 
r_metal_ion_other            ?      ?      ? ?    'X-RAY DIFFRACTION' ? 
r_symmetry_vdw_refined       0.081  0.200  ? 9    'X-RAY DIFFRACTION' ? 
r_symmetry_vdw_other         0.217  0.200  ? 50   'X-RAY DIFFRACTION' ? 
r_symmetry_hbond_refined     0.098  0.200  ? 13   'X-RAY DIFFRACTION' ? 
r_symmetry_hbond_other       ?      ?      ? ?    'X-RAY DIFFRACTION' ? 
r_symmetry_metal_ion_refined ?      ?      ? ?    'X-RAY DIFFRACTION' ? 
r_symmetry_metal_ion_other   ?      ?      ? ?    'X-RAY DIFFRACTION' ? 
r_mcbond_it                  0.444  1.500  ? 1082 'X-RAY DIFFRACTION' ? 
r_mcbond_other               ?      ?      ? ?    'X-RAY DIFFRACTION' ? 
r_mcangle_it                 0.506  2.000  ? 1337 'X-RAY DIFFRACTION' ? 
r_mcangle_other              ?      ?      ? ?    'X-RAY DIFFRACTION' ? 
r_scbond_it                  0.816  3.000  ? 590  'X-RAY DIFFRACTION' ? 
r_scbond_other               ?      ?      ? ?    'X-RAY DIFFRACTION' ? 
r_scangle_it                 1.149  4.500  ? 462  'X-RAY DIFFRACTION' ? 
r_scangle_other              ?      ?      ? ?    'X-RAY DIFFRACTION' ? 
r_long_range_B_refined       ?      ?      ? ?    'X-RAY DIFFRACTION' ? 
r_long_range_B_other         ?      ?      ? ?    'X-RAY DIFFRACTION' ? 
r_rigid_bond_restr           ?      ?      ? ?    'X-RAY DIFFRACTION' ? 
r_sphericity_free            ?      ?      ? ?    'X-RAY DIFFRACTION' ? 
r_sphericity_bonded          ?      ?      ? ?    'X-RAY DIFFRACTION' ? 
# 
_refine_ls_shell.pdbx_refine_id                   'X-RAY DIFFRACTION' 
_refine_ls_shell.pdbx_total_number_of_bins_used   20 
_refine_ls_shell.d_res_high                       1.50 
_refine_ls_shell.d_res_low                        1.54 
_refine_ls_shell.number_reflns_R_work             1636 
_refine_ls_shell.R_factor_R_work                  0.1910 
_refine_ls_shell.percent_reflns_obs               ? 
_refine_ls_shell.R_factor_R_free                  0.2140 
_refine_ls_shell.R_factor_R_free_error            ? 
_refine_ls_shell.percent_reflns_R_free            ? 
_refine_ls_shell.number_reflns_R_free             94 
_refine_ls_shell.number_reflns_all                ? 
_refine_ls_shell.R_factor_all                     ? 
# 
_struct.entry_id                  2CMT 
_struct.title                     'The structure of reduced cyclophilin A from s. mansoni' 
_struct.pdbx_model_details        ? 
_struct.pdbx_CASP_flag            ? 
_struct.pdbx_model_type_details   ? 
# 
_struct_keywords.entry_id        2CMT 
_struct_keywords.pdbx_keywords   ISOMERASE 
_struct_keywords.text            
'ROTAMASE ACTIVITY, ROTAMASE, ISOMERASE, RNA-BINDING, CYCLOSPORIN, CYCLOPHILIN, SCHISTOSOMA, BETA-BARREL' 
# 
loop_
_struct_asym.id 
_struct_asym.pdbx_blank_PDB_chainid_flag 
_struct_asym.pdbx_modified 
_struct_asym.entity_id 
_struct_asym.details 
A N N 1 ? 
B N N 2 ? 
C N N 3 ? 
# 
_struct_biol.id   1 
# 
loop_
_struct_conf.conf_type_id 
_struct_conf.id 
_struct_conf.pdbx_PDB_helix_id 
_struct_conf.beg_label_comp_id 
_struct_conf.beg_label_asym_id 
_struct_conf.beg_label_seq_id 
_struct_conf.pdbx_beg_PDB_ins_code 
_struct_conf.end_label_comp_id 
_struct_conf.end_label_asym_id 
_struct_conf.end_label_seq_id 
_struct_conf.pdbx_end_PDB_ins_code 
_struct_conf.beg_auth_comp_id 
_struct_conf.beg_auth_asym_id 
_struct_conf.beg_auth_seq_id 
_struct_conf.end_auth_comp_id 
_struct_conf.end_auth_asym_id 
_struct_conf.end_auth_seq_id 
_struct_conf.pdbx_PDB_helix_class 
_struct_conf.details 
_struct_conf.pdbx_PDB_helix_length 
HELX_P HELX_P1 1 VAL A 36  ? GLY A 49  ? VAL A 36  GLY A 49  1 ? 14 
HELX_P HELX_P2 2 CYS A 126 ? ASP A 130 ? CYS A 126 ASP A 130 5 ? 5  
HELX_P HELX_P3 3 GLY A 142 ? MET A 149 ? GLY A 142 MET A 149 1 ? 8  
HELX_P HELX_P4 4 GLU A 150 ? GLY A 153 ? GLU A 150 GLY A 153 5 ? 4  
# 
_struct_conf_type.id          HELX_P 
_struct_conf_type.criteria    ? 
_struct_conf_type.reference   ? 
# 
_struct_sheet.id               AA 
_struct_sheet.type             ? 
_struct_sheet.number_strands   8 
_struct_sheet.details          ? 
# 
loop_
_struct_sheet_order.sheet_id 
_struct_sheet_order.range_id_1 
_struct_sheet_order.range_id_2 
_struct_sheet_order.offset 
_struct_sheet_order.sense 
AA 1 2 ? anti-parallel 
AA 2 3 ? anti-parallel 
AA 3 4 ? anti-parallel 
AA 4 5 ? anti-parallel 
AA 5 6 ? anti-parallel 
AA 6 7 ? anti-parallel 
AA 7 8 ? anti-parallel 
# 
loop_
_struct_sheet_range.sheet_id 
_struct_sheet_range.id 
_struct_sheet_range.beg_label_comp_id 
_struct_sheet_range.beg_label_asym_id 
_struct_sheet_range.beg_label_seq_id 
_struct_sheet_range.pdbx_beg_PDB_ins_code 
_struct_sheet_range.end_label_comp_id 
_struct_sheet_range.end_label_asym_id 
_struct_sheet_range.end_label_seq_id 
_struct_sheet_range.pdbx_end_PDB_ins_code 
_struct_sheet_range.beg_auth_comp_id 
_struct_sheet_range.beg_auth_asym_id 
_struct_sheet_range.beg_auth_seq_id 
_struct_sheet_range.end_auth_comp_id 
_struct_sheet_range.end_auth_asym_id 
_struct_sheet_range.end_auth_seq_id 
AA 1 PHE A 60  ? ILE A 64  ? PHE A 60  ILE A 64  
AA 2 MET A 68  ? GLY A 71  ? MET A 68  GLY A 71  
AA 3 PHE A 119 ? CYS A 122 ? PHE A 119 CYS A 122 
AA 4 VAL A 104 ? MET A 107 ? VAL A 104 MET A 107 
AA 5 VAL A 135 ? ASP A 141 ? VAL A 135 ASP A 141 
AA 6 GLY A 22  ? LEU A 31  ? GLY A 22  LEU A 31  
AA 7 ARG A 12  ? ILE A 19  ? ARG A 12  ILE A 19  
AA 8 VAL A 163 ? LEU A 171 ? VAL A 163 LEU A 171 
# 
loop_
_pdbx_struct_sheet_hbond.sheet_id 
_pdbx_struct_sheet_hbond.range_id_1 
_pdbx_struct_sheet_hbond.range_id_2 
_pdbx_struct_sheet_hbond.range_1_label_atom_id 
_pdbx_struct_sheet_hbond.range_1_label_comp_id 
_pdbx_struct_sheet_hbond.range_1_label_asym_id 
_pdbx_struct_sheet_hbond.range_1_label_seq_id 
_pdbx_struct_sheet_hbond.range_1_PDB_ins_code 
_pdbx_struct_sheet_hbond.range_1_auth_atom_id 
_pdbx_struct_sheet_hbond.range_1_auth_comp_id 
_pdbx_struct_sheet_hbond.range_1_auth_asym_id 
_pdbx_struct_sheet_hbond.range_1_auth_seq_id 
_pdbx_struct_sheet_hbond.range_2_label_atom_id 
_pdbx_struct_sheet_hbond.range_2_label_comp_id 
_pdbx_struct_sheet_hbond.range_2_label_asym_id 
_pdbx_struct_sheet_hbond.range_2_label_seq_id 
_pdbx_struct_sheet_hbond.range_2_PDB_ins_code 
_pdbx_struct_sheet_hbond.range_2_auth_atom_id 
_pdbx_struct_sheet_hbond.range_2_auth_comp_id 
_pdbx_struct_sheet_hbond.range_2_auth_asym_id 
_pdbx_struct_sheet_hbond.range_2_auth_seq_id 
AA 1 2 N ILE A 64  ? N ILE A 64  O MET A 68  ? O MET A 68  
AA 2 3 N GLY A 71  ? N GLY A 71  O PHE A 119 ? O PHE A 119 
AA 3 4 N CYS A 122 ? N CYS A 122 O VAL A 104 ? O VAL A 104 
AA 4 5 O LEU A 105 ? O LEU A 105 N PHE A 136 ? N PHE A 136 
AA 5 6 N VAL A 140 ? N VAL A 140 O VAL A 28  ? O VAL A 28  
AA 6 7 N MET A 29  ? N MET A 29  O VAL A 13  ? O VAL A 13  
AA 7 8 N ARG A 18  ? N ARG A 18  O ILE A 164 ? O ILE A 164 
# 
_struct_site.id                   AC1 
_struct_site.pdbx_evidence_code   Software 
_struct_site.pdbx_auth_asym_id    ? 
_struct_site.pdbx_auth_comp_id    ? 
_struct_site.pdbx_auth_seq_id     ? 
_struct_site.pdbx_auth_ins_code   ? 
_struct_site.pdbx_num_residues    3 
_struct_site.details              'BINDING SITE FOR RESIDUE ACT A1210' 
# 
loop_
_struct_site_gen.id 
_struct_site_gen.site_id 
_struct_site_gen.pdbx_num_res 
_struct_site_gen.label_comp_id 
_struct_site_gen.label_asym_id 
_struct_site_gen.label_seq_id 
_struct_site_gen.pdbx_auth_ins_code 
_struct_site_gen.auth_comp_id 
_struct_site_gen.auth_asym_id 
_struct_site_gen.auth_seq_id 
_struct_site_gen.label_atom_id 
_struct_site_gen.label_alt_id 
_struct_site_gen.symmetry 
_struct_site_gen.details 
1 AC1 3 PRO A 112 ? PRO A 112  . ? 1_555 ? 
2 AC1 3 LYS A 147 ? LYS A 147  . ? 1_555 ? 
3 AC1 3 HOH C .   ? HOH A 2100 . ? 1_555 ? 
# 
_atom_sites.entry_id                    2CMT 
_atom_sites.fract_transf_matrix[1][1]   -0.01171448 
_atom_sites.fract_transf_matrix[1][2]   -0.01998090 
_atom_sites.fract_transf_matrix[1][3]   0.00997406 
_atom_sites.fract_transf_matrix[2][1]   -0.01495502 
_atom_sites.fract_transf_matrix[2][2]   0.00706518 
_atom_sites.fract_transf_matrix[2][3]   -0.00341101 
_atom_sites.fract_transf_matrix[3][1]   -0.00008777 
_atom_sites.fract_transf_matrix[3][2]   -0.00717526 
_atom_sites.fract_transf_matrix[3][3]   -0.01447719 
_atom_sites.fract_transf_vector[1]      0.309988 
_atom_sites.fract_transf_vector[2]      0.065871 
_atom_sites.fract_transf_vector[3]      0.149224 
# 
loop_
_atom_type.symbol 
C 
N 
O 
S 
# 
loop_
_atom_site.group_PDB 
_atom_site.id 
_atom_site.type_symbol 
_atom_site.label_atom_id 
_atom_site.label_alt_id 
_atom_site.label_comp_id 
_atom_site.label_asym_id 
_atom_site.label_entity_id 
_atom_site.label_seq_id 
_atom_site.pdbx_PDB_ins_code 
_atom_site.Cartn_x 
_atom_site.Cartn_y 
_atom_site.Cartn_z 
_atom_site.occupancy 
_atom_site.B_iso_or_equiv 
_atom_site.pdbx_formal_charge 
_atom_site.auth_seq_id 
_atom_site.auth_comp_id 
_atom_site.auth_asym_id 
_atom_site.auth_atom_id 
_atom_site.pdbx_PDB_model_num 
ATOM   1    N N   . ASN A 1 9   ? 0.823   -3.983  20.834  0.30 13.17 ? 9    ASN A N   1 
ATOM   2    C CA  . ASN A 1 9   ? -0.451  -3.909  20.058  1.00 13.10 ? 9    ASN A CA  1 
ATOM   3    C C   . ASN A 1 9   ? -0.200  -3.559  18.594  1.00 12.86 ? 9    ASN A C   1 
ATOM   4    O O   . ASN A 1 9   ? 0.683   -2.757  18.281  0.30 12.78 ? 9    ASN A O   1 
ATOM   5    C CB  . ASN A 1 9   ? -1.401  -2.890  20.687  1.00 13.47 ? 9    ASN A CB  1 
ATOM   6    C CG  . ASN A 1 9   ? -1.870  -3.306  22.069  0.30 13.49 ? 9    ASN A CG  1 
ATOM   7    O OD1 . ASN A 1 9   ? -2.463  -4.372  22.242  0.30 14.11 ? 9    ASN A OD1 1 
ATOM   8    N ND2 . ASN A 1 9   ? -1.609  -2.463  23.061  0.30 13.87 ? 9    ASN A ND2 1 
ATOM   9    N N   . LEU A 1 10  ? -0.992  -4.160  17.707  1.00 12.41 ? 10   LEU A N   1 
ATOM   10   C CA  . LEU A 1 10  ? -0.799  -4.017  16.265  1.00 11.87 ? 10   LEU A CA  1 
ATOM   11   C C   . LEU A 1 10  ? -1.291  -2.652  15.778  1.00 11.40 ? 10   LEU A C   1 
ATOM   12   O O   . LEU A 1 10  ? -2.447  -2.293  16.023  1.00 11.62 ? 10   LEU A O   1 
ATOM   13   C CB  . LEU A 1 10  ? -1.532  -5.129  15.513  1.00 11.90 ? 10   LEU A CB  1 
ATOM   14   C CG  . LEU A 1 10  ? -1.173  -6.565  15.910  1.00 12.13 ? 10   LEU A CG  1 
ATOM   15   C CD1 . LEU A 1 10  ? -1.820  -7.552  14.950  1.00 12.38 ? 10   LEU A CD1 1 
ATOM   16   C CD2 . LEU A 1 10  ? 0.331   -6.771  15.958  1.00 12.46 ? 10   LEU A CD2 1 
ATOM   17   N N   . PRO A 1 11  ? -0.416  -1.888  15.091  1.00 10.84 ? 11   PRO A N   1 
ATOM   18   C CA  . PRO A 1 11  ? -0.798  -0.574  14.574  1.00 10.44 ? 11   PRO A CA  1 
ATOM   19   C C   . PRO A 1 11  ? -2.021  -0.605  13.664  1.00 10.09 ? 11   PRO A C   1 
ATOM   20   O O   . PRO A 1 11  ? -2.183  -1.527  12.866  1.00 9.73  ? 11   PRO A O   1 
ATOM   21   C CB  . PRO A 1 11  ? 0.431   -0.135  13.769  1.00 10.51 ? 11   PRO A CB  1 
ATOM   22   C CG  . PRO A 1 11  ? 1.555   -0.892  14.335  1.00 10.80 ? 11   PRO A CG  1 
ATOM   23   C CD  . PRO A 1 11  ? 0.992   -2.200  14.782  1.00 10.85 ? 11   PRO A CD  1 
ATOM   24   N N   . ARG A 1 12  ? -2.860  0.414   13.804  1.00 9.52  ? 12   ARG A N   1 
ATOM   25   C CA  . ARG A 1 12  ? -4.042  0.603   12.982  1.00 9.23  ? 12   ARG A CA  1 
ATOM   26   C C   . ARG A 1 12  ? -3.857  1.928   12.256  1.00 8.57  ? 12   ARG A C   1 
ATOM   27   O O   . ARG A 1 12  ? -3.752  2.970   12.895  1.00 8.40  ? 12   ARG A O   1 
ATOM   28   C CB  . ARG A 1 12  ? -5.273  0.648   13.884  1.00 9.55  ? 12   ARG A CB  1 
ATOM   29   C CG  . ARG A 1 12  ? -6.622  0.770   13.198  1.00 10.11 ? 12   ARG A CG  1 
ATOM   30   C CD  . ARG A 1 12  ? -7.702  0.827   14.278  0.60 10.37 ? 12   ARG A CD  1 
ATOM   31   N NE  . ARG A 1 12  ? -9.045  1.109   13.774  0.60 11.20 ? 12   ARG A NE  1 
ATOM   32   C CZ  . ARG A 1 12  ? -9.918  0.194   13.354  0.60 12.03 ? 12   ARG A CZ  1 
ATOM   33   N NH1 . ARG A 1 12  ? -9.610  -1.100  13.341  0.60 12.52 ? 12   ARG A NH1 1 
ATOM   34   N NH2 . ARG A 1 12  ? -11.118 0.582   12.933  1.00 13.43 ? 12   ARG A NH2 1 
ATOM   35   N N   . VAL A 1 13  ? -3.791  1.888   10.928  1.00 7.77  ? 13   VAL A N   1 
ATOM   36   C CA  . VAL A 1 13  ? -3.548  3.093   10.134  1.00 7.53  ? 13   VAL A CA  1 
ATOM   37   C C   . VAL A 1 13  ? -4.622  3.255   9.071   1.00 7.15  ? 13   VAL A C   1 
ATOM   38   O O   . VAL A 1 13  ? -5.378  2.323   8.809   1.00 6.99  ? 13   VAL A O   1 
ATOM   39   C CB  . VAL A 1 13  ? -2.141  3.081   9.487   1.00 7.32  ? 13   VAL A CB  1 
ATOM   40   C CG1 . VAL A 1 13  ? -1.068  3.100   10.566  1.00 7.19  ? 13   VAL A CG1 1 
ATOM   41   C CG2 . VAL A 1 13  ? -1.951  1.873   8.566   1.00 7.39  ? 13   VAL A CG2 1 
ATOM   42   N N   . PHE A 1 14  ? -4.693  4.437   8.464   1.00 6.93  ? 14   PHE A N   1 
ATOM   43   C CA  . PHE A 1 14  ? -5.756  4.723   7.502   1.00 7.11  ? 14   PHE A CA  1 
ATOM   44   C C   . PHE A 1 14  ? -5.310  5.582   6.328   1.00 6.89  ? 14   PHE A C   1 
ATOM   45   O O   . PHE A 1 14  ? -4.360  6.361   6.435   1.00 6.66  ? 14   PHE A O   1 
ATOM   46   C CB  . PHE A 1 14  ? -6.944  5.401   8.204   1.00 7.18  ? 14   PHE A CB  1 
ATOM   47   C CG  . PHE A 1 14  ? -6.712  6.855   8.533   1.00 7.34  ? 14   PHE A CG  1 
ATOM   48   C CD1 . PHE A 1 14  ? -6.129  7.227   9.735   1.00 7.42  ? 14   PHE A CD1 1 
ATOM   49   C CD2 . PHE A 1 14  ? -7.078  7.851   7.637   1.00 7.46  ? 14   PHE A CD2 1 
ATOM   50   C CE1 . PHE A 1 14  ? -5.917  8.567   10.038  1.00 7.53  ? 14   PHE A CE1 1 
ATOM   51   C CE2 . PHE A 1 14  ? -6.864  9.188   7.928   1.00 8.00  ? 14   PHE A CE2 1 
ATOM   52   C CZ  . PHE A 1 14  ? -6.279  9.547   9.130   1.00 7.83  ? 14   PHE A CZ  1 
ATOM   53   N N   . PHE A 1 15  ? -6.014  5.405   5.209   1.00 6.84  ? 15   PHE A N   1 
ATOM   54   C CA  . PHE A 1 15  ? -5.983  6.320   4.075   1.00 7.05  ? 15   PHE A CA  1 
ATOM   55   C C   . PHE A 1 15  ? -7.396  6.837   3.856   1.00 7.15  ? 15   PHE A C   1 
ATOM   56   O O   . PHE A 1 15  ? -8.334  6.042   3.796   1.00 7.09  ? 15   PHE A O   1 
ATOM   57   C CB  . PHE A 1 15  ? -5.603  5.611   2.768   1.00 7.10  ? 15   PHE A CB  1 
ATOM   58   C CG  . PHE A 1 15  ? -4.226  4.998   2.734   1.00 6.82  ? 15   PHE A CG  1 
ATOM   59   C CD1 . PHE A 1 15  ? -3.999  3.883   1.937   1.00 7.05  ? 15   PHE A CD1 1 
ATOM   60   C CD2 . PHE A 1 15  ? -3.157  5.527   3.448   1.00 6.95  ? 15   PHE A CD2 1 
ATOM   61   C CE1 . PHE A 1 15  ? -2.749  3.303   1.858   1.00 7.05  ? 15   PHE A CE1 1 
ATOM   62   C CE2 . PHE A 1 15  ? -1.897  4.944   3.371   1.00 6.96  ? 15   PHE A CE2 1 
ATOM   63   C CZ  . PHE A 1 15  ? -1.696  3.832   2.574   1.00 6.95  ? 15   PHE A CZ  1 
ATOM   64   N N   . ASP A 1 16  ? -7.541  8.150   3.707   1.00 7.25  ? 16   ASP A N   1 
ATOM   65   C CA  . ASP A 1 16  ? -8.740  8.732   3.109   1.00 7.58  ? 16   ASP A CA  1 
ATOM   66   C C   . ASP A 1 16  ? -8.473  8.900   1.621   1.00 7.78  ? 16   ASP A C   1 
ATOM   67   O O   . ASP A 1 16  ? -7.483  9.514   1.233   1.00 8.21  ? 16   ASP A O   1 
ATOM   68   C CB  . ASP A 1 16  ? -9.073  10.083  3.737   1.00 7.84  ? 16   ASP A CB  1 
ATOM   69   C CG  . ASP A 1 16  ? -9.647  9.951   5.126   0.50 8.14  ? 16   ASP A CG  1 
ATOM   70   O OD1 . ASP A 1 16  ? -10.377 8.972   5.385   1.00 10.24 ? 16   ASP A OD1 1 
ATOM   71   O OD2 . ASP A 1 16  ? -9.374  10.832  5.961   1.00 10.72 ? 16   ASP A OD2 1 
ATOM   72   N N   . ILE A 1 17  ? -9.362  8.350   0.798   1.00 7.83  ? 17   ILE A N   1 
ATOM   73   C CA  . ILE A 1 17  ? -9.151  8.261   -0.642  1.00 8.04  ? 17   ILE A CA  1 
ATOM   74   C C   . ILE A 1 17  ? -10.082 9.203   -1.399  1.00 8.16  ? 17   ILE A C   1 
ATOM   75   O O   . ILE A 1 17  ? -11.284 9.236   -1.141  1.00 8.25  ? 17   ILE A O   1 
ATOM   76   C CB  . ILE A 1 17  ? -9.400  6.814   -1.140  1.00 7.93  ? 17   ILE A CB  1 
ATOM   77   C CG1 . ILE A 1 17  ? -8.465  5.825   -0.431  1.00 8.00  ? 17   ILE A CG1 1 
ATOM   78   C CG2 . ILE A 1 17  ? -9.234  6.714   -2.656  1.00 7.94  ? 17   ILE A CG2 1 
ATOM   79   C CD1 . ILE A 1 17  ? -6.984  6.053   -0.690  1.00 8.13  ? 17   ILE A CD1 1 
ATOM   80   N N   . ARG A 1 18  ? -9.513  9.959   -2.332  1.00 8.47  ? 18   ARG A N   1 
ATOM   81   C CA  . ARG A 1 18  ? -10.296 10.769  -3.255  1.00 8.78  ? 18   ARG A CA  1 
ATOM   82   C C   . ARG A 1 18  ? -10.064 10.238  -4.664  1.00 8.93  ? 18   ARG A C   1 
ATOM   83   O O   . ARG A 1 18  ? -8.920  10.115  -5.107  1.00 9.32  ? 18   ARG A O   1 
ATOM   84   C CB  . ARG A 1 18  ? -9.896  12.242  -3.160  1.00 9.01  ? 18   ARG A CB  1 
ATOM   85   C CG  . ARG A 1 18  ? -10.816 13.182  -3.923  1.00 9.36  ? 18   ARG A CG  1 
ATOM   86   C CD  . ARG A 1 18  ? -10.476 14.639  -3.654  1.00 9.81  ? 18   ARG A CD  1 
ATOM   87   N NE  . ARG A 1 18  ? -11.302 15.554  -4.445  1.00 10.63 ? 18   ARG A NE  1 
ATOM   88   C CZ  . ARG A 1 18  ? -12.528 15.957  -4.109  1.00 10.70 ? 18   ARG A CZ  1 
ATOM   89   N NH1 . ARG A 1 18  ? -13.113 15.520  -3.000  1.00 11.62 ? 18   ARG A NH1 1 
ATOM   90   N NH2 . ARG A 1 18  ? -13.185 16.800  -4.898  1.00 11.61 ? 18   ARG A NH2 1 
ATOM   91   N N   . ILE A 1 19  ? -11.155 9.898   -5.349  1.00 8.95  ? 19   ILE A N   1 
ATOM   92   C CA  . ILE A 1 19  ? -11.108 9.408   -6.723  1.00 9.03  ? 19   ILE A CA  1 
ATOM   93   C C   . ILE A 1 19  ? -11.724 10.480  -7.616  1.00 9.13  ? 19   ILE A C   1 
ATOM   94   O O   . ILE A 1 19  ? -12.908 10.794  -7.490  1.00 9.12  ? 19   ILE A O   1 
ATOM   95   C CB  . ILE A 1 19  ? -11.895 8.092   -6.887  1.00 8.93  ? 19   ILE A CB  1 
ATOM   96   C CG1 . ILE A 1 19  ? -11.337 7.010   -5.955  1.00 8.91  ? 19   ILE A CG1 1 
ATOM   97   C CG2 . ILE A 1 19  ? -11.844 7.618   -8.337  1.00 8.98  ? 19   ILE A CG2 1 
ATOM   98   C CD1 . ILE A 1 19  ? -12.225 5.789   -5.816  1.00 9.26  ? 19   ILE A CD1 1 
ATOM   99   N N   . GLY A 1 20  ? -10.916 11.049  -8.507  1.00 9.48  ? 20   GLY A N   1 
ATOM   100  C CA  . GLY A 1 20  ? -11.353 12.194  -9.297  1.00 9.75  ? 20   GLY A CA  1 
ATOM   101  C C   . GLY A 1 20  ? -11.850 13.293  -8.374  1.00 10.03 ? 20   GLY A C   1 
ATOM   102  O O   . GLY A 1 20  ? -11.151 13.684  -7.439  1.00 10.16 ? 20   GLY A O   1 
ATOM   103  N N   . ASN A 1 21  ? -13.070 13.769  -8.619  1.00 10.41 ? 21   ASN A N   1 
ATOM   104  C CA  . ASN A 1 21  ? -13.652 14.868  -7.837  1.00 10.61 ? 21   ASN A CA  1 
ATOM   105  C C   . ASN A 1 21  ? -14.570 14.423  -6.695  1.00 10.72 ? 21   ASN A C   1 
ATOM   106  O O   . ASN A 1 21  ? -15.437 15.183  -6.258  0.50 10.37 ? 21   ASN A O   1 
ATOM   107  C CB  . ASN A 1 21  ? -14.402 15.833  -8.769  1.00 10.95 ? 21   ASN A CB  1 
ATOM   108  C CG  . ASN A 1 21  ? -15.646 15.212  -9.392  1.00 11.83 ? 21   ASN A CG  1 
ATOM   109  O OD1 . ASN A 1 21  ? -15.849 13.999  -9.336  0.70 12.16 ? 21   ASN A OD1 1 
ATOM   110  N ND2 . ASN A 1 21  ? -16.483 16.050  -9.995  1.00 13.44 ? 21   ASN A ND2 1 
ATOM   111  N N   . GLY A 1 22  ? -14.374 13.201  -6.205  1.00 10.53 ? 22   GLY A N   1 
ATOM   112  C CA  . GLY A 1 22  ? -15.232 12.647  -5.164  1.00 10.69 ? 22   GLY A CA  1 
ATOM   113  C C   . GLY A 1 22  ? -14.451 11.953  -4.068  1.00 10.62 ? 22   GLY A C   1 
ATOM   114  O O   . GLY A 1 22  ? -13.542 11.164  -4.345  1.00 10.93 ? 22   GLY A O   1 
ATOM   115  N N   . ASP A 1 23  ? -14.799 12.255  -2.821  1.00 10.68 ? 23   ASP A N   1 
ATOM   116  C CA  . ASP A 1 23  ? -14.262 11.525  -1.679  1.00 10.45 ? 23   ASP A CA  1 
ATOM   117  C C   . ASP A 1 23  ? -14.834 10.112  -1.693  1.00 10.38 ? 23   ASP A C   1 
ATOM   118  O O   . ASP A 1 23  ? -16.053 9.935   -1.739  1.00 10.93 ? 23   ASP A O   1 
ATOM   119  C CB  . ASP A 1 23  ? -14.629 12.216  -0.361  1.00 10.72 ? 23   ASP A CB  1 
ATOM   120  C CG  . ASP A 1 23  ? -13.877 13.519  -0.146  0.80 11.52 ? 23   ASP A CG  1 
ATOM   121  O OD1 . ASP A 1 23  ? -12.750 13.665  -0.664  0.80 12.86 ? 23   ASP A OD1 1 
ATOM   122  O OD2 . ASP A 1 23  ? -14.412 14.395  0.565   0.80 14.03 ? 23   ASP A OD2 1 
ATOM   123  N N   . ALA A 1 24  ? -13.953 9.114   -1.656  1.00 9.81  ? 24   ALA A N   1 
ATOM   124  C CA  . ALA A 1 24  ? -14.353 7.708   -1.775  1.00 9.46  ? 24   ALA A CA  1 
ATOM   125  C C   . ALA A 1 24  ? -14.538 7.011   -0.427  1.00 9.11  ? 24   ALA A C   1 
ATOM   126  O O   . ALA A 1 24  ? -15.217 5.988   -0.346  1.00 9.20  ? 24   ALA A O   1 
ATOM   127  C CB  . ALA A 1 24  ? -13.340 6.949   -2.616  1.00 9.37  ? 24   ALA A CB  1 
ATOM   128  N N   . GLY A 1 25  ? -13.929 7.554   0.623   1.00 8.61  ? 25   GLY A N   1 
ATOM   129  C CA  . GLY A 1 25  ? -14.035 6.986   1.962   1.00 8.46  ? 25   GLY A CA  1 
ATOM   130  C C   . GLY A 1 25  ? -12.684 6.605   2.529   1.00 8.22  ? 25   GLY A C   1 
ATOM   131  O O   . GLY A 1 25  ? -11.644 6.954   1.971   1.00 8.27  ? 25   GLY A O   1 
ATOM   132  N N   . ARG A 1 26  ? -12.715 5.866   3.635   1.00 8.04  ? 26   ARG A N   1 
ATOM   133  C CA  . ARG A 1 26  ? -11.518 5.536   4.403   1.00 8.05  ? 26   ARG A CA  1 
ATOM   134  C C   . ARG A 1 26  ? -11.181 4.053   4.323   1.00 7.79  ? 26   ARG A C   1 
ATOM   135  O O   . ARG A 1 26  ? -12.052 3.203   4.508   1.00 7.92  ? 26   ARG A O   1 
ATOM   136  C CB  . ARG A 1 26  ? -11.712 5.928   5.872   1.00 8.06  ? 26   ARG A CB  1 
ATOM   137  C CG  . ARG A 1 26  ? -10.541 5.566   6.781   1.00 8.29  ? 26   ARG A CG  1 
ATOM   138  C CD  . ARG A 1 26  ? -10.628 6.271   8.125   1.00 8.92  ? 26   ARG A CD  1 
ATOM   139  N NE  . ARG A 1 26  ? -10.402 7.707   7.996   1.00 9.59  ? 26   ARG A NE  1 
ATOM   140  C CZ  . ARG A 1 26  ? -10.329 8.555   9.022   1.00 10.80 ? 26   ARG A CZ  1 
ATOM   141  N NH1 . ARG A 1 26  ? -10.452 8.122   10.272  1.00 11.90 ? 26   ARG A NH1 1 
ATOM   142  N NH2 . ARG A 1 26  ? -10.114 9.842   8.795   1.00 11.11 ? 26   ARG A NH2 1 
ATOM   143  N N   . ILE A 1 27  ? -9.910  3.760   4.051   1.00 7.57  ? 27   ILE A N   1 
ATOM   144  C CA  . ILE A 1 27  ? -9.365  2.411   4.159   1.00 7.54  ? 27   ILE A CA  1 
ATOM   145  C C   . ILE A 1 27  ? -8.627  2.329   5.491   1.00 7.44  ? 27   ILE A C   1 
ATOM   146  O O   . ILE A 1 27  ? -7.786  3.179   5.779   1.00 7.47  ? 27   ILE A O   1 
ATOM   147  C CB  . ILE A 1 27  ? -8.372  2.101   3.015   1.00 7.51  ? 27   ILE A CB  1 
ATOM   148  C CG1 . ILE A 1 27  ? -9.049  2.269   1.650   1.00 7.36  ? 27   ILE A CG1 1 
ATOM   149  C CG2 . ILE A 1 27  ? -7.801  0.685   3.167   1.00 7.57  ? 27   ILE A CG2 1 
ATOM   150  C CD1 . ILE A 1 27  ? -8.081  2.308   0.486   1.00 7.90  ? 27   ILE A CD1 1 
ATOM   151  N N   . VAL A 1 28  ? -8.960  1.331   6.305   1.00 7.13  ? 28   VAL A N   1 
ATOM   152  C CA  . VAL A 1 28  ? -8.269  1.096   7.571   1.00 7.25  ? 28   VAL A CA  1 
ATOM   153  C C   . VAL A 1 28  ? -7.485  -0.203  7.464   1.00 7.03  ? 28   VAL A C   1 
ATOM   154  O O   . VAL A 1 28  ? -8.003  -1.214  6.988   1.00 6.58  ? 28   VAL A O   1 
ATOM   155  C CB  . VAL A 1 28  ? -9.242  1.015   8.765   1.00 7.29  ? 28   VAL A CB  1 
ATOM   156  C CG1 . VAL A 1 28  ? -8.473  0.806   10.072  1.00 7.72  ? 28   VAL A CG1 1 
ATOM   157  C CG2 . VAL A 1 28  ? -10.103 2.272   8.842   1.00 7.80  ? 28   VAL A CG2 1 
ATOM   158  N N   . MET A 1 29  ? -6.234  -0.162  7.914   1.00 6.80  ? 29   MET A N   1 
ATOM   159  C CA  . MET A 1 29  ? -5.315  -1.282  7.769   1.00 7.17  ? 29   MET A CA  1 
ATOM   160  C C   . MET A 1 29  ? -4.688  -1.648  9.108   1.00 7.24  ? 29   MET A C   1 
ATOM   161  O O   . MET A 1 29  ? -4.318  -0.773  9.885   1.00 7.39  ? 29   MET A O   1 
ATOM   162  C CB  . MET A 1 29  ? -4.219  -0.910  6.771   1.00 7.07  ? 29   MET A CB  1 
ATOM   163  C CG  . MET A 1 29  ? -4.713  -0.710  5.341   1.00 7.40  ? 29   MET A CG  1 
ATOM   164  S SD  . MET A 1 29  ? -3.716  0.445   4.374   1.00 7.49  ? 29   MET A SD  1 
ATOM   165  C CE  . MET A 1 29  ? -4.245  2.007   5.074   1.00 6.92  ? 29   MET A CE  1 
ATOM   166  N N   . GLU A 1 30  ? -4.586  -2.949  9.367   1.00 7.35  ? 30   GLU A N   1 
ATOM   167  C CA  . GLU A 1 30  ? -3.869  -3.465  10.525  1.00 7.48  ? 30   GLU A CA  1 
ATOM   168  C C   . GLU A 1 30  ? -2.495  -3.910  10.056  1.00 7.31  ? 30   GLU A C   1 
ATOM   169  O O   . GLU A 1 30  ? -2.382  -4.616  9.051   1.00 7.41  ? 30   GLU A O   1 
ATOM   170  C CB  . GLU A 1 30  ? -4.617  -4.645  11.142  1.00 7.65  ? 30   GLU A CB  1 
ATOM   171  C CG  . GLU A 1 30  ? -3.969  -5.194  12.399  1.00 8.37  ? 30   GLU A CG  1 
ATOM   172  C CD  . GLU A 1 30  ? -4.713  -6.383  12.958  0.60 8.53  ? 30   GLU A CD  1 
ATOM   173  O OE1 . GLU A 1 30  ? -4.783  -7.420  12.263  0.60 10.67 ? 30   GLU A OE1 1 
ATOM   174  O OE2 . GLU A 1 30  ? -5.220  -6.279  14.094  0.60 10.87 ? 30   GLU A OE2 1 
ATOM   175  N N   . LEU A 1 31  ? -1.460  -3.491  10.777  1.00 7.08  ? 31   LEU A N   1 
ATOM   176  C CA  . LEU A 1 31  ? -0.077  -3.808  10.421  1.00 7.17  ? 31   LEU A CA  1 
ATOM   177  C C   . LEU A 1 31  ? 0.459   -4.902  11.334  1.00 7.19  ? 31   LEU A C   1 
ATOM   178  O O   . LEU A 1 31  ? 0.315   -4.828  12.555  1.00 7.04  ? 31   LEU A O   1 
ATOM   179  C CB  . LEU A 1 31  ? 0.798   -2.556  10.517  1.00 7.23  ? 31   LEU A CB  1 
ATOM   180  C CG  . LEU A 1 31  ? 0.279   -1.318  9.774   1.00 6.98  ? 31   LEU A CG  1 
ATOM   181  C CD1 . LEU A 1 31  ? 1.280   -0.177  9.883   1.00 7.24  ? 31   LEU A CD1 1 
ATOM   182  C CD2 . LEU A 1 31  ? -0.015  -1.634  8.309   1.00 7.00  ? 31   LEU A CD2 1 
ATOM   183  N N   . ARG A 1 32  ? 1.079   -5.913  10.734  1.00 7.41  ? 32   ARG A N   1 
ATOM   184  C CA  . ARG A 1 32  ? 1.537   -7.086  11.475  1.00 7.81  ? 32   ARG A CA  1 
ATOM   185  C C   . ARG A 1 32  ? 2.936   -6.870  12.045  1.00 8.05  ? 32   ARG A C   1 
ATOM   186  O O   . ARG A 1 32  ? 3.903   -7.512  11.630  1.00 8.08  ? 32   ARG A O   1 
ATOM   187  C CB  . ARG A 1 32  ? 1.481   -8.334  10.584  1.00 7.67  ? 32   ARG A CB  1 
ATOM   188  C CG  . ARG A 1 32  ? 0.069   -8.701  10.128  1.00 8.00  ? 32   ARG A CG  1 
ATOM   189  C CD  . ARG A 1 32  ? -0.852  -9.059  11.299  1.00 8.75  ? 32   ARG A CD  1 
ATOM   190  N NE  . ARG A 1 32  ? -0.336  -10.174 12.094  1.00 9.16  ? 32   ARG A NE  1 
ATOM   191  C CZ  . ARG A 1 32  ? -0.471  -11.462 11.775  1.00 9.50  ? 32   ARG A CZ  1 
ATOM   192  N NH1 . ARG A 1 32  ? -1.120  -11.835 10.678  1.00 10.39 ? 32   ARG A NH1 1 
ATOM   193  N NH2 . ARG A 1 32  ? 0.045   -12.395 12.565  1.00 10.74 ? 32   ARG A NH2 1 
ATOM   194  N N   . SER A 1 33  ? 3.019   -5.965  13.019  1.00 8.37  ? 33   SER A N   1 
ATOM   195  C CA  A SER A 1 33  ? 4.281   -5.654  13.687  0.70 8.35  ? 33   SER A CA  1 
ATOM   196  C CA  B SER A 1 33  ? 4.280   -5.653  13.693  0.30 8.42  ? 33   SER A CA  1 
ATOM   197  C C   . SER A 1 33  ? 4.803   -6.841  14.498  1.00 8.56  ? 33   SER A C   1 
ATOM   198  O O   . SER A 1 33  ? 5.988   -6.900  14.829  1.00 8.90  ? 33   SER A O   1 
ATOM   199  C CB  A SER A 1 33  ? 4.106   -4.439  14.599  0.70 8.47  ? 33   SER A CB  1 
ATOM   200  C CB  B SER A 1 33  ? 4.111   -4.442  14.615  0.30 8.51  ? 33   SER A CB  1 
ATOM   201  O OG  A SER A 1 33  ? 3.057   -4.655  15.522  0.70 8.20  ? 33   SER A OG  1 
ATOM   202  O OG  B SER A 1 33  ? 3.807   -3.275  13.872  0.30 8.75  ? 33   SER A OG  1 
ATOM   203  N N   . ASP A 1 34  ? 3.915   -7.777  14.820  1.00 8.66  ? 34   ASP A N   1 
ATOM   204  C CA  . ASP A 1 34  ? 4.302   -9.008  15.510  1.00 8.58  ? 34   ASP A CA  1 
ATOM   205  C C   . ASP A 1 34  ? 5.174   -9.924  14.644  1.00 8.70  ? 34   ASP A C   1 
ATOM   206  O O   . ASP A 1 34  ? 5.957   -10.718 15.173  0.70 8.57  ? 34   ASP A O   1 
ATOM   207  C CB  . ASP A 1 34  ? 3.059   -9.768  16.006  1.00 8.94  ? 34   ASP A CB  1 
ATOM   208  C CG  . ASP A 1 34  ? 2.086   -10.120 14.887  1.00 9.71  ? 34   ASP A CG  1 
ATOM   209  O OD1 . ASP A 1 34  ? 1.887   -9.301  13.962  1.00 10.50 ? 34   ASP A OD1 1 
ATOM   210  O OD2 . ASP A 1 34  ? 1.495   -11.218 14.945  1.00 11.96 ? 34   ASP A OD2 1 
ATOM   211  N N   . ILE A 1 35  ? 5.038   -9.813  13.323  1.00 8.44  ? 35   ILE A N   1 
ATOM   212  C CA  . ILE A 1 35  ? 5.758   -10.671 12.374  1.00 8.36  ? 35   ILE A CA  1 
ATOM   213  C C   . ILE A 1 35  ? 6.878   -9.919  11.655  1.00 8.22  ? 35   ILE A C   1 
ATOM   214  O O   . ILE A 1 35  ? 7.986   -10.436 11.507  1.00 8.10  ? 35   ILE A O   1 
ATOM   215  C CB  . ILE A 1 35  ? 4.798   -11.245 11.300  1.00 8.45  ? 35   ILE A CB  1 
ATOM   216  C CG1 . ILE A 1 35  ? 3.607   -11.957 11.956  1.00 9.03  ? 35   ILE A CG1 1 
ATOM   217  C CG2 . ILE A 1 35  ? 5.542   -12.189 10.347  1.00 8.40  ? 35   ILE A CG2 1 
ATOM   218  C CD1 . ILE A 1 35  ? 3.987   -13.084 12.887  1.00 10.04 ? 35   ILE A CD1 1 
ATOM   219  N N   . VAL A 1 36  ? 6.571   -8.707  11.196  1.00 7.86  ? 36   VAL A N   1 
ATOM   220  C CA  . VAL A 1 36  ? 7.513   -7.888  10.432  1.00 7.79  ? 36   VAL A CA  1 
ATOM   221  C C   . VAL A 1 36  ? 7.577   -6.484  11.046  1.00 7.73  ? 36   VAL A C   1 
ATOM   222  O O   . VAL A 1 36  ? 7.093   -5.513  10.458  1.00 7.58  ? 36   VAL A O   1 
ATOM   223  C CB  . VAL A 1 36  ? 7.135   -7.833  8.922   1.00 7.71  ? 36   VAL A CB  1 
ATOM   224  C CG1 . VAL A 1 36  ? 7.596   -9.103  8.212   1.00 7.71  ? 36   VAL A CG1 1 
ATOM   225  C CG2 . VAL A 1 36  ? 5.640   -7.630  8.730   1.00 7.86  ? 36   VAL A CG2 1 
ATOM   226  N N   . PRO A 1 37  ? 8.166   -6.376  12.247  1.00 7.63  ? 37   PRO A N   1 
ATOM   227  C CA  . PRO A 1 37  ? 8.174   -5.091  12.948  1.00 7.63  ? 37   PRO A CA  1 
ATOM   228  C C   . PRO A 1 37  ? 8.809   -3.933  12.170  1.00 7.60  ? 37   PRO A C   1 
ATOM   229  O O   . PRO A 1 37  ? 8.284   -2.821  12.196  1.00 7.69  ? 37   PRO A O   1 
ATOM   230  C CB  . PRO A 1 37  ? 8.967   -5.386  14.232  1.00 7.77  ? 37   PRO A CB  1 
ATOM   231  C CG  . PRO A 1 37  ? 9.697   -6.650  13.967  1.00 7.62  ? 37   PRO A CG  1 
ATOM   232  C CD  . PRO A 1 37  ? 8.837   -7.430  13.029  1.00 7.66  ? 37   PRO A CD  1 
ATOM   233  N N   . ARG A 1 38  ? 9.927   -4.184  11.494  1.00 7.37  ? 38   ARG A N   1 
ATOM   234  C CA  . ARG A 1 38  ? 10.606  -3.127  10.737  1.00 7.40  ? 38   ARG A CA  1 
ATOM   235  C C   . ARG A 1 38  ? 9.769   -2.642  9.557   1.00 6.91  ? 38   ARG A C   1 
ATOM   236  O O   . ARG A 1 38  ? 9.680   -1.443  9.303   1.00 6.88  ? 38   ARG A O   1 
ATOM   237  C CB  . ARG A 1 38  ? 11.968  -3.600  10.227  1.00 7.68  ? 38   ARG A CB  1 
ATOM   238  C CG  . ARG A 1 38  ? 13.004  -3.810  11.313  1.00 8.79  ? 38   ARG A CG  1 
ATOM   239  C CD  . ARG A 1 38  ? 14.371  -4.087  10.715  1.00 9.00  ? 38   ARG A CD  1 
ATOM   240  N NE  . ARG A 1 38  ? 14.843  -2.988  9.871   0.20 9.31  ? 38   ARG A NE  1 
ATOM   241  C CZ  . ARG A 1 38  ? 15.930  -3.031  9.100   0.20 9.52  ? 38   ARG A CZ  1 
ATOM   242  N NH1 . ARG A 1 38  ? 16.260  -1.971  8.371   0.20 9.52  ? 38   ARG A NH1 1 
ATOM   243  N NH2 . ARG A 1 38  ? 16.691  -4.122  9.053   0.20 9.60  ? 38   ARG A NH2 1 
ATOM   244  N N   . THR A 1 39  ? 9.168   -3.584  8.834   1.00 6.51  ? 39   THR A N   1 
ATOM   245  C CA  . THR A 1 39  ? 8.376   -3.271  7.647   1.00 6.28  ? 39   THR A CA  1 
ATOM   246  C C   . THR A 1 39  ? 7.070   -2.581  8.035   1.00 5.95  ? 39   THR A C   1 
ATOM   247  O O   . THR A 1 39  ? 6.644   -1.631  7.377   1.00 5.73  ? 39   THR A O   1 
ATOM   248  C CB  . THR A 1 39  ? 8.087   -4.547  6.830   1.00 6.10  ? 39   THR A CB  1 
ATOM   249  O OG1 . THR A 1 39  ? 9.318   -5.244  6.591   1.00 6.38  ? 39   THR A OG1 1 
ATOM   250  C CG2 . THR A 1 39  ? 7.428   -4.218  5.498   1.00 6.24  ? 39   THR A CG2 1 
ATOM   251  N N   . ALA A 1 40  ? 6.447   -3.055  9.110   1.00 5.83  ? 40   ALA A N   1 
ATOM   252  C CA  . ALA A 1 40  ? 5.240   -2.420  9.639   1.00 5.88  ? 40   ALA A CA  1 
ATOM   253  C C   . ALA A 1 40  ? 5.529   -0.992  10.111  1.00 5.91  ? 40   ALA A C   1 
ATOM   254  O O   . ALA A 1 40  ? 4.747   -0.077  9.848   1.00 5.98  ? 40   ALA A O   1 
ATOM   255  C CB  . ALA A 1 40  ? 4.656   -3.250  10.775  1.00 5.82  ? 40   ALA A CB  1 
ATOM   256  N N   . GLU A 1 41  ? 6.655   -0.799  10.791  1.00 6.03  ? 41   GLU A N   1 
ATOM   257  C CA  . GLU A 1 41  ? 7.029   0.526   11.289  1.00 5.92  ? 41   GLU A CA  1 
ATOM   258  C C   . GLU A 1 41  ? 7.285   1.527   10.163  1.00 5.74  ? 41   GLU A C   1 
ATOM   259  O O   . GLU A 1 41  ? 6.918   2.697   10.271  1.00 5.86  ? 41   GLU A O   1 
ATOM   260  C CB  . GLU A 1 41  ? 8.249   0.430   12.213  1.00 6.21  ? 41   GLU A CB  1 
ATOM   261  C CG  . GLU A 1 41  ? 8.793   1.768   12.722  1.00 6.87  ? 41   GLU A CG  1 
ATOM   262  C CD  . GLU A 1 41  ? 7.759   2.631   13.417  1.00 8.62  ? 41   GLU A CD  1 
ATOM   263  O OE1 . GLU A 1 41  ? 6.748   2.102   13.926  0.80 8.10  ? 41   GLU A OE1 1 
ATOM   264  O OE2 . GLU A 1 41  ? 7.973   3.860   13.465  0.80 9.20  ? 41   GLU A OE2 1 
ATOM   265  N N   . ASN A 1 42  ? 7.929   1.077   9.089   1.00 5.44  ? 42   ASN A N   1 
ATOM   266  C CA  . ASN A 1 42  ? 8.132   1.928   7.921   1.00 5.33  ? 42   ASN A CA  1 
ATOM   267  C C   . ASN A 1 42  ? 6.791   2.445   7.411   1.00 5.09  ? 42   ASN A C   1 
ATOM   268  O O   . ASN A 1 42  ? 6.595   3.644   7.248   1.00 5.11  ? 42   ASN A O   1 
ATOM   269  C CB  . ASN A 1 42  ? 8.866   1.163   6.812   1.00 5.45  ? 42   ASN A CB  1 
ATOM   270  C CG  . ASN A 1 42  ? 9.053   1.989   5.552   1.00 5.63  ? 42   ASN A CG  1 
ATOM   271  O OD1 . ASN A 1 42  ? 9.650   3.066   5.583   1.00 6.64  ? 42   ASN A OD1 1 
ATOM   272  N ND2 . ASN A 1 42  ? 8.544   1.484   4.431   1.00 5.91  ? 42   ASN A ND2 1 
ATOM   273  N N   . PHE A 1 43  ? 5.856   1.529   7.189   1.00 4.98  ? 43   PHE A N   1 
ATOM   274  C CA  . PHE A 1 43  ? 4.547   1.890   6.653   1.00 4.96  ? 43   PHE A CA  1 
ATOM   275  C C   . PHE A 1 43  ? 3.785   2.808   7.608   1.00 5.08  ? 43   PHE A C   1 
ATOM   276  O O   . PHE A 1 43  ? 3.178   3.793   7.180   1.00 5.23  ? 43   PHE A O   1 
ATOM   277  C CB  . PHE A 1 43  ? 3.734   0.629   6.370   1.00 4.87  ? 43   PHE A CB  1 
ATOM   278  C CG  . PHE A 1 43  ? 2.496   0.867   5.553   1.00 4.72  ? 43   PHE A CG  1 
ATOM   279  C CD1 . PHE A 1 43  ? 2.557   0.883   4.168   1.00 4.90  ? 43   PHE A CD1 1 
ATOM   280  C CD2 . PHE A 1 43  ? 1.265   1.038   6.168   1.00 4.63  ? 43   PHE A CD2 1 
ATOM   281  C CE1 . PHE A 1 43  ? 1.408   1.081   3.410   1.00 4.98  ? 43   PHE A CE1 1 
ATOM   282  C CE2 . PHE A 1 43  ? 0.117   1.238   5.417   1.00 5.11  ? 43   PHE A CE2 1 
ATOM   283  C CZ  . PHE A 1 43  ? 0.190   1.263   4.039   1.00 4.91  ? 43   PHE A CZ  1 
ATOM   284  N N   . ARG A 1 44  ? 3.827   2.488   8.898   1.00 5.43  ? 44   ARG A N   1 
ATOM   285  C CA  . ARG A 1 44  ? 3.148   3.292   9.909   1.00 5.54  ? 44   ARG A CA  1 
ATOM   286  C C   . ARG A 1 44  ? 3.687   4.718   9.927   1.00 5.56  ? 44   ARG A C   1 
ATOM   287  O O   . ARG A 1 44  ? 2.918   5.680   9.928   1.00 5.66  ? 44   ARG A O   1 
ATOM   288  C CB  . ARG A 1 44  ? 3.311   2.669   11.297  1.00 5.61  ? 44   ARG A CB  1 
ATOM   289  C CG  . ARG A 1 44  ? 2.409   3.294   12.363  1.00 6.01  ? 44   ARG A CG  1 
ATOM   290  C CD  . ARG A 1 44  ? 2.955   3.081   13.761  1.00 6.53  ? 44   ARG A CD  1 
ATOM   291  N NE  . ARG A 1 44  ? 4.258   3.718   13.933  1.00 6.92  ? 44   ARG A NE  1 
ATOM   292  C CZ  . ARG A 1 44  ? 4.451   5.029   14.074  1.00 7.88  ? 44   ARG A CZ  1 
ATOM   293  N NH1 . ARG A 1 44  ? 3.431   5.878   14.101  1.00 8.39  ? 44   ARG A NH1 1 
ATOM   294  N NH2 . ARG A 1 44  ? 5.683   5.497   14.197  1.00 8.35  ? 44   ARG A NH2 1 
ATOM   295  N N   . ALA A 1 45  ? 5.011   4.844   9.939   1.00 5.41  ? 45   ALA A N   1 
ATOM   296  C CA  . ALA A 1 45  ? 5.656   6.155   9.966   1.00 5.66  ? 45   ALA A CA  1 
ATOM   297  C C   . ALA A 1 45  ? 5.371   6.961   8.701   1.00 5.78  ? 45   ALA A C   1 
ATOM   298  O O   . ALA A 1 45  ? 5.228   8.181   8.760   1.00 5.96  ? 45   ALA A O   1 
ATOM   299  C CB  . ALA A 1 45  ? 7.156   6.008   10.174  1.00 5.69  ? 45   ALA A CB  1 
ATOM   300  N N   . LEU A 1 46  ? 5.287   6.289   7.556   1.00 5.69  ? 46   LEU A N   1 
ATOM   301  C CA  . LEU A 1 46  ? 4.938   6.973   6.309   1.00 5.88  ? 46   LEU A CA  1 
ATOM   302  C C   . LEU A 1 46  ? 3.470   7.406   6.291   1.00 5.89  ? 46   LEU A C   1 
ATOM   303  O O   . LEU A 1 46  ? 3.124   8.390   5.643   1.00 5.74  ? 46   LEU A O   1 
ATOM   304  C CB  . LEU A 1 46  ? 5.261   6.096   5.099   1.00 5.83  ? 46   LEU A CB  1 
ATOM   305  C CG  . LEU A 1 46  ? 6.749   5.781   4.895   1.00 6.14  ? 46   LEU A CG  1 
ATOM   306  C CD1 . LEU A 1 46  ? 6.918   4.726   3.814   1.00 6.04  ? 46   LEU A CD1 1 
ATOM   307  C CD2 . LEU A 1 46  ? 7.564   7.018   4.559   1.00 6.35  ? 46   LEU A CD2 1 
ATOM   308  N N   . CYS A 1 47  ? 2.613   6.684   7.013   1.00 6.18  ? 47   CYS A N   1 
ATOM   309  C CA  . CYS A 1 47  ? 1.213   7.097   7.160   1.00 6.48  ? 47   CYS A CA  1 
ATOM   310  C C   . CYS A 1 47  ? 1.078   8.354   8.016   1.00 6.81  ? 47   CYS A C   1 
ATOM   311  O O   . CYS A 1 47  ? 0.306   9.250   7.683   1.00 7.07  ? 47   CYS A O   1 
ATOM   312  C CB  . CYS A 1 47  ? 0.365   5.976   7.765   1.00 6.37  ? 47   CYS A CB  1 
ATOM   313  S SG  . CYS A 1 47  ? -0.011  4.635   6.617   1.00 6.39  ? 47   CYS A SG  1 
ATOM   314  N N   . THR A 1 48  ? 1.816   8.417   9.120   1.00 7.19  ? 48   THR A N   1 
ATOM   315  C CA  . THR A 1 48  ? 1.724   9.571   10.018  1.00 7.55  ? 48   THR A CA  1 
ATOM   316  C C   . THR A 1 48  ? 2.543   10.755  9.518   1.00 8.03  ? 48   THR A C   1 
ATOM   317  O O   . THR A 1 48  ? 2.275   11.894  9.895   1.00 8.81  ? 48   THR A O   1 
ATOM   318  C CB  . THR A 1 48  ? 2.201   9.240   11.440  1.00 7.56  ? 48   THR A CB  1 
ATOM   319  O OG1 . THR A 1 48  ? 3.598   8.926   11.419  1.00 8.12  ? 48   THR A OG1 1 
ATOM   320  C CG2 . THR A 1 48  ? 1.417   8.073   12.019  1.00 7.88  ? 48   THR A CG2 1 
ATOM   321  N N   . GLY A 1 49  ? 3.544   10.480  8.683   1.00 8.29  ? 49   GLY A N   1 
ATOM   322  C CA  . GLY A 1 49  ? 4.428   11.517  8.164   1.00 8.43  ? 49   GLY A CA  1 
ATOM   323  C C   . GLY A 1 49  ? 5.412   12.019  9.203   1.00 8.68  ? 49   GLY A C   1 
ATOM   324  O O   . GLY A 1 49  ? 5.981   13.100  9.048   1.00 8.96  ? 49   GLY A O   1 
ATOM   325  N N   . GLU A 1 50  ? 5.631   11.229  10.252  1.00 8.97  ? 50   GLU A N   1 
ATOM   326  C CA  . GLU A 1 50  ? 6.419   11.680  11.400  1.00 9.39  ? 50   GLU A CA  1 
ATOM   327  C C   . GLU A 1 50  ? 7.889   11.966  11.092  1.00 9.58  ? 50   GLU A C   1 
ATOM   328  O O   . GLU A 1 50  ? 8.540   12.663  11.860  1.00 9.82  ? 50   GLU A O   1 
ATOM   329  C CB  . GLU A 1 50  ? 6.317   10.687  12.565  1.00 9.56  ? 50   GLU A CB  1 
ATOM   330  C CG  . GLU A 1 50  ? 6.912   9.311   12.289  1.00 9.72  ? 50   GLU A CG  1 
ATOM   331  C CD  . GLU A 1 50  ? 7.228   8.530   13.556  0.50 9.90  ? 50   GLU A CD  1 
ATOM   332  O OE1 . GLU A 1 50  ? 6.518   8.705   14.564  0.50 10.74 ? 50   GLU A OE1 1 
ATOM   333  O OE2 . GLU A 1 50  ? 8.189   7.733   13.540  0.50 11.64 ? 50   GLU A OE2 1 
ATOM   334  N N   . ARG A 1 51  ? 8.414   11.427  9.992   1.00 9.76  ? 51   ARG A N   1 
ATOM   335  C CA  . ARG A 1 51  ? 9.802   11.697  9.581   1.00 9.84  ? 51   ARG A CA  1 
ATOM   336  C C   . ARG A 1 51  ? 9.936   12.876  8.614   1.00 9.81  ? 51   ARG A C   1 
ATOM   337  O O   . ARG A 1 51  ? 11.049  13.212  8.209   1.00 10.22 ? 51   ARG A O   1 
ATOM   338  C CB  . ARG A 1 51  ? 10.429  10.456  8.939   1.00 10.30 ? 51   ARG A CB  1 
ATOM   339  C CG  . ARG A 1 51  ? 10.338  9.198   9.773   1.00 10.82 ? 51   ARG A CG  1 
ATOM   340  C CD  . ARG A 1 51  ? 10.924  9.398   11.157  1.00 12.37 ? 51   ARG A CD  1 
ATOM   341  N NE  . ARG A 1 51  ? 11.110  8.124   11.842  1.00 12.68 ? 51   ARG A NE  1 
ATOM   342  C CZ  . ARG A 1 51  ? 12.177  7.339   11.714  1.00 13.22 ? 51   ARG A CZ  1 
ATOM   343  N NH1 . ARG A 1 51  ? 13.192  7.678   10.923  1.00 14.26 ? 51   ARG A NH1 1 
ATOM   344  N NH2 . ARG A 1 51  ? 12.231  6.202   12.388  1.00 13.45 ? 51   ARG A NH2 1 
ATOM   345  N N   . GLY A 1 52  ? 8.815   13.493  8.244   1.00 9.43  ? 52   GLY A N   1 
ATOM   346  C CA  . GLY A 1 52  ? 8.821   14.643  7.337   1.00 9.33  ? 52   GLY A CA  1 
ATOM   347  C C   . GLY A 1 52  ? 8.475   14.302  5.901   1.00 9.24  ? 52   GLY A C   1 
ATOM   348  O O   . GLY A 1 52  ? 8.542   15.159  5.023   1.00 9.77  ? 52   GLY A O   1 
ATOM   349  N N   . PHE A 1 53  ? 8.097   13.051  5.666   1.00 8.81  ? 53   PHE A N   1 
ATOM   350  C CA  . PHE A 1 53  ? 7.685   12.595  4.346   1.00 8.51  ? 53   PHE A CA  1 
ATOM   351  C C   . PHE A 1 53  ? 6.777   11.389  4.510   1.00 8.08  ? 53   PHE A C   1 
ATOM   352  O O   . PHE A 1 53  ? 6.741   10.774  5.576   1.00 7.75  ? 53   PHE A O   1 
ATOM   353  C CB  . PHE A 1 53  ? 8.904   12.240  3.483   1.00 8.86  ? 53   PHE A CB  1 
ATOM   354  C CG  . PHE A 1 53  ? 9.866   11.287  4.140   1.00 8.96  ? 53   PHE A CG  1 
ATOM   355  C CD1 . PHE A 1 53  ? 9.734   9.914   3.971   1.00 9.84  ? 53   PHE A CD1 1 
ATOM   356  C CD2 . PHE A 1 53  ? 10.911  11.761  4.924   1.00 9.41  ? 53   PHE A CD2 1 
ATOM   357  C CE1 . PHE A 1 53  ? 10.622  9.030   4.575   1.00 9.55  ? 53   PHE A CE1 1 
ATOM   358  C CE2 . PHE A 1 53  ? 11.801  10.882  5.532   1.00 9.60  ? 53   PHE A CE2 1 
ATOM   359  C CZ  . PHE A 1 53  ? 11.658  9.515   5.356   1.00 9.68  ? 53   PHE A CZ  1 
ATOM   360  N N   . GLY A 1 54  ? 6.046   11.051  3.457   1.00 7.76  ? 54   GLY A N   1 
ATOM   361  C CA  . GLY A 1 54  ? 5.147   9.910   3.518   1.00 7.75  ? 54   GLY A CA  1 
ATOM   362  C C   . GLY A 1 54  ? 4.025   9.949   2.506   1.00 7.49  ? 54   GLY A C   1 
ATOM   363  O O   . GLY A 1 54  ? 4.098   10.660  1.507   1.00 7.41  ? 54   GLY A O   1 
ATOM   364  N N   . TYR A 1 55  ? 2.972   9.195   2.796   1.00 7.39  ? 55   TYR A N   1 
ATOM   365  C CA  . TYR A 1 55  ? 1.927   8.917   1.817   1.00 7.69  ? 55   TYR A CA  1 
ATOM   366  C C   . TYR A 1 55  ? 0.910   10.037  1.632   1.00 8.13  ? 55   TYR A C   1 
ATOM   367  O O   . TYR A 1 55  ? 0.084   9.959   0.731   1.00 8.29  ? 55   TYR A O   1 
ATOM   368  C CB  . TYR A 1 55  ? 1.182   7.634   2.192   1.00 6.93  ? 55   TYR A CB  1 
ATOM   369  C CG  . TYR A 1 55  ? 2.040   6.387   2.217   1.00 6.55  ? 55   TYR A CG  1 
ATOM   370  C CD1 . TYR A 1 55  ? 2.032   5.537   3.316   1.00 5.88  ? 55   TYR A CD1 1 
ATOM   371  C CD2 . TYR A 1 55  ? 2.853   6.052   1.136   1.00 6.03  ? 55   TYR A CD2 1 
ATOM   372  C CE1 . TYR A 1 55  ? 2.805   4.389   3.345   1.00 5.54  ? 55   TYR A CE1 1 
ATOM   373  C CE2 . TYR A 1 55  ? 3.637   4.900   1.157   1.00 5.97  ? 55   TYR A CE2 1 
ATOM   374  C CZ  . TYR A 1 55  ? 3.606   4.076   2.266   1.00 5.90  ? 55   TYR A CZ  1 
ATOM   375  O OH  . TYR A 1 55  ? 4.368   2.931   2.304   1.00 5.94  ? 55   TYR A OH  1 
ATOM   376  N N   . HIS A 1 56  ? 0.947   11.070  2.469   1.00 8.95  ? 56   HIS A N   1 
ATOM   377  C CA  . HIS A 1 56  ? -0.022  12.159  2.342   1.00 9.44  ? 56   HIS A CA  1 
ATOM   378  C C   . HIS A 1 56  ? 0.086   12.801  0.958   1.00 9.67  ? 56   HIS A C   1 
ATOM   379  O O   . HIS A 1 56  ? 1.174   13.188  0.535   1.00 9.66  ? 56   HIS A O   1 
ATOM   380  C CB  . HIS A 1 56  ? 0.173   13.200  3.444   1.00 9.60  ? 56   HIS A CB  1 
ATOM   381  C CG  . HIS A 1 56  ? -0.840  14.302  3.416   1.00 9.77  ? 56   HIS A CG  1 
ATOM   382  N ND1 . HIS A 1 56  ? -0.543  15.591  3.799   1.00 11.05 ? 56   HIS A ND1 1 
ATOM   383  C CD2 . HIS A 1 56  ? -2.140  14.309  3.037   1.00 11.20 ? 56   HIS A CD2 1 
ATOM   384  C CE1 . HIS A 1 56  ? -1.622  16.344  3.664   1.00 11.66 ? 56   HIS A CE1 1 
ATOM   385  N NE2 . HIS A 1 56  ? -2.603  15.591  3.204   1.00 11.94 ? 56   HIS A NE2 1 
ATOM   386  N N   . ASN A 1 57  ? -1.051  12.878  0.263   1.00 10.02 ? 57   ASN A N   1 
ATOM   387  C CA  . ASN A 1 57  ? -1.145  13.372  -1.122  1.00 10.52 ? 57   ASN A CA  1 
ATOM   388  C C   . ASN A 1 57  ? -0.481  12.482  -2.183  1.00 10.82 ? 57   ASN A C   1 
ATOM   389  O O   . ASN A 1 57  ? -0.350  12.877  -3.343  1.00 11.03 ? 57   ASN A O   1 
ATOM   390  C CB  . ASN A 1 57  ? -0.650  14.825  -1.233  1.00 10.64 ? 57   ASN A CB  1 
ATOM   391  C CG  . ASN A 1 57  ? -1.578  15.809  -0.545  1.00 11.32 ? 57   ASN A CG  1 
ATOM   392  O OD1 . ASN A 1 57  ? -2.801  15.676  -0.612  0.60 12.19 ? 57   ASN A OD1 1 
ATOM   393  N ND2 . ASN A 1 57  ? -1.003  16.808  0.114   0.60 12.72 ? 57   ASN A ND2 1 
ATOM   394  N N   . CYS A 1 58  ? -0.097  11.270  -1.785  1.00 11.19 ? 58   CYS A N   1 
ATOM   395  C CA  . CYS A 1 58  ? 0.454   10.275  -2.696  1.00 11.28 ? 58   CYS A CA  1 
ATOM   396  C C   . CYS A 1 58  ? -0.697  9.657   -3.483  1.00 11.24 ? 58   CYS A C   1 
ATOM   397  O O   . CYS A 1 58  ? -1.837  9.668   -3.025  1.00 11.57 ? 58   CYS A O   1 
ATOM   398  C CB  . CYS A 1 58  ? 1.184   9.195   -1.898  1.00 11.62 ? 58   CYS A CB  1 
ATOM   399  S SG  . CYS A 1 58  ? 2.156   8.064   -2.872  1.00 12.83 ? 58   CYS A SG  1 
ATOM   400  N N   . CYS A 1 59  ? -0.398  9.116   -4.658  1.00 11.03 ? 59   CYS A N   1 
ATOM   401  C CA  . CYS A 1 59  ? -1.431  8.508   -5.491  1.00 10.84 ? 59   CYS A CA  1 
ATOM   402  C C   . CYS A 1 59  ? -1.296  6.991   -5.573  1.00 10.66 ? 59   CYS A C   1 
ATOM   403  O O   . CYS A 1 59  ? -0.277  6.416   -5.181  1.00 10.63 ? 59   CYS A O   1 
ATOM   404  C CB  . CYS A 1 59  ? -1.386  9.093   -6.901  1.00 11.02 ? 59   CYS A CB  1 
ATOM   405  S SG  . CYS A 1 59  ? -0.019  8.491   -7.910  0.50 10.96 ? 59   CYS A SG  1 
ATOM   406  N N   . PHE A 1 60  ? -2.354  6.355   -6.068  1.00 10.33 ? 60   PHE A N   1 
ATOM   407  C CA  . PHE A 1 60  ? -2.293  4.970   -6.522  1.00 10.26 ? 60   PHE A CA  1 
ATOM   408  C C   . PHE A 1 60  ? -2.101  5.027   -8.031  1.00 10.37 ? 60   PHE A C   1 
ATOM   409  O O   . PHE A 1 60  ? -2.990  5.479   -8.754  1.00 10.72 ? 60   PHE A O   1 
ATOM   410  C CB  . PHE A 1 60  ? -3.574  4.207   -6.173  1.00 10.02 ? 60   PHE A CB  1 
ATOM   411  C CG  . PHE A 1 60  ? -3.643  3.764   -4.738  1.00 9.53  ? 60   PHE A CG  1 
ATOM   412  C CD1 . PHE A 1 60  ? -3.355  2.451   -4.387  1.00 9.40  ? 60   PHE A CD1 1 
ATOM   413  C CD2 . PHE A 1 60  ? -3.989  4.661   -3.738  1.00 9.33  ? 60   PHE A CD2 1 
ATOM   414  C CE1 . PHE A 1 60  ? -3.416  2.039   -3.064  1.00 9.82  ? 60   PHE A CE1 1 
ATOM   415  C CE2 . PHE A 1 60  ? -4.052  4.256   -2.415  1.00 9.59  ? 60   PHE A CE2 1 
ATOM   416  C CZ  . PHE A 1 60  ? -3.764  2.944   -2.077  1.00 9.92  ? 60   PHE A CZ  1 
ATOM   417  N N   . HIS A 1 61  ? -0.941  4.575   -8.498  1.00 10.19 ? 61   HIS A N   1 
ATOM   418  C CA  . HIS A 1 61  ? -0.556  4.734   -9.909  1.00 10.34 ? 61   HIS A CA  1 
ATOM   419  C C   . HIS A 1 61  ? -0.925  3.539   -10.788 1.00 10.44 ? 61   HIS A C   1 
ATOM   420  O O   . HIS A 1 61  ? -0.844  3.630   -12.014 1.00 10.83 ? 61   HIS A O   1 
ATOM   421  C CB  . HIS A 1 61  ? 0.941   5.039   -10.034 1.00 10.38 ? 61   HIS A CB  1 
ATOM   422  C CG  . HIS A 1 61  ? 1.828   3.964   -9.491  1.00 10.80 ? 61   HIS A CG  1 
ATOM   423  N ND1 . HIS A 1 61  ? 2.148   3.872   -8.154  1.00 10.57 ? 61   HIS A ND1 1 
ATOM   424  C CD2 . HIS A 1 61  ? 2.470   2.941   -10.103 1.00 10.67 ? 61   HIS A CD2 1 
ATOM   425  C CE1 . HIS A 1 61  ? 2.945   2.835   -7.965  1.00 10.94 ? 61   HIS A CE1 1 
ATOM   426  N NE2 . HIS A 1 61  ? 3.156   2.254   -9.132  1.00 11.17 ? 61   HIS A NE2 1 
ATOM   427  N N   . ARG A 1 62  ? -1.323  2.430   -10.171 1.00 10.27 ? 62   ARG A N   1 
ATOM   428  C CA  . ARG A 1 62  ? -1.843  1.284   -10.910 1.00 10.29 ? 62   ARG A CA  1 
ATOM   429  C C   . ARG A 1 62  ? -3.052  0.697   -10.191 1.00 9.89  ? 62   ARG A C   1 
ATOM   430  O O   . ARG A 1 62  ? -3.024  0.494   -8.977  1.00 9.48  ? 62   ARG A O   1 
ATOM   431  C CB  . ARG A 1 62  ? -0.768  0.209   -11.095 1.00 10.88 ? 62   ARG A CB  1 
ATOM   432  C CG  . ARG A 1 62  ? 0.372   0.606   -12.036 0.70 12.21 ? 62   ARG A CG  1 
ATOM   433  C CD  . ARG A 1 62  ? 0.619   -0.447  -13.108 0.70 14.11 ? 62   ARG A CD  1 
ATOM   434  N NE  . ARG A 1 62  ? 1.275   -1.645  -12.585 0.70 14.82 ? 62   ARG A NE  1 
ATOM   435  C CZ  . ARG A 1 62  ? 1.188   -2.860  -13.130 0.70 15.23 ? 62   ARG A CZ  1 
ATOM   436  N NH1 . ARG A 1 62  ? 0.470   -3.073  -14.230 0.70 15.23 ? 62   ARG A NH1 1 
ATOM   437  N NH2 . ARG A 1 62  ? 1.828   -3.879  -12.566 0.70 14.97 ? 62   ARG A NH2 1 
ATOM   438  N N   . VAL A 1 63  ? -4.119  0.449   -10.945 1.00 9.44  ? 63   VAL A N   1 
ATOM   439  C CA  . VAL A 1 63  ? -5.308  -0.211  -10.425 1.00 9.42  ? 63   VAL A CA  1 
ATOM   440  C C   . VAL A 1 63  ? -5.757  -1.255  -11.439 1.00 9.32  ? 63   VAL A C   1 
ATOM   441  O O   . VAL A 1 63  ? -6.214  -0.911  -12.531 1.00 9.31  ? 63   VAL A O   1 
ATOM   442  C CB  . VAL A 1 63  ? -6.454  0.794   -10.160 1.00 9.19  ? 63   VAL A CB  1 
ATOM   443  C CG1 . VAL A 1 63  ? -7.712  0.064   -9.689  1.00 9.02  ? 63   VAL A CG1 1 
ATOM   444  C CG2 . VAL A 1 63  ? -6.023  1.842   -9.134  1.00 9.29  ? 63   VAL A CG2 1 
ATOM   445  N N   . ILE A 1 64  ? -5.604  -2.527  -11.079 1.00 9.19  ? 64   ILE A N   1 
ATOM   446  C CA  . ILE A 1 64  ? -6.033  -3.637  -11.920 1.00 9.40  ? 64   ILE A CA  1 
ATOM   447  C C   . ILE A 1 64  ? -7.232  -4.280  -11.233 1.00 9.35  ? 64   ILE A C   1 
ATOM   448  O O   . ILE A 1 64  ? -7.065  -4.935  -10.206 1.00 9.16  ? 64   ILE A O   1 
ATOM   449  C CB  . ILE A 1 64  ? -4.908  -4.679  -12.110 1.00 9.38  ? 64   ILE A CB  1 
ATOM   450  C CG1 . ILE A 1 64  ? -3.664  -4.014  -12.707 1.00 9.93  ? 64   ILE A CG1 1 
ATOM   451  C CG2 . ILE A 1 64  ? -5.389  -5.813  -13.022 1.00 9.35  ? 64   ILE A CG2 1 
ATOM   452  C CD1 . ILE A 1 64  ? -2.383  -4.802  -12.541 1.00 10.25 ? 64   ILE A CD1 1 
ATOM   453  N N   . PRO A 1 65  ? -8.447  -4.075  -11.777 1.00 9.43  ? 65   PRO A N   1 
ATOM   454  C CA  . PRO A 1 65  ? -9.633  -4.648  -11.145 1.00 9.62  ? 65   PRO A CA  1 
ATOM   455  C C   . PRO A 1 65  ? -9.501  -6.142  -10.858 1.00 9.69  ? 65   PRO A C   1 
ATOM   456  O O   . PRO A 1 65  ? -9.047  -6.898  -11.717 1.00 9.88  ? 65   PRO A O   1 
ATOM   457  C CB  . PRO A 1 65  ? -10.737 -4.383  -12.171 1.00 9.54  ? 65   PRO A CB  1 
ATOM   458  C CG  . PRO A 1 65  ? -10.291 -3.163  -12.881 1.00 9.49  ? 65   PRO A CG  1 
ATOM   459  C CD  . PRO A 1 65  ? -8.798  -3.290  -12.975 1.00 9.48  ? 65   PRO A CD  1 
ATOM   460  N N   . GLN A 1 66  ? -9.869  -6.536  -9.638  1.00 9.97  ? 66   GLN A N   1 
ATOM   461  C CA  A GLN A 1 66  ? -9.888  -7.938  -9.204  0.50 10.20 ? 66   GLN A CA  1 
ATOM   462  C C   . GLN A 1 66  ? -8.500  -8.579  -9.100  1.00 10.25 ? 66   GLN A C   1 
ATOM   463  O O   . GLN A 1 66  ? -8.379  -9.803  -8.996  1.00 10.69 ? 66   GLN A O   1 
ATOM   464  C CB  A GLN A 1 66  ? -10.814 -8.775  -10.101 0.50 10.48 ? 66   GLN A CB  1 
ATOM   465  C CG  A GLN A 1 66  ? -12.245 -8.257  -10.156 0.50 11.39 ? 66   GLN A CG  1 
ATOM   466  C CD  A GLN A 1 66  ? -12.936 -8.289  -8.803  0.50 12.57 ? 66   GLN A CD  1 
ATOM   467  O OE1 . GLN A 1 66  ? -13.417 -7.267  -8.314  0.70 13.38 ? 66   GLN A OE1 1 
ATOM   468  N NE2 A GLN A 1 66  ? -12.976 -9.466  -8.187  0.50 13.32 ? 66   GLN A NE2 1 
ATOM   469  N N   . PHE A 1 67  ? -7.459  -7.751  -9.093  1.00 10.14 ? 67   PHE A N   1 
ATOM   470  C CA  . PHE A 1 67  ? -6.097  -8.230  -8.885  1.00 9.84  ? 67   PHE A CA  1 
ATOM   471  C C   . PHE A 1 67  ? -5.440  -7.423  -7.765  1.00 9.51  ? 67   PHE A C   1 
ATOM   472  O O   . PHE A 1 67  ? -5.155  -7.967  -6.697  1.00 9.01  ? 67   PHE A O   1 
ATOM   473  C CB  . PHE A 1 67  ? -5.309  -8.172  -10.201 1.00 10.35 ? 67   PHE A CB  1 
ATOM   474  C CG  . PHE A 1 67  ? -3.838  -8.475  -10.062 1.00 10.38 ? 67   PHE A CG  1 
ATOM   475  C CD1 . PHE A 1 67  ? -3.383  -9.513  -9.256  1.00 11.38 ? 67   PHE A CD1 1 
ATOM   476  C CD2 . PHE A 1 67  ? -2.909  -7.730  -10.769 1.00 11.16 ? 67   PHE A CD2 1 
ATOM   477  C CE1 . PHE A 1 67  ? -2.022  -9.779  -9.141  1.00 11.37 ? 67   PHE A CE1 1 
ATOM   478  C CE2 . PHE A 1 67  ? -1.550  -7.989  -10.663 1.00 11.24 ? 67   PHE A CE2 1 
ATOM   479  C CZ  . PHE A 1 67  ? -1.107  -9.014  -9.850  1.00 11.26 ? 67   PHE A CZ  1 
ATOM   480  N N   . MET A 1 68  ? -5.233  -6.128  -7.980  1.00 9.21  ? 68   MET A N   1 
ATOM   481  C CA  . MET A 1 68  ? -4.583  -5.299  -6.964  1.00 9.35  ? 68   MET A CA  1 
ATOM   482  C C   . MET A 1 68  ? -4.535  -3.823  -7.329  1.00 8.98  ? 68   MET A C   1 
ATOM   483  O O   . MET A 1 68  ? -4.753  -3.445  -8.482  1.00 8.91  ? 68   MET A O   1 
ATOM   484  C CB  . MET A 1 68  ? -3.151  -5.786  -6.754  1.00 10.02 ? 68   MET A CB  1 
ATOM   485  C CG  . MET A 1 68  ? -2.335  -5.733  -8.024  1.00 12.32 ? 68   MET A CG  1 
ATOM   486  S SD  . MET A 1 68  ? -1.220  -4.347  -7.988  1.00 19.33 ? 68   MET A SD  1 
ATOM   487  C CE  . MET A 1 68  ? 0.237   -5.242  -7.475  1.00 17.96 ? 68   MET A CE  1 
ATOM   488  N N   . CYS A 1 69  ? -4.236  -3.004  -6.321  1.00 8.56  ? 69   CYS A N   1 
ATOM   489  C CA  A CYS A 1 69  ? -3.994  -1.571  -6.477  0.70 8.56  ? 69   CYS A CA  1 
ATOM   490  C CA  B CYS A 1 69  ? -3.953  -1.594  -6.548  0.30 8.64  ? 69   CYS A CA  1 
ATOM   491  C C   . CYS A 1 69  ? -2.608  -1.252  -5.925  1.00 8.39  ? 69   CYS A C   1 
ATOM   492  O O   . CYS A 1 69  ? -2.280  -1.704  -4.823  1.00 8.47  ? 69   CYS A O   1 
ATOM   493  C CB  A CYS A 1 69  ? -5.037  -0.772  -5.696  0.70 8.47  ? 69   CYS A CB  1 
ATOM   494  C CB  B CYS A 1 69  ? -5.067  -0.695  -6.010  0.30 8.64  ? 69   CYS A CB  1 
ATOM   495  S SG  A CYS A 1 69  ? -6.759  -1.195  -6.060  0.70 9.17  ? 69   CYS A SG  1 
ATOM   496  S SG  B CYS A 1 69  ? -5.505  -0.966  -4.296  0.30 9.42  ? 69   CYS A SG  1 
ATOM   497  N N   . GLN A 1 70  ? -1.822  -0.470  -6.665  1.00 8.02  ? 70   GLN A N   1 
ATOM   498  C CA  A GLN A 1 70  ? -0.462  -0.144  -6.256  0.50 8.01  ? 70   GLN A CA  1 
ATOM   499  C CA  B GLN A 1 70  ? -0.442  -0.126  -6.299  0.50 8.11  ? 70   GLN A CA  1 
ATOM   500  C C   . GLN A 1 70  ? -0.309  1.360   -6.054  1.00 7.89  ? 70   GLN A C   1 
ATOM   501  O O   . GLN A 1 70  ? -0.833  2.158   -6.826  1.00 7.51  ? 70   GLN A O   1 
ATOM   502  C CB  A GLN A 1 70  ? 0.539   -0.653  -7.293  0.50 8.09  ? 70   GLN A CB  1 
ATOM   503  C CB  B GLN A 1 70  ? 0.519   -0.468  -7.435  0.50 8.26  ? 70   GLN A CB  1 
ATOM   504  C CG  A GLN A 1 70  ? 1.983   -0.646  -6.804  0.50 8.06  ? 70   GLN A CG  1 
ATOM   505  C CG  B GLN A 1 70  ? 0.434   -1.877  -7.922  0.50 8.60  ? 70   GLN A CG  1 
ATOM   506  C CD  A GLN A 1 70  ? 2.958   -1.241  -7.804  0.50 8.32  ? 70   GLN A CD  1 
ATOM   507  C CD  B GLN A 1 70  ? 1.149   -2.104  -9.235  0.50 8.64  ? 70   GLN A CD  1 
ATOM   508  O OE1 A GLN A 1 70  ? 2.597   -2.093  -8.619  0.50 9.75  ? 70   GLN A OE1 1 
ATOM   509  O OE1 B GLN A 1 70  ? 1.968   -1.292  -9.665  0.50 10.40 ? 70   GLN A OE1 1 
ATOM   510  N NE2 A GLN A 1 70  ? 4.208   -0.798  -7.739  0.50 7.84  ? 70   GLN A NE2 1 
ATOM   511  N NE2 B GLN A 1 70  ? 0.834   -3.216  -9.888  0.50 9.21  ? 70   GLN A NE2 1 
ATOM   512  N N   . GLY A 1 71  ? 0.417   1.733   -5.005  1.00 7.57  ? 71   GLY A N   1 
ATOM   513  C CA  . GLY A 1 71  ? 0.684   3.135   -4.720  1.00 7.70  ? 71   GLY A CA  1 
ATOM   514  C C   . GLY A 1 71  ? 1.934   3.312   -3.888  1.00 7.58  ? 71   GLY A C   1 
ATOM   515  O O   . GLY A 1 71  ? 2.759   2.404   -3.790  1.00 7.23  ? 71   GLY A O   1 
ATOM   516  N N   . GLY A 1 72  ? 2.073   4.497   -3.303  1.00 7.81  ? 72   GLY A N   1 
ATOM   517  C CA  . GLY A 1 72  ? 3.150   4.776   -2.357  1.00 8.21  ? 72   GLY A CA  1 
ATOM   518  C C   . GLY A 1 72  ? 4.389   5.449   -2.923  1.00 8.51  ? 72   GLY A C   1 
ATOM   519  O O   . GLY A 1 72  ? 5.363   5.641   -2.202  1.00 8.05  ? 72   GLY A O   1 
ATOM   520  N N   . ASP A 1 73  ? 4.369   5.814   -4.203  1.00 9.15  ? 73   ASP A N   1 
ATOM   521  C CA  . ASP A 1 73  ? 5.481   6.562   -4.786  1.00 9.73  ? 73   ASP A CA  1 
ATOM   522  C C   . ASP A 1 73  ? 5.273   8.058   -4.552  1.00 10.29 ? 73   ASP A C   1 
ATOM   523  O O   . ASP A 1 73  ? 4.782   8.775   -5.424  1.00 10.67 ? 73   ASP A O   1 
ATOM   524  C CB  . ASP A 1 73  ? 5.631   6.256   -6.281  1.00 9.80  ? 73   ASP A CB  1 
ATOM   525  C CG  . ASP A 1 73  ? 6.825   6.959   -6.908  1.00 9.97  ? 73   ASP A CG  1 
ATOM   526  O OD1 . ASP A 1 73  ? 7.542   7.692   -6.193  1.00 10.14 ? 73   ASP A OD1 1 
ATOM   527  O OD2 . ASP A 1 73  ? 7.045   6.780   -8.124  1.00 11.01 ? 73   ASP A OD2 1 
ATOM   528  N N   . PHE A 1 74  ? 5.658   8.525   -3.369  1.00 10.87 ? 74   PHE A N   1 
ATOM   529  C CA  . PHE A 1 74  ? 5.519   9.946   -3.022  1.00 11.45 ? 74   PHE A CA  1 
ATOM   530  C C   . PHE A 1 74  ? 6.713   10.790  -3.482  1.00 12.07 ? 74   PHE A C   1 
ATOM   531  O O   . PHE A 1 74  ? 6.745   11.998  -3.244  0.60 11.90 ? 74   PHE A O   1 
ATOM   532  C CB  . PHE A 1 74  ? 5.277   10.128  -1.513  1.00 11.54 ? 74   PHE A CB  1 
ATOM   533  C CG  . PHE A 1 74  ? 6.341   9.522   -0.641  1.00 11.35 ? 74   PHE A CG  1 
ATOM   534  C CD1 . PHE A 1 74  ? 6.116   8.314   0.008   1.00 11.49 ? 74   PHE A CD1 1 
ATOM   535  C CD2 . PHE A 1 74  ? 7.560   10.159  -0.456  1.00 11.68 ? 74   PHE A CD2 1 
ATOM   536  C CE1 . PHE A 1 74  ? 7.090   7.752   0.813   1.00 11.61 ? 74   PHE A CE1 1 
ATOM   537  C CE2 . PHE A 1 74  ? 8.539   9.599   0.349   1.00 11.95 ? 74   PHE A CE2 1 
ATOM   538  C CZ  . PHE A 1 74  ? 8.304   8.393   0.983   1.00 11.85 ? 74   PHE A CZ  1 
ATOM   539  N N   . VAL A 1 75  ? 7.688   10.159  -4.136  1.00 12.82 ? 75   VAL A N   1 
ATOM   540  C CA  . VAL A 1 75  ? 8.881   10.858  -4.614  1.00 13.42 ? 75   VAL A CA  1 
ATOM   541  C C   . VAL A 1 75  ? 8.710   11.293  -6.067  1.00 13.97 ? 75   VAL A C   1 
ATOM   542  O O   . VAL A 1 75  ? 8.922   12.462  -6.394  0.50 13.87 ? 75   VAL A O   1 
ATOM   543  C CB  . VAL A 1 75  ? 10.145  9.976   -4.465  1.00 13.60 ? 75   VAL A CB  1 
ATOM   544  C CG1 . VAL A 1 75  ? 11.382  10.699  -5.011  1.00 13.86 ? 75   VAL A CG1 1 
ATOM   545  C CG2 . VAL A 1 75  ? 10.351  9.587   -3.004  1.00 13.73 ? 75   VAL A CG2 1 
ATOM   546  N N   . LYS A 1 76  ? 8.328   10.349  -6.925  1.00 14.43 ? 76   LYS A N   1 
ATOM   547  C CA  . LYS A 1 76  ? 8.171   10.605  -8.362  1.00 14.81 ? 76   LYS A CA  1 
ATOM   548  C C   . LYS A 1 76  ? 6.716   10.551  -8.850  1.00 15.18 ? 76   LYS A C   1 
ATOM   549  O O   . LYS A 1 76  ? 6.397   11.106  -9.904  0.60 15.17 ? 76   LYS A O   1 
ATOM   550  C CB  . LYS A 1 76  ? 9.039   9.626   -9.159  1.00 14.99 ? 76   LYS A CB  1 
ATOM   551  C CG  . LYS A 1 76  ? 10.530  9.788   -8.884  1.00 15.26 ? 76   LYS A CG  1 
ATOM   552  C CD  . LYS A 1 76  ? 11.383  8.903   -9.772  0.10 14.99 ? 76   LYS A CD  1 
ATOM   553  C CE  . LYS A 1 76  ? 12.862  9.202   -9.598  0.10 15.08 ? 76   LYS A CE  1 
ATOM   554  N NZ  . LYS A 1 76  ? 13.711  8.335   -10.462 0.10 15.15 ? 76   LYS A NZ  1 
ATOM   555  N N   . GLY A 1 77  ? 5.841   9.889   -8.095  1.00 15.43 ? 77   GLY A N   1 
ATOM   556  C CA  . GLY A 1 77  ? 4.413   9.832   -8.418  1.00 15.57 ? 77   GLY A CA  1 
ATOM   557  C C   . GLY A 1 77  ? 3.993   8.925   -9.565  1.00 15.76 ? 77   GLY A C   1 
ATOM   558  O O   . GLY A 1 77  ? 2.814   8.898   -9.925  0.40 15.75 ? 77   GLY A O   1 
ATOM   559  N N   . ASP A 1 78  ? 4.933   8.172   -10.135 1.00 15.85 ? 78   ASP A N   1 
ATOM   560  C CA  . ASP A 1 78  ? 4.653   7.362   -11.330 1.00 15.80 ? 78   ASP A CA  1 
ATOM   561  C C   . ASP A 1 78  ? 5.047   5.884   -11.214 1.00 15.70 ? 78   ASP A C   1 
ATOM   562  O O   . ASP A 1 78  ? 4.995   5.148   -12.201 0.50 15.71 ? 78   ASP A O   1 
ATOM   563  C CB  . ASP A 1 78  ? 5.338   7.988   -12.553 1.00 15.97 ? 78   ASP A CB  1 
ATOM   564  C CG  . ASP A 1 78  ? 6.851   8.072   -12.410 1.00 16.24 ? 78   ASP A CG  1 
ATOM   565  O OD1 . ASP A 1 78  ? 7.395   7.591   -11.392 0.70 15.57 ? 78   ASP A OD1 1 
ATOM   566  O OD2 . ASP A 1 78  ? 7.499   8.626   -13.323 0.70 16.55 ? 78   ASP A OD2 1 
ATOM   567  N N   . GLY A 1 79  ? 5.435   5.450   -10.016 1.00 15.49 ? 79   GLY A N   1 
ATOM   568  C CA  . GLY A 1 79  ? 5.830   4.066   -9.791  1.00 15.34 ? 79   GLY A CA  1 
ATOM   569  C C   . GLY A 1 79  ? 7.303   3.769   -10.011 1.00 15.15 ? 79   GLY A C   1 
ATOM   570  O O   . GLY A 1 79  ? 7.715   2.614   -9.912  0.70 15.23 ? 79   GLY A O   1 
ATOM   571  N N   . THR A 1 80  ? 8.101   4.798   -10.302 1.00 14.84 ? 80   THR A N   1 
ATOM   572  C CA  . THR A 1 80  ? 9.543   4.623   -10.498 1.00 14.58 ? 80   THR A CA  1 
ATOM   573  C C   . THR A 1 80  ? 10.369  4.949   -9.250  1.00 14.30 ? 80   THR A C   1 
ATOM   574  O O   . THR A 1 80  ? 11.554  4.618   -9.194  0.50 14.20 ? 80   THR A O   1 
ATOM   575  C CB  . THR A 1 80  ? 10.070  5.485   -11.669 1.00 14.69 ? 80   THR A CB  1 
ATOM   576  O OG1 . THR A 1 80  ? 9.820   6.872   -11.411 1.00 14.82 ? 80   THR A OG1 1 
ATOM   577  C CG2 . THR A 1 80  ? 9.399   5.085   -12.972 1.00 15.05 ? 80   THR A CG2 1 
ATOM   578  N N   . GLY A 1 81  ? 9.747   5.586   -8.257  1.00 13.75 ? 81   GLY A N   1 
ATOM   579  C CA  . GLY A 1 81  ? 10.469  6.086   -7.087  1.00 13.45 ? 81   GLY A CA  1 
ATOM   580  C C   . GLY A 1 81  ? 9.887   5.697   -5.741  1.00 13.11 ? 81   GLY A C   1 
ATOM   581  O O   . GLY A 1 81  ? 8.982   4.865   -5.646  1.00 13.07 ? 81   GLY A O   1 
ATOM   582  N N   . GLY A 1 82  ? 10.422  6.319   -4.695  1.00 12.71 ? 82   GLY A N   1 
ATOM   583  C CA  . GLY A 1 82  ? 10.022  6.040   -3.322  1.00 12.42 ? 82   GLY A CA  1 
ATOM   584  C C   . GLY A 1 82  ? 11.232  5.927   -2.416  1.00 12.12 ? 82   GLY A C   1 
ATOM   585  O O   . GLY A 1 82  ? 12.367  5.810   -2.882  1.00 12.41 ? 82   GLY A O   1 
ATOM   586  N N   . LYS A 1 83  ? 10.986  5.971   -1.114  1.00 11.46 ? 83   LYS A N   1 
ATOM   587  C CA  . LYS A 1 83  ? 12.046  5.794   -0.129  1.00 11.38 ? 83   LYS A CA  1 
ATOM   588  C C   . LYS A 1 83  ? 11.437  5.390   1.199   1.00 10.80 ? 83   LYS A C   1 
ATOM   589  O O   . LYS A 1 83  ? 10.281  5.705   1.478   1.00 10.67 ? 83   LYS A O   1 
ATOM   590  C CB  . LYS A 1 83  ? 12.872  7.073   0.030   1.00 11.59 ? 83   LYS A CB  1 
ATOM   591  C CG  . LYS A 1 83  ? 12.105  8.262   0.587   1.00 11.92 ? 83   LYS A CG  1 
ATOM   592  C CD  . LYS A 1 83  ? 12.998  9.484   0.711   1.00 12.05 ? 83   LYS A CD  1 
ATOM   593  C CE  . LYS A 1 83  ? 12.250  10.668  1.291   0.70 12.31 ? 83   LYS A CE  1 
ATOM   594  N NZ  . LYS A 1 83  ? 13.143  11.841  1.494   0.70 12.82 ? 83   LYS A NZ  1 
ATOM   595  N N   . SER A 1 84  ? 12.222  4.689   2.010   1.00 10.32 ? 84   SER A N   1 
ATOM   596  C CA  . SER A 1 84  ? 11.774  4.232   3.318   1.00 10.10 ? 84   SER A CA  1 
ATOM   597  C C   . SER A 1 84  ? 12.333  5.135   4.402   1.00 9.83  ? 84   SER A C   1 
ATOM   598  O O   . SER A 1 84  ? 13.193  5.979   4.143   1.00 9.88  ? 84   SER A O   1 
ATOM   599  C CB  . SER A 1 84  ? 12.226  2.790   3.561   1.00 9.98  ? 84   SER A CB  1 
ATOM   600  O OG  . SER A 1 84  ? 13.600  2.723   3.901   1.00 9.91  ? 84   SER A OG  1 
ATOM   601  N N   . ILE A 1 85  ? 11.851  4.939   5.624   1.00 9.56  ? 85   ILE A N   1 
ATOM   602  C CA  . ILE A 1 85  ? 12.390  5.662   6.779   1.00 9.52  ? 85   ILE A CA  1 
ATOM   603  C C   . ILE A 1 85  ? 13.817  5.212   7.122   1.00 9.63  ? 85   ILE A C   1 
ATOM   604  O O   . ILE A 1 85  ? 14.511  5.888   7.886   1.00 9.92  ? 85   ILE A O   1 
ATOM   605  C CB  . ILE A 1 85  ? 11.487  5.517   8.030   1.00 9.39  ? 85   ILE A CB  1 
ATOM   606  C CG1 . ILE A 1 85  ? 11.411  4.058   8.502   1.00 9.15  ? 85   ILE A CG1 1 
ATOM   607  C CG2 . ILE A 1 85  ? 10.091  6.070   7.747   1.00 9.23  ? 85   ILE A CG2 1 
ATOM   608  C CD1 . ILE A 1 85  ? 10.743  3.896   9.854   1.00 9.33  ? 85   ILE A CD1 1 
ATOM   609  N N   . TYR A 1 86  ? 14.238  4.073   6.569   1.00 9.54  ? 86   TYR A N   1 
ATOM   610  C CA  . TYR A 1 86  ? 15.572  3.509   6.817   1.00 9.71  ? 86   TYR A CA  1 
ATOM   611  C C   . TYR A 1 86  ? 16.608  3.942   5.781   1.00 10.02 ? 86   TYR A C   1 
ATOM   612  O O   . TYR A 1 86  ? 17.797  3.665   5.939   0.50 9.78  ? 86   TYR A O   1 
ATOM   613  C CB  . TYR A 1 86  ? 15.489  1.981   6.835   1.00 9.47  ? 86   TYR A CB  1 
ATOM   614  C CG  . TYR A 1 86  ? 14.433  1.458   7.781   1.00 9.21  ? 86   TYR A CG  1 
ATOM   615  C CD1 . TYR A 1 86  ? 13.368  0.690   7.323   1.00 8.99  ? 86   TYR A CD1 1 
ATOM   616  C CD2 . TYR A 1 86  ? 14.491  1.755   9.134   1.00 9.60  ? 86   TYR A CD2 1 
ATOM   617  C CE1 . TYR A 1 86  ? 12.397  0.218   8.196   1.00 8.83  ? 86   TYR A CE1 1 
ATOM   618  C CE2 . TYR A 1 86  ? 13.533  1.292   10.015  1.00 9.48  ? 86   TYR A CE2 1 
ATOM   619  C CZ  . TYR A 1 86  ? 12.484  0.523   9.543   1.00 8.89  ? 86   TYR A CZ  1 
ATOM   620  O OH  . TYR A 1 86  ? 11.529  0.070   10.423  1.00 8.86  ? 86   TYR A OH  1 
ATOM   621  N N   . GLY A 1 87  ? 16.150  4.613   4.729   1.00 10.21 ? 87   GLY A N   1 
ATOM   622  C CA  . GLY A 1 87  ? 17.003  5.012   3.616   1.00 10.37 ? 87   GLY A CA  1 
ATOM   623  C C   . GLY A 1 87  ? 16.330  4.678   2.302   1.00 10.55 ? 87   GLY A C   1 
ATOM   624  O O   . GLY A 1 87  ? 15.152  4.314   2.275   1.00 10.62 ? 87   GLY A O   1 
ATOM   625  N N   . ARG A 1 88  ? 17.079  4.784   1.210   1.00 10.77 ? 88   ARG A N   1 
ATOM   626  C CA  . ARG A 1 88  ? 16.523  4.559   -0.124  1.00 10.97 ? 88   ARG A CA  1 
ATOM   627  C C   . ARG A 1 88  ? 15.885  3.179   -0.267  1.00 11.05 ? 88   ARG A C   1 
ATOM   628  O O   . ARG A 1 88  ? 14.848  3.035   -0.917  1.00 11.51 ? 88   ARG A O   1 
ATOM   629  C CB  . ARG A 1 88  ? 17.595  4.736   -1.197  1.00 11.19 ? 88   ARG A CB  1 
ATOM   630  C CG  . ARG A 1 88  ? 18.095  6.163   -1.359  0.30 11.33 ? 88   ARG A CG  1 
ATOM   631  C CD  . ARG A 1 88  ? 18.773  6.374   -2.710  0.30 11.51 ? 88   ARG A CD  1 
ATOM   632  N NE  . ARG A 1 88  ? 17.812  6.683   -3.775  0.30 12.21 ? 88   ARG A NE  1 
ATOM   633  C CZ  . ARG A 1 88  ? 17.262  5.801   -4.616  0.30 12.39 ? 88   ARG A CZ  1 
ATOM   634  N NH1 . ARG A 1 88  ? 17.555  4.503   -4.560  0.30 12.68 ? 88   ARG A NH1 1 
ATOM   635  N NH2 . ARG A 1 88  ? 16.403  6.228   -5.534  0.30 12.53 ? 88   ARG A NH2 1 
ATOM   636  N N   . LYS A 1 89  ? 16.510  2.171   0.334   1.00 10.90 ? 89   LYS A N   1 
ATOM   637  C CA  . LYS A 1 89  ? 15.958  0.822   0.339   1.00 10.68 ? 89   LYS A CA  1 
ATOM   638  C C   . LYS A 1 89  ? 16.235  0.108   1.654   1.00 10.29 ? 89   LYS A C   1 
ATOM   639  O O   . LYS A 1 89  ? 17.115  0.513   2.418   1.00 10.31 ? 89   LYS A O   1 
ATOM   640  C CB  . LYS A 1 89  ? 16.514  0.003   -0.831  1.00 11.01 ? 89   LYS A CB  1 
ATOM   641  C CG  . LYS A 1 89  ? 18.018  -0.235  -0.793  1.00 11.71 ? 89   LYS A CG  1 
ATOM   642  C CD  . LYS A 1 89  ? 18.488  -0.969  -2.040  1.00 11.91 ? 89   LYS A CD  1 
ATOM   643  C CE  . LYS A 1 89  ? 19.992  -1.181  -2.033  1.00 12.60 ? 89   LYS A CE  1 
ATOM   644  N NZ  . LYS A 1 89  ? 20.463  -1.826  -3.288  0.50 12.61 ? 89   LYS A NZ  1 
ATOM   645  N N   . PHE A 1 90  ? 15.467  -0.946  1.920   1.00 9.65  ? 90   PHE A N   1 
ATOM   646  C CA  . PHE A 1 90  ? 15.759  -1.841  3.039   1.00 9.25  ? 90   PHE A CA  1 
ATOM   647  C C   . PHE A 1 90  ? 15.471  -3.299  2.694   1.00 9.06  ? 90   PHE A C   1 
ATOM   648  O O   . PHE A 1 90  ? 14.749  -3.599  1.738   1.00 8.72  ? 90   PHE A O   1 
ATOM   649  C CB  . PHE A 1 90  ? 15.063  -1.395  4.340   1.00 8.86  ? 90   PHE A CB  1 
ATOM   650  C CG  . PHE A 1 90  ? 13.557  -1.509  4.331   1.00 8.56  ? 90   PHE A CG  1 
ATOM   651  C CD1 . PHE A 1 90  ? 12.922  -2.535  5.021   1.00 8.37  ? 90   PHE A CD1 1 
ATOM   652  C CD2 . PHE A 1 90  ? 12.776  -0.562  3.687   1.00 8.14  ? 90   PHE A CD2 1 
ATOM   653  C CE1 . PHE A 1 90  ? 11.536  -2.635  5.041   1.00 8.60  ? 90   PHE A CE1 1 
ATOM   654  C CE2 . PHE A 1 90  ? 11.383  -0.653  3.706   1.00 7.76  ? 90   PHE A CE2 1 
ATOM   655  C CZ  . PHE A 1 90  ? 10.767  -1.691  4.383   1.00 8.24  ? 90   PHE A CZ  1 
ATOM   656  N N   . ASP A 1 91  ? 16.071  -4.196  3.469   1.00 8.95  ? 91   ASP A N   1 
ATOM   657  C CA  . ASP A 1 91  ? 16.029  -5.630  3.190   1.00 8.96  ? 91   ASP A CA  1 
ATOM   658  C C   . ASP A 1 91  ? 14.643  -6.222  3.363   1.00 8.69  ? 91   ASP A C   1 
ATOM   659  O O   . ASP A 1 91  ? 13.814  -5.697  4.115   1.00 8.70  ? 91   ASP A O   1 
ATOM   660  C CB  . ASP A 1 91  ? 16.983  -6.393  4.117   1.00 9.12  ? 91   ASP A CB  1 
ATOM   661  C CG  . ASP A 1 91  ? 18.446  -6.130  3.814   1.00 10.05 ? 91   ASP A CG  1 
ATOM   662  O OD1 . ASP A 1 91  ? 18.756  -5.487  2.788   0.80 9.78  ? 91   ASP A OD1 1 
ATOM   663  O OD2 . ASP A 1 91  ? 19.288  -6.586  4.618   0.80 11.67 ? 91   ASP A OD2 1 
ATOM   664  N N   . ASP A 1 92  ? 14.411  -7.333  2.669   1.00 8.30  ? 92   ASP A N   1 
ATOM   665  C CA  . ASP A 1 92  ? 13.230  -8.150  2.897   1.00 8.33  ? 92   ASP A CA  1 
ATOM   666  C C   . ASP A 1 92  ? 13.338  -8.729  4.301   1.00 8.09  ? 92   ASP A C   1 
ATOM   667  O O   . ASP A 1 92  ? 14.264  -9.482  4.607   1.00 8.37  ? 92   ASP A O   1 
ATOM   668  C CB  . ASP A 1 92  ? 13.132  -9.267  1.855   1.00 8.49  ? 92   ASP A CB  1 
ATOM   669  C CG  . ASP A 1 92  ? 12.943  -8.735  0.445   1.00 8.94  ? 92   ASP A CG  1 
ATOM   670  O OD1 . ASP A 1 92  ? 12.167  -7.769  0.265   1.00 9.68  ? 92   ASP A OD1 1 
ATOM   671  O OD2 . ASP A 1 92  ? 13.569  -9.283  -0.490  1.00 9.20  ? 92   ASP A OD2 1 
ATOM   672  N N   . GLU A 1 93  ? 12.398  -8.354  5.160   1.00 7.70  ? 93   GLU A N   1 
ATOM   673  C CA  . GLU A 1 93  ? 12.466  -8.708  6.572   1.00 7.79  ? 93   GLU A CA  1 
ATOM   674  C C   . GLU A 1 93  ? 12.249  -10.202 6.772   1.00 7.67  ? 93   GLU A C   1 
ATOM   675  O O   . GLU A 1 93  ? 13.069  -10.872 7.397   1.00 7.88  ? 93   GLU A O   1 
ATOM   676  C CB  . GLU A 1 93  ? 11.437  -7.895  7.352   1.00 7.67  ? 93   GLU A CB  1 
ATOM   677  C CG  . GLU A 1 93  ? 11.553  -8.025  8.853   1.00 7.81  ? 93   GLU A CG  1 
ATOM   678  C CD  . GLU A 1 93  ? 10.776  -6.954  9.592   1.00 8.34  ? 93   GLU A CD  1 
ATOM   679  O OE1 . GLU A 1 93  ? 9.934   -6.268  8.971   1.00 8.46  ? 93   GLU A OE1 1 
ATOM   680  O OE2 . GLU A 1 93  ? 11.017  -6.783  10.804  1.00 9.17  ? 93   GLU A OE2 1 
ATOM   681  N N   . ASN A 1 94  ? 11.137  -10.706 6.244   1.00 7.56  ? 94   ASN A N   1 
ATOM   682  C CA  . ASN A 1 94  ? 10.886  -12.144 6.141   1.00 7.38  ? 94   ASN A CA  1 
ATOM   683  C C   . ASN A 1 94  ? 9.702   -12.380 5.215   1.00 7.35  ? 94   ASN A C   1 
ATOM   684  O O   . ASN A 1 94  ? 9.035   -11.428 4.811   1.00 7.21  ? 94   ASN A O   1 
ATOM   685  C CB  . ASN A 1 94  ? 10.634  -12.783 7.514   1.00 7.38  ? 94   ASN A CB  1 
ATOM   686  C CG  . ASN A 1 94  ? 9.407   -12.225 8.209   1.00 7.25  ? 94   ASN A CG  1 
ATOM   687  O OD1 . ASN A 1 94  ? 8.288   -12.326 7.703   1.00 7.24  ? 94   ASN A OD1 1 
ATOM   688  N ND2 . ASN A 1 94  ? 9.610   -11.650 9.391   1.00 7.69  ? 94   ASN A ND2 1 
ATOM   689  N N   . PHE A 1 95  ? 9.441   -13.641 4.887   1.00 7.25  ? 95   PHE A N   1 
ATOM   690  C CA  . PHE A 1 95  ? 8.326   -13.993 4.009   1.00 7.40  ? 95   PHE A CA  1 
ATOM   691  C C   . PHE A 1 95  ? 7.333   -14.898 4.731   1.00 7.57  ? 95   PHE A C   1 
ATOM   692  O O   . PHE A 1 95  ? 6.785   -15.829 4.148   1.00 7.36  ? 95   PHE A O   1 
ATOM   693  C CB  . PHE A 1 95  ? 8.854   -14.648 2.730   1.00 7.23  ? 95   PHE A CB  1 
ATOM   694  C CG  . PHE A 1 95  ? 9.753   -13.754 1.934   1.00 7.12  ? 95   PHE A CG  1 
ATOM   695  C CD1 . PHE A 1 95  ? 11.126  -13.781 2.127   1.00 6.99  ? 95   PHE A CD1 1 
ATOM   696  C CD2 . PHE A 1 95  ? 9.223   -12.859 1.015   1.00 6.54  ? 95   PHE A CD2 1 
ATOM   697  C CE1 . PHE A 1 95  ? 11.956  -12.947 1.402   1.00 7.14  ? 95   PHE A CE1 1 
ATOM   698  C CE2 . PHE A 1 95  ? 10.051  -12.018 0.286   1.00 7.11  ? 95   PHE A CE2 1 
ATOM   699  C CZ  . PHE A 1 95  ? 11.418  -12.065 0.480   1.00 7.35  ? 95   PHE A CZ  1 
ATOM   700  N N   . GLN A 1 96  ? 7.085   -14.599 6.003   1.00 7.75  ? 96   GLN A N   1 
ATOM   701  C CA  . GLN A 1 96  ? 6.241   -15.452 6.834   1.00 8.22  ? 96   GLN A CA  1 
ATOM   702  C C   . GLN A 1 96  ? 4.748   -15.286 6.540   1.00 8.25  ? 96   GLN A C   1 
ATOM   703  O O   . GLN A 1 96  ? 3.987   -16.238 6.676   1.00 8.82  ? 96   GLN A O   1 
ATOM   704  C CB  . GLN A 1 96  ? 6.542   -15.217 8.318   1.00 8.19  ? 96   GLN A CB  1 
ATOM   705  C CG  . GLN A 1 96  ? 7.948   -15.682 8.703   1.00 8.96  ? 96   GLN A CG  1 
ATOM   706  C CD  . GLN A 1 96  ? 8.262   -15.512 10.177  1.00 9.62  ? 96   GLN A CD  1 
ATOM   707  O OE1 . GLN A 1 96  ? 7.524   -15.982 11.046  1.00 13.50 ? 96   GLN A OE1 1 
ATOM   708  N NE2 . GLN A 1 96  ? 9.378   -14.854 10.465  1.00 12.04 ? 96   GLN A NE2 1 
ATOM   709  N N   . LEU A 1 97  ? 4.330   -14.088 6.137   1.00 8.15  ? 97   LEU A N   1 
ATOM   710  C CA  . LEU A 1 97  ? 2.925   -13.838 5.808   1.00 8.23  ? 97   LEU A CA  1 
ATOM   711  C C   . LEU A 1 97  ? 2.657   -14.052 4.319   1.00 8.20  ? 97   LEU A C   1 
ATOM   712  O O   . LEU A 1 97  ? 3.535   -13.836 3.475   1.00 7.76  ? 97   LEU A O   1 
ATOM   713  C CB  . LEU A 1 97  ? 2.517   -12.429 6.234   1.00 8.14  ? 97   LEU A CB  1 
ATOM   714  C CG  . LEU A 1 97  ? 2.526   -12.188 7.747   1.00 8.53  ? 97   LEU A CG  1 
ATOM   715  C CD1 . LEU A 1 97  ? 2.501   -10.700 8.043   1.00 8.52  ? 97   LEU A CD1 1 
ATOM   716  C CD2 . LEU A 1 97  ? 1.366   -12.902 8.430   1.00 9.65  ? 97   LEU A CD2 1 
ATOM   717  N N   . ARG A 1 98  ? 1.432   -14.470 4.010   1.00 8.46  ? 98   ARG A N   1 
ATOM   718  C CA  . ARG A 1 98  ? 1.059   -14.883 2.660   1.00 8.94  ? 98   ARG A CA  1 
ATOM   719  C C   . ARG A 1 98  ? 0.075   -13.912 2.012   1.00 8.74  ? 98   ARG A C   1 
ATOM   720  O O   . ARG A 1 98  ? -0.694  -13.232 2.698   1.00 8.39  ? 98   ARG A O   1 
ATOM   721  C CB  . ARG A 1 98  ? 0.431   -16.279 2.699   1.00 8.96  ? 98   ARG A CB  1 
ATOM   722  C CG  . ARG A 1 98  ? 1.385   -17.384 3.122   1.00 9.74  ? 98   ARG A CG  1 
ATOM   723  C CD  . ARG A 1 98  ? 0.716   -18.749 3.047   1.00 10.65 ? 98   ARG A CD  1 
ATOM   724  N NE  . ARG A 1 98  ? -0.253  -18.951 4.127   0.50 11.89 ? 98   ARG A NE  1 
ATOM   725  C CZ  . ARG A 1 98  ? -0.094  -19.763 5.175   0.50 12.56 ? 98   ARG A CZ  1 
ATOM   726  N NH1 . ARG A 1 98  ? 1.008   -20.497 5.331   0.50 13.44 ? 98   ARG A NH1 1 
ATOM   727  N NH2 . ARG A 1 98  ? -1.060  -19.851 6.085   0.50 12.91 ? 98   ARG A NH2 1 
ATOM   728  N N   . HIS A 1 99  ? 0.104   -13.862 0.681   1.00 8.79  ? 99   HIS A N   1 
ATOM   729  C CA  . HIS A 1 99  ? -0.876  -13.114 -0.100  1.00 9.19  ? 99   HIS A CA  1 
ATOM   730  C C   . HIS A 1 99  ? -2.130  -13.978 -0.212  1.00 9.63  ? 99   HIS A C   1 
ATOM   731  O O   . HIS A 1 99  ? -2.464  -14.472 -1.291  1.00 10.14 ? 99   HIS A O   1 
ATOM   732  C CB  . HIS A 1 99  ? -0.327  -12.794 -1.495  1.00 8.86  ? 99   HIS A CB  1 
ATOM   733  C CG  . HIS A 1 99  ? 0.927   -11.972 -1.491  1.00 8.17  ? 99   HIS A CG  1 
ATOM   734  N ND1 . HIS A 1 99  ? 2.179   -12.521 -1.304  1.00 7.28  ? 99   HIS A ND1 1 
ATOM   735  C CD2 . HIS A 1 99  ? 1.125   -10.646 -1.684  1.00 7.41  ? 99   HIS A CD2 1 
ATOM   736  C CE1 . HIS A 1 99  ? 3.091   -11.567 -1.368  1.00 7.36  ? 99   HIS A CE1 1 
ATOM   737  N NE2 . HIS A 1 99  ? 2.477   -10.419 -1.600  1.00 7.41  ? 99   HIS A NE2 1 
ATOM   738  N N   . GLU A 1 100 ? -2.826  -14.143 0.910   1.00 10.06 ? 100  GLU A N   1 
ATOM   739  C CA  . GLU A 1 100 ? -3.845  -15.187 1.048   1.00 10.36 ? 100  GLU A CA  1 
ATOM   740  C C   . GLU A 1 100 ? -5.267  -14.778 0.662   1.00 10.43 ? 100  GLU A C   1 
ATOM   741  O O   . GLU A 1 100 ? -6.173  -15.610 0.697   0.70 10.46 ? 100  GLU A O   1 
ATOM   742  C CB  . GLU A 1 100 ? -3.842  -15.735 2.481   1.00 10.83 ? 100  GLU A CB  1 
ATOM   743  C CG  . GLU A 1 100 ? -4.303  -14.752 3.551   1.00 11.50 ? 100  GLU A CG  1 
ATOM   744  C CD  . GLU A 1 100 ? -4.401  -15.383 4.932   0.30 11.03 ? 100  GLU A CD  1 
ATOM   745  O OE1 . GLU A 1 100 ? -4.044  -16.571 5.085   0.30 12.26 ? 100  GLU A OE1 1 
ATOM   746  O OE2 . GLU A 1 100 ? -4.837  -14.684 5.871   0.30 12.17 ? 100  GLU A OE2 1 
ATOM   747  N N   . GLY A 1 101 ? -5.474  -13.515 0.302   1.00 10.21 ? 101  GLY A N   1 
ATOM   748  C CA  . GLY A 1 101 ? -6.805  -13.065 -0.100  1.00 9.93  ? 101  GLY A CA  1 
ATOM   749  C C   . GLY A 1 101 ? -6.977  -11.562 -0.145  1.00 9.78  ? 101  GLY A C   1 
ATOM   750  O O   . GLY A 1 101 ? -6.006  -10.809 -0.058  1.00 9.87  ? 101  GLY A O   1 
ATOM   751  N N   . PHE A 1 102 ? -8.228  -11.130 -0.273  1.00 9.61  ? 102  PHE A N   1 
ATOM   752  C CA  . PHE A 1 102 ? -8.546  -9.715  -0.414  1.00 9.19  ? 102  PHE A CA  1 
ATOM   753  C C   . PHE A 1 102 ? -7.989  -8.889  0.739   1.00 8.90  ? 102  PHE A C   1 
ATOM   754  O O   . PHE A 1 102 ? -8.135  -9.258  1.902   1.00 9.24  ? 102  PHE A O   1 
ATOM   755  C CB  . PHE A 1 102 ? -10.062 -9.495  -0.485  1.00 9.31  ? 102  PHE A CB  1 
ATOM   756  C CG  . PHE A 1 102 ? -10.449 -8.070  -0.771  1.00 9.33  ? 102  PHE A CG  1 
ATOM   757  C CD1 . PHE A 1 102 ? -10.458 -7.119  0.244   1.00 9.59  ? 102  PHE A CD1 1 
ATOM   758  C CD2 . PHE A 1 102 ? -10.785 -7.674  -2.054  1.00 9.63  ? 102  PHE A CD2 1 
ATOM   759  C CE1 . PHE A 1 102 ? -10.796 -5.802  -0.022  1.00 9.30  ? 102  PHE A CE1 1 
ATOM   760  C CE2 . PHE A 1 102 ? -11.126 -6.358  -2.325  1.00 9.48  ? 102  PHE A CE2 1 
ATOM   761  C CZ  . PHE A 1 102 ? -11.130 -5.423  -1.307  1.00 9.51  ? 102  PHE A CZ  1 
ATOM   762  N N   . GLY A 1 103 ? -7.366  -7.764  0.403   1.00 8.32  ? 103  GLY A N   1 
ATOM   763  C CA  . GLY A 1 103 ? -6.982  -6.768  1.392   1.00 8.08  ? 103  GLY A CA  1 
ATOM   764  C C   . GLY A 1 103 ? -5.573  -6.894  1.926   1.00 7.75  ? 103  GLY A C   1 
ATOM   765  O O   . GLY A 1 103 ? -5.137  -6.051  2.709   1.00 7.64  ? 103  GLY A O   1 
ATOM   766  N N   . VAL A 1 104 ? -4.854  -7.935  1.516   1.00 7.39  ? 104  VAL A N   1 
ATOM   767  C CA  . VAL A 1 104 ? -3.482  -8.131  1.979   1.00 7.23  ? 104  VAL A CA  1 
ATOM   768  C C   . VAL A 1 104 ? -2.587  -6.985  1.495   1.00 7.00  ? 104  VAL A C   1 
ATOM   769  O O   . VAL A 1 104 ? -2.630  -6.597  0.324   1.00 7.12  ? 104  VAL A O   1 
ATOM   770  C CB  . VAL A 1 104 ? -2.908  -9.495  1.524   1.00 7.48  ? 104  VAL A CB  1 
ATOM   771  C CG1 . VAL A 1 104 ? -1.416  -9.585  1.824   1.00 8.17  ? 104  VAL A CG1 1 
ATOM   772  C CG2 . VAL A 1 104 ? -3.654  -10.638 2.202   1.00 8.26  ? 104  VAL A CG2 1 
ATOM   773  N N   . LEU A 1 105 ? -1.798  -6.451  2.426   1.00 6.58  ? 105  LEU A N   1 
ATOM   774  C CA  A LEU A 1 105 ? -0.882  -5.356  2.157   0.50 6.64  ? 105  LEU A CA  1 
ATOM   775  C CA  B LEU A 1 105 ? -0.860  -5.359  2.152   0.50 6.60  ? 105  LEU A CA  1 
ATOM   776  C C   . LEU A 1 105 ? 0.531   -5.922  1.980   1.00 6.51  ? 105  LEU A C   1 
ATOM   777  O O   . LEU A 1 105 ? 1.012   -6.668  2.832   1.00 6.52  ? 105  LEU A O   1 
ATOM   778  C CB  A LEU A 1 105 ? -0.942  -4.380  3.333   0.50 6.69  ? 105  LEU A CB  1 
ATOM   779  C CB  B LEU A 1 105 ? -0.799  -4.369  3.310   0.50 6.60  ? 105  LEU A CB  1 
ATOM   780  C CG  A LEU A 1 105 ? -0.561  -2.914  3.161   0.50 6.88  ? 105  LEU A CG  1 
ATOM   781  C CG  B LEU A 1 105 ? -2.038  -3.578  3.701   0.50 6.62  ? 105  LEU A CG  1 
ATOM   782  C CD1 A LEU A 1 105 ? -1.381  -2.220  2.088   0.50 6.95  ? 105  LEU A CD1 1 
ATOM   783  C CD1 B LEU A 1 105 ? -1.664  -2.640  4.830   0.50 6.81  ? 105  LEU A CD1 1 
ATOM   784  C CD2 A LEU A 1 105 ? -0.734  -2.206  4.499   0.50 7.11  ? 105  LEU A CD2 1 
ATOM   785  C CD2 B LEU A 1 105 ? -2.598  -2.818  2.520   0.50 6.52  ? 105  LEU A CD2 1 
ATOM   786  N N   . SER A 1 106 ? 1.191   -5.552  0.890   1.00 6.29  ? 106  SER A N   1 
ATOM   787  C CA  . SER A 1 106 ? 2.503   -6.101  0.577   1.00 6.29  ? 106  SER A CA  1 
ATOM   788  C C   . SER A 1 106 ? 3.402   -5.054  -0.068  1.00 6.17  ? 106  SER A C   1 
ATOM   789  O O   . SER A 1 106 ? 2.917   -4.099  -0.681  1.00 5.95  ? 106  SER A O   1 
ATOM   790  C CB  . SER A 1 106 ? 2.325   -7.305  -0.345  1.00 6.42  ? 106  SER A CB  1 
ATOM   791  O OG  . SER A 1 106 ? 3.551   -7.964  -0.576  1.00 6.98  ? 106  SER A OG  1 
ATOM   792  N N   . MET A 1 107 ? 4.712   -5.230  0.084   1.00 5.99  ? 107  MET A N   1 
ATOM   793  C CA  . MET A 1 107 ? 5.685   -4.274  -0.440  1.00 6.42  ? 107  MET A CA  1 
ATOM   794  C C   . MET A 1 107 ? 6.002   -4.548  -1.898  1.00 6.58  ? 107  MET A C   1 
ATOM   795  O O   . MET A 1 107 ? 6.330   -5.673  -2.268  1.00 6.63  ? 107  MET A O   1 
ATOM   796  C CB  . MET A 1 107 ? 6.982   -4.319  0.375   1.00 6.33  ? 107  MET A CB  1 
ATOM   797  C CG  . MET A 1 107 ? 6.835   -3.837  1.810   1.00 6.88  ? 107  MET A CG  1 
ATOM   798  S SD  . MET A 1 107 ? 6.226   -2.142  1.933   1.00 7.51  ? 107  MET A SD  1 
ATOM   799  C CE  . MET A 1 107 ? 7.647   -1.214  1.358   1.00 8.18  ? 107  MET A CE  1 
ATOM   800  N N   . ALA A 1 108 ? 5.897   -3.511  -2.723  1.00 6.66  ? 108  ALA A N   1 
ATOM   801  C CA  . ALA A 1 108 ? 6.412   -3.560  -4.082  1.00 7.28  ? 108  ALA A CA  1 
ATOM   802  C C   . ALA A 1 108 ? 7.931   -3.499  -3.995  1.00 7.72  ? 108  ALA A C   1 
ATOM   803  O O   . ALA A 1 108 ? 8.482   -3.034  -2.999  1.00 7.91  ? 108  ALA A O   1 
ATOM   804  C CB  . ALA A 1 108 ? 5.870   -2.394  -4.897  1.00 7.19  ? 108  ALA A CB  1 
ATOM   805  N N   . ASN A 1 109 ? 8.614   -3.980  -5.025  1.00 8.23  ? 109  ASN A N   1 
ATOM   806  C CA  . ASN A 1 109 ? 10.070  -3.918  -5.050  1.00 8.88  ? 109  ASN A CA  1 
ATOM   807  C C   . ASN A 1 109 ? 10.597  -4.043  -6.470  1.00 9.42  ? 109  ASN A C   1 
ATOM   808  O O   . ASN A 1 109 ? 9.815   -4.183  -7.409  1.00 9.93  ? 109  ASN A O   1 
ATOM   809  C CB  . ASN A 1 109 ? 10.668  -4.997  -4.129  1.00 8.73  ? 109  ASN A CB  1 
ATOM   810  C CG  . ASN A 1 109 ? 10.319  -6.409  -4.564  1.00 8.89  ? 109  ASN A CG  1 
ATOM   811  O OD1 . ASN A 1 109 ? 10.538  -6.792  -5.716  1.00 10.15 ? 109  ASN A OD1 1 
ATOM   812  N ND2 . ASN A 1 109 ? 9.803   -7.203  -3.632  1.00 8.04  ? 109  ASN A ND2 1 
ATOM   813  N N   . SER A 1 110 ? 11.920  -3.958  -6.601  1.00 9.94  ? 110  SER A N   1 
ATOM   814  C CA  A SER A 1 110 ? 12.609  -4.141  -7.874  0.50 10.16 ? 110  SER A CA  1 
ATOM   815  C CA  B SER A 1 110 ? 12.602  -4.145  -7.877  0.50 10.12 ? 110  SER A CA  1 
ATOM   816  C C   . SER A 1 110 ? 13.636  -5.261  -7.725  1.00 10.37 ? 110  SER A C   1 
ATOM   817  O O   . SER A 1 110 ? 14.776  -5.144  -8.186  1.00 11.06 ? 110  SER A O   1 
ATOM   818  C CB  A SER A 1 110 ? 13.299  -2.844  -8.295  0.50 10.30 ? 110  SER A CB  1 
ATOM   819  C CB  B SER A 1 110 ? 13.266  -2.839  -8.321  0.50 10.25 ? 110  SER A CB  1 
ATOM   820  O OG  A SER A 1 110 ? 14.382  -2.544  -7.432  0.50 10.91 ? 110  SER A OG  1 
ATOM   821  O OG  B SER A 1 110 ? 12.305  -1.805  -8.468  0.50 10.50 ? 110  SER A OG  1 
ATOM   822  N N   . GLY A 1 111 ? 13.221  -6.344  -7.071  1.00 10.46 ? 111  GLY A N   1 
ATOM   823  C CA  . GLY A 1 111 ? 14.091  -7.480  -6.797  1.00 10.43 ? 111  GLY A CA  1 
ATOM   824  C C   . GLY A 1 111 ? 14.327  -7.630  -5.305  1.00 10.51 ? 111  GLY A C   1 
ATOM   825  O O   . GLY A 1 111 ? 13.801  -6.850  -4.509  1.00 10.46 ? 111  GLY A O   1 
ATOM   826  N N   . PRO A 1 112 ? 15.110  -8.644  -4.912  1.00 10.58 ? 112  PRO A N   1 
ATOM   827  C CA  . PRO A 1 112 ? 15.417  -8.885  -3.506  1.00 10.24 ? 112  PRO A CA  1 
ATOM   828  C C   . PRO A 1 112 ? 15.988  -7.660  -2.799  1.00 9.88  ? 112  PRO A C   1 
ATOM   829  O O   . PRO A 1 112 ? 16.844  -6.970  -3.351  1.00 9.90  ? 112  PRO A O   1 
ATOM   830  C CB  . PRO A 1 112 ? 16.461  -10.003 -3.564  1.00 10.47 ? 112  PRO A CB  1 
ATOM   831  C CG  . PRO A 1 112 ? 16.175  -10.711 -4.829  1.00 10.79 ? 112  PRO A CG  1 
ATOM   832  C CD  . PRO A 1 112 ? 15.732  -9.654  -5.787  1.00 10.63 ? 112  PRO A CD  1 
ATOM   833  N N   . ASN A 1 113 ? 15.490  -7.397  -1.595  1.00 9.55  ? 113  ASN A N   1 
ATOM   834  C CA  . ASN A 1 113 ? 16.042  -6.374  -0.708  1.00 9.36  ? 113  ASN A CA  1 
ATOM   835  C C   . ASN A 1 113 ? 16.052  -4.965  -1.303  1.00 9.11  ? 113  ASN A C   1 
ATOM   836  O O   . ASN A 1 113 ? 17.039  -4.236  -1.171  1.00 9.26  ? 113  ASN A O   1 
ATOM   837  C CB  . ASN A 1 113 ? 17.448  -6.793  -0.252  1.00 9.40  ? 113  ASN A CB  1 
ATOM   838  C CG  . ASN A 1 113 ? 17.454  -8.160  0.402   1.00 9.68  ? 113  ASN A CG  1 
ATOM   839  O OD1 . ASN A 1 113 ? 16.631  -8.440  1.271   1.00 9.30  ? 113  ASN A OD1 1 
ATOM   840  N ND2 . ASN A 1 113 ? 18.373  -9.023  -0.020  1.00 10.65 ? 113  ASN A ND2 1 
ATOM   841  N N   . THR A 1 114 ? 14.945  -4.586  -1.945  1.00 8.66  ? 114  THR A N   1 
ATOM   842  C CA  . THR A 1 114 ? 14.791  -3.247  -2.527  1.00 8.61  ? 114  THR A CA  1 
ATOM   843  C C   . THR A 1 114 ? 13.479  -2.589  -2.093  1.00 8.49  ? 114  THR A C   1 
ATOM   844  O O   . THR A 1 114 ? 12.863  -1.840  -2.858  1.00 9.11  ? 114  THR A O   1 
ATOM   845  C CB  . THR A 1 114 ? 14.848  -3.282  -4.074  1.00 8.64  ? 114  THR A CB  1 
ATOM   846  O OG1 . THR A 1 114 ? 13.810  -4.130  -4.576  1.00 8.98  ? 114  THR A OG1 1 
ATOM   847  C CG2 . THR A 1 114 ? 16.195  -3.785  -4.559  1.00 8.85  ? 114  THR A CG2 1 
ATOM   848  N N   . ASN A 1 115 ? 13.060  -2.850  -0.858  1.00 7.92  ? 115  ASN A N   1 
ATOM   849  C CA  . ASN A 1 115 ? 11.849  -2.232  -0.322  1.00 7.55  ? 115  ASN A CA  1 
ATOM   850  C C   . ASN A 1 115 ? 12.064  -0.748  -0.091  1.00 7.35  ? 115  ASN A C   1 
ATOM   851  O O   . ASN A 1 115 ? 13.123  -0.340  0.370   1.00 7.44  ? 115  ASN A O   1 
ATOM   852  C CB  . ASN A 1 115 ? 11.453  -2.882  0.998   1.00 7.45  ? 115  ASN A CB  1 
ATOM   853  C CG  . ASN A 1 115 ? 11.154  -4.345  0.844   1.00 7.43  ? 115  ASN A CG  1 
ATOM   854  O OD1 . ASN A 1 115 ? 10.130  -4.720  0.277   1.00 8.08  ? 115  ASN A OD1 1 
ATOM   855  N ND2 . ASN A 1 115 ? 12.057  -5.188  1.334   1.00 7.37  ? 115  ASN A ND2 1 
ATOM   856  N N   . GLY A 1 116 ? 11.052  0.050   -0.406  1.00 7.00  ? 116  GLY A N   1 
ATOM   857  C CA  . GLY A 1 116 ? 11.108  1.491   -0.197  1.00 6.77  ? 116  GLY A CA  1 
ATOM   858  C C   . GLY A 1 116 ? 9.819   1.959   0.444   1.00 6.44  ? 116  GLY A C   1 
ATOM   859  O O   . GLY A 1 116 ? 9.590   1.724   1.629   1.00 6.69  ? 116  GLY A O   1 
ATOM   860  N N   . SER A 1 117 ? 8.979   2.620   -0.345  1.00 6.37  ? 117  SER A N   1 
ATOM   861  C CA  . SER A 1 117 ? 7.668   3.071   0.118   1.00 6.28  ? 117  SER A CA  1 
ATOM   862  C C   . SER A 1 117 ? 6.505   2.472   -0.665  1.00 6.07  ? 117  SER A C   1 
ATOM   863  O O   . SER A 1 117 ? 5.384   2.429   -0.164  1.00 5.81  ? 117  SER A O   1 
ATOM   864  C CB  . SER A 1 117 ? 7.576   4.591   0.041   1.00 6.34  ? 117  SER A CB  1 
ATOM   865  O OG  . SER A 1 117 ? 7.851   5.058   -1.265  1.00 6.84  ? 117  SER A OG  1 
ATOM   866  N N   . GLN A 1 118 ? 6.753   2.023   -1.893  1.00 5.83  ? 118  GLN A N   1 
ATOM   867  C CA  . GLN A 1 118 ? 5.674   1.498   -2.714  1.00 5.95  ? 118  GLN A CA  1 
ATOM   868  C C   . GLN A 1 118 ? 5.124   0.203   -2.142  1.00 5.76  ? 118  GLN A C   1 
ATOM   869  O O   . GLN A 1 118 ? 5.869   -0.643  -1.652  1.00 5.62  ? 118  GLN A O   1 
ATOM   870  C CB  . GLN A 1 118 ? 6.127   1.275   -4.151  1.00 5.87  ? 118  GLN A CB  1 
ATOM   871  C CG  . GLN A 1 118 ? 6.317   2.550   -4.938  1.00 6.45  ? 118  GLN A CG  1 
ATOM   872  C CD  . GLN A 1 118 ? 6.524   2.275   -6.409  1.00 6.68  ? 118  GLN A CD  1 
ATOM   873  O OE1 . GLN A 1 118 ? 5.774   1.516   -7.018  1.00 9.22  ? 118  GLN A OE1 1 
ATOM   874  N NE2 . GLN A 1 118 ? 7.543   2.890   -6.987  1.00 9.32  ? 118  GLN A NE2 1 
ATOM   875  N N   . PHE A 1 119 ? 3.807   0.064   -2.225  1.00 5.73  ? 119  PHE A N   1 
ATOM   876  C CA  . PHE A 1 119 ? 3.103   -1.080  -1.684  1.00 5.77  ? 119  PHE A CA  1 
ATOM   877  C C   . PHE A 1 119 ? 1.959   -1.396  -2.621  1.00 5.67  ? 119  PHE A C   1 
ATOM   878  O O   . PHE A 1 119 ? 1.612   -0.585  -3.479  1.00 5.61  ? 119  PHE A O   1 
ATOM   879  C CB  . PHE A 1 119 ? 2.538   -0.743  -0.303  1.00 5.77  ? 119  PHE A CB  1 
ATOM   880  C CG  . PHE A 1 119 ? 1.530   0.370   -0.331  1.00 5.77  ? 119  PHE A CG  1 
ATOM   881  C CD1 . PHE A 1 119 ? 0.178   0.097   -0.483  1.00 6.13  ? 119  PHE A CD1 1 
ATOM   882  C CD2 . PHE A 1 119 ? 1.936   1.692   -0.246  1.00 5.87  ? 119  PHE A CD2 1 
ATOM   883  C CE1 . PHE A 1 119 ? -0.755  1.124   -0.538  1.00 6.44  ? 119  PHE A CE1 1 
ATOM   884  C CE2 . PHE A 1 119 ? 1.013   2.726   -0.298  1.00 5.94  ? 119  PHE A CE2 1 
ATOM   885  C CZ  . PHE A 1 119 ? -0.336  2.444   -0.443  1.00 6.39  ? 119  PHE A CZ  1 
ATOM   886  N N   . PHE A 1 120 ? 1.359   -2.564  -2.444  1.00 5.75  ? 120  PHE A N   1 
ATOM   887  C CA  . PHE A 1 120 ? 0.101   -2.857  -3.109  1.00 6.23  ? 120  PHE A CA  1 
ATOM   888  C C   . PHE A 1 120 ? -0.898  -3.495  -2.158  1.00 6.44  ? 120  PHE A C   1 
ATOM   889  O O   . PHE A 1 120 ? -0.531  -4.072  -1.131  1.00 6.01  ? 120  PHE A O   1 
ATOM   890  C CB  . PHE A 1 120 ? 0.303   -3.706  -4.375  1.00 6.59  ? 120  PHE A CB  1 
ATOM   891  C CG  . PHE A 1 120 ? 1.017   -5.016  -4.145  1.00 6.81  ? 120  PHE A CG  1 
ATOM   892  C CD1 . PHE A 1 120 ? 2.397   -5.063  -4.021  1.00 6.96  ? 120  PHE A CD1 1 
ATOM   893  C CD2 . PHE A 1 120 ? 0.307   -6.209  -4.106  1.00 7.06  ? 120  PHE A CD2 1 
ATOM   894  C CE1 . PHE A 1 120 ? 3.057   -6.274  -3.832  1.00 7.49  ? 120  PHE A CE1 1 
ATOM   895  C CE2 . PHE A 1 120 ? 0.962   -7.421  -3.919  1.00 7.51  ? 120  PHE A CE2 1 
ATOM   896  C CZ  . PHE A 1 120 ? 2.336   -7.452  -3.786  1.00 7.23  ? 120  PHE A CZ  1 
ATOM   897  N N   . ILE A 1 121 ? -2.172  -3.325  -2.496  1.00 6.89  ? 121  ILE A N   1 
ATOM   898  C CA  . ILE A 1 121 ? -3.265  -3.976  -1.805  1.00 7.48  ? 121  ILE A CA  1 
ATOM   899  C C   . ILE A 1 121 ? -3.818  -5.027  -2.753  1.00 7.89  ? 121  ILE A C   1 
ATOM   900  O O   . ILE A 1 121 ? -4.272  -4.694  -3.848  1.00 7.34  ? 121  ILE A O   1 
ATOM   901  C CB  . ILE A 1 121 ? -4.383  -2.979  -1.440  1.00 7.46  ? 121  ILE A CB  1 
ATOM   902  C CG1 . ILE A 1 121 ? -3.813  -1.786  -0.661  1.00 7.78  ? 121  ILE A CG1 1 
ATOM   903  C CG2 . ILE A 1 121 ? -5.491  -3.687  -0.657  1.00 7.11  ? 121  ILE A CG2 1 
ATOM   904  C CD1 . ILE A 1 121 ? -4.841  -0.735  -0.288  1.00 7.97  ? 121  ILE A CD1 1 
ATOM   905  N N   . CYS A 1 122 ? -3.760  -6.289  -2.340  1.00 8.69  ? 122  CYS A N   1 
ATOM   906  C CA  . CYS A 1 122 ? -4.327  -7.384  -3.118  1.00 9.63  ? 122  CYS A CA  1 
ATOM   907  C C   . CYS A 1 122 ? -5.840  -7.360  -3.016  1.00 9.85  ? 122  CYS A C   1 
ATOM   908  O O   . CYS A 1 122 ? -6.387  -7.100  -1.949  1.00 10.05 ? 122  CYS A O   1 
ATOM   909  C CB  . CYS A 1 122 ? -3.839  -8.727  -2.590  1.00 10.03 ? 122  CYS A CB  1 
ATOM   910  S SG  . CYS A 1 122 ? -2.068  -8.938  -2.628  1.00 14.10 ? 122  CYS A SG  1 
ATOM   911  N N   . THR A 1 123 ? -6.515  -7.645  -4.123  1.00 10.22 ? 123  THR A N   1 
ATOM   912  C CA  . THR A 1 123 ? -7.967  -7.792  -4.105  1.00 10.78 ? 123  THR A CA  1 
ATOM   913  C C   . THR A 1 123 ? -8.380  -9.212  -4.490  1.00 11.03 ? 123  THR A C   1 
ATOM   914  O O   . THR A 1 123 ? -9.542  -9.470  -4.794  1.00 11.37 ? 123  THR A O   1 
ATOM   915  C CB  . THR A 1 123 ? -8.636  -6.757  -5.021  1.00 10.83 ? 123  THR A CB  1 
ATOM   916  O OG1 . THR A 1 123 ? -8.143  -6.907  -6.356  1.00 11.59 ? 123  THR A OG1 1 
ATOM   917  C CG2 . THR A 1 123 ? -8.340  -5.343  -4.537  1.00 11.36 ? 123  THR A CG2 1 
ATOM   918  N N   . THR A 1 124 ? -7.413  -10.126 -4.455  1.00 11.32 ? 124  THR A N   1 
ATOM   919  C CA  . THR A 1 124 ? -7.647  -11.547 -4.688  1.00 11.73 ? 124  THR A CA  1 
ATOM   920  C C   . THR A 1 124 ? -6.492  -12.332 -4.069  1.00 11.98 ? 124  THR A C   1 
ATOM   921  O O   . THR A 1 124 ? -5.468  -11.754 -3.707  1.00 12.01 ? 124  THR A O   1 
ATOM   922  C CB  . THR A 1 124 ? -7.759  -11.865 -6.199  1.00 11.88 ? 124  THR A CB  1 
ATOM   923  O OG1 . THR A 1 124 ? -8.218  -13.211 -6.384  0.70 12.20 ? 124  THR A OG1 1 
ATOM   924  C CG2 . THR A 1 124 ? -6.418  -11.674 -6.911  1.00 11.86 ? 124  THR A CG2 1 
ATOM   925  N N   . LYS A 1 125 ? -6.663  -13.643 -3.940  1.00 12.29 ? 125  LYS A N   1 
ATOM   926  C CA  . LYS A 1 125 ? -5.592  -14.516 -3.475  1.00 12.48 ? 125  LYS A CA  1 
ATOM   927  C C   . LYS A 1 125 ? -4.520  -14.613 -4.562  1.00 12.45 ? 125  LYS A C   1 
ATOM   928  O O   . LYS A 1 125 ? -4.828  -14.979 -5.695  1.00 12.88 ? 125  LYS A O   1 
ATOM   929  C CB  . LYS A 1 125 ? -6.155  -15.900 -3.158  1.00 12.59 ? 125  LYS A CB  1 
ATOM   930  C CG  . LYS A 1 125 ? -5.172  -16.859 -2.523  1.00 12.98 ? 125  LYS A CG  1 
ATOM   931  C CD  . LYS A 1 125 ? -5.868  -18.141 -2.088  1.00 13.31 ? 125  LYS A CD  1 
ATOM   932  C CE  . LYS A 1 125 ? -4.898  -19.119 -1.449  1.00 13.92 ? 125  LYS A CE  1 
ATOM   933  N NZ  . LYS A 1 125 ? -3.870  -19.603 -2.412  0.30 13.77 ? 125  LYS A NZ  1 
ATOM   934  N N   . CYS A 1 126 ? -3.276  -14.270 -4.217  1.00 12.46 ? 126  CYS A N   1 
ATOM   935  C CA  A CYS A 1 126 ? -2.176  -14.358 -5.186  0.50 12.29 ? 126  CYS A CA  1 
ATOM   936  C CA  B CYS A 1 126 ? -2.149  -14.266 -5.149  0.50 12.39 ? 126  CYS A CA  1 
ATOM   937  C C   . CYS A 1 126 ? -0.958  -15.044 -4.580  1.00 12.21 ? 126  CYS A C   1 
ATOM   938  O O   . CYS A 1 126 ? 0.100   -14.450 -4.354  1.00 12.00 ? 126  CYS A O   1 
ATOM   939  C CB  A CYS A 1 126 ? -1.843  -12.985 -5.776  0.50 12.40 ? 126  CYS A CB  1 
ATOM   940  C CB  B CYS A 1 126 ? -1.688  -12.823 -5.419  0.50 12.55 ? 126  CYS A CB  1 
ATOM   941  S SG  A CYS A 1 126 ? -1.912  -11.640 -4.609  0.50 12.76 ? 126  CYS A SG  1 
ATOM   942  S SG  B CYS A 1 126 ? -2.953  -11.636 -5.904  0.50 13.81 ? 126  CYS A SG  1 
ATOM   943  N N   . ASP A 1 127 ? -1.126  -16.347 -4.349  1.00 11.95 ? 127  ASP A N   1 
ATOM   944  C CA  . ASP A 1 127 ? -0.075  -17.206 -3.784  1.00 11.76 ? 127  ASP A CA  1 
ATOM   945  C C   . ASP A 1 127 ? 1.239   -17.168 -4.567  1.00 11.28 ? 127  ASP A C   1 
ATOM   946  O O   . ASP A 1 127 ? 2.314   -17.369 -3.999  1.00 11.20 ? 127  ASP A O   1 
ATOM   947  C CB  . ASP A 1 127 ? -0.556  -18.663 -3.721  1.00 12.00 ? 127  ASP A CB  1 
ATOM   948  C CG  . ASP A 1 127 ? -1.686  -18.870 -2.730  0.10 11.91 ? 127  ASP A CG  1 
ATOM   949  O OD1 . ASP A 1 127 ? -1.999  -20.040 -2.425  0.10 12.03 ? 127  ASP A OD1 1 
ATOM   950  O OD2 . ASP A 1 127 ? -2.258  -17.869 -2.255  0.10 11.95 ? 127  ASP A OD2 1 
ATOM   951  N N   . TRP A 1 128 ? 1.145   -16.927 -5.871  1.00 10.66 ? 128  TRP A N   1 
ATOM   952  C CA  . TRP A 1 128 ? 2.326   -16.843 -6.736  1.00 10.26 ? 128  TRP A CA  1 
ATOM   953  C C   . TRP A 1 128 ? 3.264   -15.678 -6.392  1.00 9.73  ? 128  TRP A C   1 
ATOM   954  O O   . TRP A 1 128 ? 4.419   -15.672 -6.815  1.00 9.83  ? 128  TRP A O   1 
ATOM   955  C CB  . TRP A 1 128 ? 1.907   -16.756 -8.210  1.00 10.39 ? 128  TRP A CB  1 
ATOM   956  C CG  . TRP A 1 128 ? 0.970   -15.628 -8.510  1.00 10.60 ? 128  TRP A CG  1 
ATOM   957  C CD1 . TRP A 1 128 ? 1.309   -14.350 -8.839  1.00 10.59 ? 128  TRP A CD1 1 
ATOM   958  C CD2 . TRP A 1 128 ? -0.463  -15.677 -8.517  1.00 10.91 ? 128  TRP A CD2 1 
ATOM   959  N NE1 . TRP A 1 128 ? 0.181   -13.597 -9.036  1.00 10.73 ? 128  TRP A NE1 1 
ATOM   960  C CE2 . TRP A 1 128 ? -0.922  -14.387 -8.848  1.00 10.60 ? 128  TRP A CE2 1 
ATOM   961  C CE3 . TRP A 1 128 ? -1.403  -16.687 -8.270  1.00 10.99 ? 128  TRP A CE3 1 
ATOM   962  C CZ2 . TRP A 1 128 ? -2.279  -14.077 -8.948  1.00 10.90 ? 128  TRP A CZ2 1 
ATOM   963  C CZ3 . TRP A 1 128 ? -2.752  -16.377 -8.366  1.00 10.74 ? 128  TRP A CZ3 1 
ATOM   964  C CH2 . TRP A 1 128 ? -3.177  -15.083 -8.700  1.00 10.83 ? 128  TRP A CH2 1 
ATOM   965  N N   . LEU A 1 129 ? 2.773   -14.700 -5.632  1.00 9.06  ? 129  LEU A N   1 
ATOM   966  C CA  . LEU A 1 129 ? 3.606   -13.588 -5.175  1.00 8.67  ? 129  LEU A CA  1 
ATOM   967  C C   . LEU A 1 129 ? 4.326   -13.901 -3.863  1.00 8.28  ? 129  LEU A C   1 
ATOM   968  O O   . LEU A 1 129 ? 5.215   -13.152 -3.457  1.00 7.87  ? 129  LEU A O   1 
ATOM   969  C CB  . LEU A 1 129 ? 2.764   -12.321 -5.003  1.00 8.42  ? 129  LEU A CB  1 
ATOM   970  C CG  . LEU A 1 129 ? 2.061   -11.796 -6.259  1.00 8.36  ? 129  LEU A CG  1 
ATOM   971  C CD1 . LEU A 1 129 ? 1.294   -10.524 -5.928  1.00 8.43  ? 129  LEU A CD1 1 
ATOM   972  C CD2 . LEU A 1 129 ? 3.048   -11.545 -7.388  1.00 8.38  ? 129  LEU A CD2 1 
ATOM   973  N N   . ASP A 1 130 ? 3.948   -14.994 -3.201  1.00 8.04  ? 130  ASP A N   1 
ATOM   974  C CA  . ASP A 1 130 ? 4.602   -15.383 -1.947  1.00 7.99  ? 130  ASP A CA  1 
ATOM   975  C C   . ASP A 1 130 ? 6.080   -15.673 -2.204  1.00 7.82  ? 130  ASP A C   1 
ATOM   976  O O   . ASP A 1 130 ? 6.427   -16.316 -3.197  1.00 7.81  ? 130  ASP A O   1 
ATOM   977  C CB  . ASP A 1 130 ? 3.940   -16.617 -1.324  1.00 7.98  ? 130  ASP A CB  1 
ATOM   978  C CG  . ASP A 1 130 ? 2.502   -16.371 -0.897  1.00 8.44  ? 130  ASP A CG  1 
ATOM   979  O OD1 . ASP A 1 130 ? 2.083   -15.200 -0.782  1.00 8.17  ? 130  ASP A OD1 1 
ATOM   980  O OD2 . ASP A 1 130 ? 1.785   -17.369 -0.668  1.00 9.44  ? 130  ASP A OD2 1 
ATOM   981  N N   . GLY A 1 131 ? 6.944   -15.177 -1.324  1.00 7.82  ? 131  GLY A N   1 
ATOM   982  C CA  . GLY A 1 131 ? 8.389   -15.329 -1.490  1.00 7.81  ? 131  GLY A CA  1 
ATOM   983  C C   . GLY A 1 131 ? 9.028   -14.324 -2.440  1.00 7.94  ? 131  GLY A C   1 
ATOM   984  O O   . GLY A 1 131 ? 10.241  -14.362 -2.651  1.00 8.36  ? 131  GLY A O   1 
ATOM   985  N N   . LYS A 1 132 ? 8.222   -13.434 -3.020  1.00 7.97  ? 132  LYS A N   1 
ATOM   986  C CA  . LYS A 1 132 ? 8.721   -12.354 -3.877  1.00 7.88  ? 132  LYS A CA  1 
ATOM   987  C C   . LYS A 1 132 ? 8.480   -10.965 -3.277  1.00 7.72  ? 132  LYS A C   1 
ATOM   988  O O   . LYS A 1 132 ? 9.243   -10.035 -3.546  1.00 8.77  ? 132  LYS A O   1 
ATOM   989  C CB  . LYS A 1 132 ? 8.074   -12.428 -5.261  1.00 8.19  ? 132  LYS A CB  1 
ATOM   990  C CG  . LYS A 1 132 ? 8.363   -13.712 -6.018  0.70 8.28  ? 132  LYS A CG  1 
ATOM   991  C CD  . LYS A 1 132 ? 7.822   -13.650 -7.436  0.70 8.53  ? 132  LYS A CD  1 
ATOM   992  C CE  . LYS A 1 132 ? 8.085   -14.941 -8.186  0.70 9.43  ? 132  LYS A CE  1 
ATOM   993  N NZ  . LYS A 1 132 ? 7.698   -14.831 -9.620  0.70 10.01 ? 132  LYS A NZ  1 
ATOM   994  N N   . HIS A 1 133 ? 7.413   -10.826 -2.490  1.00 7.16  ? 133  HIS A N   1 
ATOM   995  C CA  . HIS A 1 133 ? 7.053   -9.558  -1.860  1.00 6.92  ? 133  HIS A CA  1 
ATOM   996  C C   . HIS A 1 133 ? 6.751   -9.778  -0.389  1.00 6.62  ? 133  HIS A C   1 
ATOM   997  O O   . HIS A 1 133 ? 6.107   -10.760 -0.031  1.00 7.11  ? 133  HIS A O   1 
ATOM   998  C CB  . HIS A 1 133 ? 5.830   -8.959  -2.551  1.00 6.99  ? 133  HIS A CB  1 
ATOM   999  C CG  . HIS A 1 133 ? 6.059   -8.640  -3.991  1.00 6.87  ? 133  HIS A CG  1 
ATOM   1000 N ND1 . HIS A 1 133 ? 5.746   -9.514  -5.010  1.00 8.38  ? 133  HIS A ND1 1 
ATOM   1001 C CD2 . HIS A 1 133 ? 6.596   -7.548  -4.583  1.00 6.50  ? 133  HIS A CD2 1 
ATOM   1002 C CE1 . HIS A 1 133 ? 6.074   -8.968  -6.168  1.00 6.85  ? 133  HIS A CE1 1 
ATOM   1003 N NE2 . HIS A 1 133 ? 6.589   -7.775  -5.936  1.00 8.11  ? 133  HIS A NE2 1 
ATOM   1004 N N   . VAL A 1 134 ? 7.225   -8.868  0.460   1.00 6.26  ? 134  VAL A N   1 
ATOM   1005 C CA  . VAL A 1 134 ? 7.017   -8.980  1.896   1.00 6.02  ? 134  VAL A CA  1 
ATOM   1006 C C   . VAL A 1 134 ? 5.629   -8.470  2.270   1.00 5.72  ? 134  VAL A C   1 
ATOM   1007 O O   . VAL A 1 134 ? 5.326   -7.283  2.114   1.00 5.52  ? 134  VAL A O   1 
ATOM   1008 C CB  . VAL A 1 134 ? 8.097   -8.213  2.690   1.00 5.92  ? 134  VAL A CB  1 
ATOM   1009 C CG1 . VAL A 1 134 ? 7.798   -8.262  4.191   1.00 5.98  ? 134  VAL A CG1 1 
ATOM   1010 C CG2 . VAL A 1 134 ? 9.485   -8.792  2.403   1.00 6.20  ? 134  VAL A CG2 1 
ATOM   1011 N N   . VAL A 1 135 ? 4.794   -9.385  2.750   1.00 5.29  ? 135  VAL A N   1 
ATOM   1012 C CA  . VAL A 1 135 ? 3.467   -9.070  3.259   1.00 5.50  ? 135  VAL A CA  1 
ATOM   1013 C C   . VAL A 1 135 ? 3.611   -8.531  4.682   1.00 5.67  ? 135  VAL A C   1 
ATOM   1014 O O   . VAL A 1 135 ? 4.371   -9.080  5.485   1.00 5.77  ? 135  VAL A O   1 
ATOM   1015 C CB  . VAL A 1 135 ? 2.558   -10.321 3.250   1.00 5.48  ? 135  VAL A CB  1 
ATOM   1016 C CG1 . VAL A 1 135 ? 1.222   -10.035 3.924   1.00 5.71  ? 135  VAL A CG1 1 
ATOM   1017 C CG2 . VAL A 1 135 ? 2.358   -10.822 1.823   1.00 5.21  ? 135  VAL A CG2 1 
ATOM   1018 N N   . PHE A 1 136 ? 2.893   -7.455  4.993   1.00 5.71  ? 136  PHE A N   1 
ATOM   1019 C CA  . PHE A 1 136 ? 3.051   -6.802  6.295   1.00 5.76  ? 136  PHE A CA  1 
ATOM   1020 C C   . PHE A 1 136 ? 1.765   -6.322  6.961   1.00 5.88  ? 136  PHE A C   1 
ATOM   1021 O O   . PHE A 1 136 ? 1.815   -5.752  8.047   1.00 5.79  ? 136  PHE A O   1 
ATOM   1022 C CB  . PHE A 1 136 ? 4.037   -5.638  6.177   1.00 5.76  ? 136  PHE A CB  1 
ATOM   1023 C CG  . PHE A 1 136 ? 3.568   -4.530  5.286   1.00 5.69  ? 136  PHE A CG  1 
ATOM   1024 C CD1 . PHE A 1 136 ? 3.827   -4.560  3.926   1.00 5.61  ? 136  PHE A CD1 1 
ATOM   1025 C CD2 . PHE A 1 136 ? 2.867   -3.456  5.803   1.00 5.78  ? 136  PHE A CD2 1 
ATOM   1026 C CE1 . PHE A 1 136 ? 3.391   -3.538  3.097   1.00 6.01  ? 136  PHE A CE1 1 
ATOM   1027 C CE2 . PHE A 1 136 ? 2.433   -2.434  4.980   1.00 5.81  ? 136  PHE A CE2 1 
ATOM   1028 C CZ  . PHE A 1 136 ? 2.698   -2.475  3.624   1.00 6.15  ? 136  PHE A CZ  1 
ATOM   1029 N N   . GLY A 1 137 ? 0.615   -6.556  6.345   1.00 5.93  ? 137  GLY A N   1 
ATOM   1030 C CA  . GLY A 1 137 ? -0.635  -6.120  6.952   1.00 6.12  ? 137  GLY A CA  1 
ATOM   1031 C C   . GLY A 1 137 ? -1.844  -6.505  6.139   1.00 6.33  ? 137  GLY A C   1 
ATOM   1032 O O   . GLY A 1 137 ? -1.746  -7.272  5.183   1.00 6.09  ? 137  GLY A O   1 
ATOM   1033 N N   . ARG A 1 138 ? -2.993  -5.967  6.529   1.00 6.72  ? 138  ARG A N   1 
ATOM   1034 C CA  . ARG A 1 138 ? -4.231  -6.255  5.828   1.00 6.91  ? 138  ARG A CA  1 
ATOM   1035 C C   . ARG A 1 138 ? -5.264  -5.167  6.073   1.00 6.75  ? 138  ARG A C   1 
ATOM   1036 O O   . ARG A 1 138 ? -5.336  -4.590  7.163   1.00 6.62  ? 138  ARG A O   1 
ATOM   1037 C CB  . ARG A 1 138 ? -4.785  -7.616  6.259   1.00 7.21  ? 138  ARG A CB  1 
ATOM   1038 C CG  . ARG A 1 138 ? -5.808  -8.193  5.297   1.00 7.58  ? 138  ARG A CG  1 
ATOM   1039 C CD  . ARG A 1 138 ? -5.997  -9.685  5.503   1.00 8.52  ? 138  ARG A CD  1 
ATOM   1040 N NE  . ARG A 1 138 ? -6.862  -10.273 4.483   1.00 10.15 ? 138  ARG A NE  1 
ATOM   1041 C CZ  . ARG A 1 138 ? -7.072  -11.583 4.337   0.50 10.04 ? 138  ARG A CZ  1 
ATOM   1042 N NH1 . ARG A 1 138 ? -6.484  -12.463 5.145   0.50 10.78 ? 138  ARG A NH1 1 
ATOM   1043 N NH2 . ARG A 1 138 ? -7.879  -12.020 3.376   0.50 10.28 ? 138  ARG A NH2 1 
ATOM   1044 N N   . VAL A 1 139 ? -6.056  -4.890  5.044   1.00 6.70  ? 139  VAL A N   1 
ATOM   1045 C CA  . VAL A 1 139 ? -7.208  -4.014  5.179   1.00 6.93  ? 139  VAL A CA  1 
ATOM   1046 C C   . VAL A 1 139 ? -8.197  -4.685  6.128   1.00 7.26  ? 139  VAL A C   1 
ATOM   1047 O O   . VAL A 1 139 ? -8.520  -5.861  5.956   1.00 7.58  ? 139  VAL A O   1 
ATOM   1048 C CB  . VAL A 1 139 ? -7.880  -3.758  3.809   1.00 6.89  ? 139  VAL A CB  1 
ATOM   1049 C CG1 . VAL A 1 139 ? -9.184  -2.981  3.980   1.00 6.77  ? 139  VAL A CG1 1 
ATOM   1050 C CG2 . VAL A 1 139 ? -6.925  -3.016  2.875   1.00 6.64  ? 139  VAL A CG2 1 
ATOM   1051 N N   . VAL A 1 140 ? -8.640  -3.945  7.142   1.00 7.30  ? 140  VAL A N   1 
ATOM   1052 C CA  . VAL A 1 140 ? -9.631  -4.445  8.106   1.00 7.59  ? 140  VAL A CA  1 
ATOM   1053 C C   . VAL A 1 140 ? -10.977 -3.715  8.011   1.00 7.78  ? 140  VAL A C   1 
ATOM   1054 O O   . VAL A 1 140 ? -11.995 -4.230  8.470   0.70 7.80  ? 140  VAL A O   1 
ATOM   1055 C CB  . VAL A 1 140 ? -9.097  -4.402  9.564   1.00 7.80  ? 140  VAL A CB  1 
ATOM   1056 C CG1 . VAL A 1 140 ? -7.971  -5.410  9.739   1.00 8.15  ? 140  VAL A CG1 1 
ATOM   1057 C CG2 . VAL A 1 140 ? -8.630  -3.005  9.952   1.00 8.35  ? 140  VAL A CG2 1 
ATOM   1058 N N   . ASP A 1 141 ? -10.978 -2.523  7.420   1.00 8.07  ? 141  ASP A N   1 
ATOM   1059 C CA  . ASP A 1 141 ? -12.217 -1.803  7.142   1.00 8.02  ? 141  ASP A CA  1 
ATOM   1060 C C   . ASP A 1 141 ? -12.049 -0.973  5.874   1.00 7.96  ? 141  ASP A C   1 
ATOM   1061 O O   . ASP A 1 141 ? -10.932 -0.622  5.495   1.00 7.43  ? 141  ASP A O   1 
ATOM   1062 C CB  . ASP A 1 141 ? -12.590 -0.912  8.332   1.00 8.40  ? 141  ASP A CB  1 
ATOM   1063 C CG  . ASP A 1 141 ? -14.013 -0.383  8.251   1.00 9.09  ? 141  ASP A CG  1 
ATOM   1064 O OD1 . ASP A 1 141 ? -14.907 -1.118  7.780   1.00 12.85 ? 141  ASP A OD1 1 
ATOM   1065 O OD2 . ASP A 1 141 ? -14.230 0.772   8.665   0.50 10.08 ? 141  ASP A OD2 1 
ATOM   1066 N N   . GLY A 1 142 ? -13.158 -0.673  5.209   1.00 7.84  ? 142  GLY A N   1 
ATOM   1067 C CA  . GLY A 1 142 ? -13.116 0.091   3.971   1.00 7.74  ? 142  GLY A CA  1 
ATOM   1068 C C   . GLY A 1 142 ? -12.753 -0.758  2.769   1.00 7.66  ? 142  GLY A C   1 
ATOM   1069 O O   . GLY A 1 142 ? -12.171 -0.261  1.804   1.00 7.44  ? 142  GLY A O   1 
ATOM   1070 N N   . GLN A 1 143 ? -13.107 -2.040  2.814   1.00 7.73  ? 143  GLN A N   1 
ATOM   1071 C CA  . GLN A 1 143 ? -12.919 -2.917  1.662   1.00 7.83  ? 143  GLN A CA  1 
ATOM   1072 C C   . GLN A 1 143 ? -13.670 -2.364  0.450   1.00 7.83  ? 143  GLN A C   1 
ATOM   1073 O O   . GLN A 1 143 ? -13.193 -2.467  -0.681  1.00 7.66  ? 143  GLN A O   1 
ATOM   1074 C CB  . GLN A 1 143 ? -13.395 -4.340  1.965   1.00 8.02  ? 143  GLN A CB  1 
ATOM   1075 C CG  . GLN A 1 143 ? -12.509 -5.114  2.941   1.00 8.83  ? 143  GLN A CG  1 
ATOM   1076 C CD  . GLN A 1 143 ? -12.859 -4.889  4.402   1.00 9.86  ? 143  GLN A CD  1 
ATOM   1077 O OE1 . GLN A 1 143 ? -13.578 -3.952  4.748   1.00 10.83 ? 143  GLN A OE1 1 
ATOM   1078 N NE2 . GLN A 1 143 ? -12.347 -5.754  5.269   1.00 11.97 ? 143  GLN A NE2 1 
ATOM   1079 N N   . ASN A 1 144 ? -14.839 -1.771  0.694   1.00 7.87  ? 144  ASN A N   1 
ATOM   1080 C CA  . ASN A 1 144 ? -15.607 -1.104  -0.360  1.00 7.92  ? 144  ASN A CA  1 
ATOM   1081 C C   . ASN A 1 144 ? -14.834 0.020   -1.046  1.00 7.68  ? 144  ASN A C   1 
ATOM   1082 O O   . ASN A 1 144 ? -14.999 0.245   -2.239  1.00 7.44  ? 144  ASN A O   1 
ATOM   1083 C CB  . ASN A 1 144 ? -16.926 -0.547  0.190   1.00 8.13  ? 144  ASN A CB  1 
ATOM   1084 C CG  . ASN A 1 144 ? -16.718 0.537   1.234   1.00 9.03  ? 144  ASN A CG  1 
ATOM   1085 O OD1 . ASN A 1 144 ? -16.030 0.325   2.232   1.00 10.50 ? 144  ASN A OD1 1 
ATOM   1086 N ND2 . ASN A 1 144 ? -17.311 1.705   1.008   1.00 10.69 ? 144  ASN A ND2 1 
ATOM   1087 N N   . VAL A 1 145 ? -13.990 0.719   -0.287  1.00 7.60  ? 145  VAL A N   1 
ATOM   1088 C CA  . VAL A 1 145 ? -13.209 1.833   -0.818  1.00 7.76  ? 145  VAL A CA  1 
ATOM   1089 C C   . VAL A 1 145 ? -12.122 1.316   -1.757  1.00 7.74  ? 145  VAL A C   1 
ATOM   1090 O O   . VAL A 1 145 ? -11.865 1.906   -2.804  1.00 7.69  ? 145  VAL A O   1 
ATOM   1091 C CB  . VAL A 1 145 ? -12.579 2.684   0.315   1.00 7.70  ? 145  VAL A CB  1 
ATOM   1092 C CG1 . VAL A 1 145 ? -11.791 3.854   -0.268  1.00 7.68  ? 145  VAL A CG1 1 
ATOM   1093 C CG2 . VAL A 1 145 ? -13.664 3.186   1.263   1.00 7.98  ? 145  VAL A CG2 1 
ATOM   1094 N N   . VAL A 1 146 ? -11.492 0.206   -1.379  1.00 7.88  ? 146  VAL A N   1 
ATOM   1095 C CA  . VAL A 1 146 ? -10.526 -0.456  -2.250  1.00 8.28  ? 146  VAL A CA  1 
ATOM   1096 C C   . VAL A 1 146 ? -11.216 -0.896  -3.544  1.00 8.49  ? 146  VAL A C   1 
ATOM   1097 O O   . VAL A 1 146 ? -10.684 -0.704  -4.634  1.00 8.74  ? 146  VAL A O   1 
ATOM   1098 C CB  . VAL A 1 146 ? -9.877  -1.677  -1.557  1.00 8.22  ? 146  VAL A CB  1 
ATOM   1099 C CG1 . VAL A 1 146 ? -8.980  -2.446  -2.532  1.00 8.11  ? 146  VAL A CG1 1 
ATOM   1100 C CG2 . VAL A 1 146 ? -9.081  -1.234  -0.332  1.00 8.50  ? 146  VAL A CG2 1 
ATOM   1101 N N   . LYS A 1 147 ? -12.407 -1.474  -3.412  1.00 8.81  ? 147  LYS A N   1 
ATOM   1102 C CA  . LYS A 1 147 ? -13.171 -1.938  -4.570  1.00 9.28  ? 147  LYS A CA  1 
ATOM   1103 C C   . LYS A 1 147 ? -13.634 -0.775  -5.453  1.00 9.52  ? 147  LYS A C   1 
ATOM   1104 O O   . LYS A 1 147 ? -13.645 -0.900  -6.677  1.00 9.32  ? 147  LYS A O   1 
ATOM   1105 C CB  . LYS A 1 147 ? -14.362 -2.785  -4.116  1.00 9.10  ? 147  LYS A CB  1 
ATOM   1106 C CG  . LYS A 1 147 ? -13.951 -4.116  -3.500  1.00 9.44  ? 147  LYS A CG  1 
ATOM   1107 C CD  . LYS A 1 147 ? -15.098 -4.795  -2.762  1.00 9.44  ? 147  LYS A CD  1 
ATOM   1108 C CE  . LYS A 1 147 ? -14.629 -6.058  -2.048  1.00 10.09 ? 147  LYS A CE  1 
ATOM   1109 N NZ  . LYS A 1 147 ? -15.738 -6.779  -1.363  1.00 10.76 ? 147  LYS A NZ  1 
ATOM   1110 N N   . LYS A 1 148 ? -13.998 0.347   -4.829  1.00 10.05 ? 148  LYS A N   1 
ATOM   1111 C CA  . LYS A 1 148 ? -14.376 1.574   -5.551  1.00 10.75 ? 148  LYS A CA  1 
ATOM   1112 C C   . LYS A 1 148 ? -13.322 2.029   -6.552  1.00 10.75 ? 148  LYS A C   1 
ATOM   1113 O O   . LYS A 1 148 ? -13.656 2.586   -7.600  1.00 10.74 ? 148  LYS A O   1 
ATOM   1114 C CB  . LYS A 1 148 ? -14.613 2.736   -4.575  1.00 11.01 ? 148  LYS A CB  1 
ATOM   1115 C CG  . LYS A 1 148 ? -15.980 2.792   -3.944  1.00 12.00 ? 148  LYS A CG  1 
ATOM   1116 C CD  . LYS A 1 148 ? -16.113 4.068   -3.134  1.00 11.74 ? 148  LYS A CD  1 
ATOM   1117 C CE  . LYS A 1 148 ? -17.373 4.079   -2.298  1.00 12.80 ? 148  LYS A CE  1 
ATOM   1118 N NZ  . LYS A 1 148 ? -17.549 5.382   -1.621  1.00 13.07 ? 148  LYS A NZ  1 
ATOM   1119 N N   . MET A 1 149 ? -12.051 1.822   -6.215  1.00 10.92 ? 149  MET A N   1 
ATOM   1120 C CA  . MET A 1 149 ? -10.950 2.215   -7.091  1.00 11.38 ? 149  MET A CA  1 
ATOM   1121 C C   . MET A 1 149 ? -11.037 1.582   -8.473  1.00 10.98 ? 149  MET A C   1 
ATOM   1122 O O   . MET A 1 149 ? -10.503 2.131   -9.436  1.00 10.86 ? 149  MET A O   1 
ATOM   1123 C CB  . MET A 1 149 ? -9.602  1.841   -6.477  1.00 11.55 ? 149  MET A CB  1 
ATOM   1124 C CG  . MET A 1 149 ? -9.243  2.614   -5.239  1.00 12.25 ? 149  MET A CG  1 
ATOM   1125 S SD  . MET A 1 149 ? -7.546  2.261   -4.769  1.00 14.32 ? 149  MET A SD  1 
ATOM   1126 C CE  . MET A 1 149 ? -7.449  3.164   -3.234  1.00 13.75 ? 149  MET A CE  1 
ATOM   1127 N N   . GLU A 1 150 ? -11.703 0.430   -8.567  1.00 10.83 ? 150  GLU A N   1 
ATOM   1128 C CA  . GLU A 1 150 ? -11.828 -0.286  -9.838  1.00 10.82 ? 150  GLU A CA  1 
ATOM   1129 C C   . GLU A 1 150 ? -12.544 0.530   -10.908 1.00 10.90 ? 150  GLU A C   1 
ATOM   1130 O O   . GLU A 1 150 ? -12.309 0.321   -12.096 1.00 10.71 ? 150  GLU A O   1 
ATOM   1131 C CB  . GLU A 1 150 ? -12.538 -1.634  -9.646  1.00 10.83 ? 150  GLU A CB  1 
ATOM   1132 C CG  . GLU A 1 150 ? -11.788 -2.574  -8.716  1.00 10.75 ? 150  GLU A CG  1 
ATOM   1133 C CD  . GLU A 1 150 ? -12.272 -4.014  -8.764  0.50 10.32 ? 150  GLU A CD  1 
ATOM   1134 O OE1 . GLU A 1 150 ? -13.280 -4.311  -9.441  1.00 9.91  ? 150  GLU A OE1 1 
ATOM   1135 O OE2 . GLU A 1 150 ? -11.628 -4.858  -8.109  0.50 9.69  ? 150  GLU A OE2 1 
ATOM   1136 N N   . SER A 1 151 ? -13.399 1.463   -10.488 1.00 11.17 ? 151  SER A N   1 
ATOM   1137 C CA  . SER A 1 151 ? -14.106 2.349   -11.420 1.00 11.46 ? 151  SER A CA  1 
ATOM   1138 C C   . SER A 1 151 ? -13.175 3.175   -12.308 1.00 11.58 ? 151  SER A C   1 
ATOM   1139 O O   . SER A 1 151 ? -13.574 3.606   -13.391 1.00 12.15 ? 151  SER A O   1 
ATOM   1140 C CB  . SER A 1 151 ? -15.060 3.285   -10.668 1.00 11.69 ? 151  SER A CB  1 
ATOM   1141 O OG  . SER A 1 151 ? -14.359 4.163   -9.803  1.00 12.53 ? 151  SER A OG  1 
ATOM   1142 N N   . VAL A 1 152 ? -11.944 3.400   -11.854 1.00 11.38 ? 152  VAL A N   1 
ATOM   1143 C CA  . VAL A 1 152 ? -10.963 4.141   -12.644 1.00 11.27 ? 152  VAL A CA  1 
ATOM   1144 C C   . VAL A 1 152 ? -9.740  3.294   -13.009 1.00 11.00 ? 152  VAL A C   1 
ATOM   1145 O O   . VAL A 1 152 ? -8.729  3.820   -13.468 1.00 10.73 ? 152  VAL A O   1 
ATOM   1146 C CB  . VAL A 1 152 ? -10.550 5.451   -11.932 1.00 11.32 ? 152  VAL A CB  1 
ATOM   1147 C CG1 . VAL A 1 152 ? -11.770 6.352   -11.757 1.00 11.48 ? 152  VAL A CG1 1 
ATOM   1148 C CG2 . VAL A 1 152 ? -9.894  5.177   -10.580 1.00 11.53 ? 152  VAL A CG2 1 
ATOM   1149 N N   . GLY A 1 153 ? -9.848  1.981   -12.819 1.00 10.97 ? 153  GLY A N   1 
ATOM   1150 C CA  . GLY A 1 153 ? -8.789  1.050   -13.187 1.00 11.25 ? 153  GLY A CA  1 
ATOM   1151 C C   . GLY A 1 153 ? -9.018  0.452   -14.560 1.00 11.32 ? 153  GLY A C   1 
ATOM   1152 O O   . GLY A 1 153 ? -10.005 0.758   -15.232 1.00 11.27 ? 153  GLY A O   1 
ATOM   1153 N N   . SER A 1 154 ? -8.100  -0.411  -14.973 1.00 11.55 ? 154  SER A N   1 
ATOM   1154 C CA  . SER A 1 154 ? -8.190  -1.073  -16.268 1.00 11.92 ? 154  SER A CA  1 
ATOM   1155 C C   . SER A 1 154 ? -7.418  -2.381  -16.232 1.00 11.97 ? 154  SER A C   1 
ATOM   1156 O O   . SER A 1 154 ? -6.614  -2.614  -15.329 1.00 11.78 ? 154  SER A O   1 
ATOM   1157 C CB  . SER A 1 154 ? -7.633  -0.167  -17.363 1.00 12.05 ? 154  SER A CB  1 
ATOM   1158 O OG  . SER A 1 154 ? -6.254  0.078   -17.165 1.00 12.81 ? 154  SER A OG  1 
ATOM   1159 N N   . LYS A 1 155 ? -7.651  -3.233  -17.226 1.00 12.25 ? 155  LYS A N   1 
ATOM   1160 C CA  . LYS A 1 155 ? -6.980  -4.526  -17.278 1.00 12.47 ? 155  LYS A CA  1 
ATOM   1161 C C   . LYS A 1 155 ? -5.460  -4.373  -17.340 1.00 12.38 ? 155  LYS A C   1 
ATOM   1162 O O   . LYS A 1 155 ? -4.737  -5.178  -16.770 1.00 12.56 ? 155  LYS A O   1 
ATOM   1163 C CB  . LYS A 1 155 ? -7.470  -5.349  -18.469 1.00 12.61 ? 155  LYS A CB  1 
ATOM   1164 C CG  . LYS A 1 155 ? -8.920  -5.792  -18.370 1.00 13.15 ? 155  LYS A CG  1 
ATOM   1165 C CD  . LYS A 1 155 ? -9.268  -6.757  -19.492 1.00 13.24 ? 155  LYS A CD  1 
ATOM   1166 C CE  . LYS A 1 155 ? -10.646 -7.363  -19.310 1.00 14.00 ? 155  LYS A CE  1 
ATOM   1167 N NZ  . LYS A 1 155 ? -10.890 -8.469  -20.280 0.60 14.01 ? 155  LYS A NZ  1 
ATOM   1168 N N   . SER A 1 156 ? -4.980  -3.338  -18.028 1.00 12.24 ? 156  SER A N   1 
ATOM   1169 C CA  . SER A 1 156 ? -3.541  -3.061  -18.101 1.00 12.31 ? 156  SER A CA  1 
ATOM   1170 C C   . SER A 1 156 ? -2.990  -2.467  -16.803 1.00 12.30 ? 156  SER A C   1 
ATOM   1171 O O   . SER A 1 156 ? -1.792  -2.544  -16.545 1.00 12.61 ? 156  SER A O   1 
ATOM   1172 C CB  . SER A 1 156 ? -3.244  -2.099  -19.254 1.00 12.40 ? 156  SER A CB  1 
ATOM   1173 O OG  . SER A 1 156 ? -3.729  -0.797  -18.969 1.00 12.59 ? 156  SER A OG  1 
ATOM   1174 N N   . GLY A 1 157 ? -3.864  -1.861  -16.004 1.00 12.05 ? 157  GLY A N   1 
ATOM   1175 C CA  . GLY A 1 157 ? -3.467  -1.207  -14.760 1.00 12.16 ? 157  GLY A CA  1 
ATOM   1176 C C   . GLY A 1 157 ? -3.490  0.309   -14.853 1.00 12.08 ? 157  GLY A C   1 
ATOM   1177 O O   . GLY A 1 157 ? -3.421  0.989   -13.833 1.00 11.76 ? 157  GLY A O   1 
ATOM   1178 N N   . LYS A 1 158 ? -3.582  0.843   -16.071 1.00 12.19 ? 158  LYS A N   1 
ATOM   1179 C CA  . LYS A 1 158 ? -3.623  2.288   -16.278 1.00 12.42 ? 158  LYS A CA  1 
ATOM   1180 C C   . LYS A 1 158 ? -4.809  2.895   -15.538 1.00 12.47 ? 158  LYS A C   1 
ATOM   1181 O O   . LYS A 1 158 ? -5.931  2.391   -15.621 1.00 12.53 ? 158  LYS A O   1 
ATOM   1182 C CB  . LYS A 1 158 ? -3.722  2.618   -17.770 1.00 12.55 ? 158  LYS A CB  1 
ATOM   1183 C CG  . LYS A 1 158 ? -3.638  4.103   -18.100 1.00 12.66 ? 158  LYS A CG  1 
ATOM   1184 C CD  . LYS A 1 158 ? -3.779  4.338   -19.595 0.30 12.54 ? 158  LYS A CD  1 
ATOM   1185 C CE  . LYS A 1 158 ? -3.739  5.818   -19.939 0.30 12.71 ? 158  LYS A CE  1 
ATOM   1186 N NZ  . LYS A 1 158 ? -3.907  6.053   -21.401 0.30 12.90 ? 158  LYS A NZ  1 
ATOM   1187 N N   . VAL A 1 159 ? -4.548  3.980   -14.815 1.00 12.53 ? 159  VAL A N   1 
ATOM   1188 C CA  . VAL A 1 159 ? -5.566  4.643   -14.015 1.00 12.75 ? 159  VAL A CA  1 
ATOM   1189 C C   . VAL A 1 159 ? -6.205  5.778   -14.826 1.00 12.87 ? 159  VAL A C   1 
ATOM   1190 O O   . VAL A 1 159 ? -5.507  6.524   -15.518 1.00 13.33 ? 159  VAL A O   1 
ATOM   1191 C CB  . VAL A 1 159 ? -4.962  5.162   -12.694 1.00 12.79 ? 159  VAL A CB  1 
ATOM   1192 C CG1 . VAL A 1 159 ? -5.984  5.947   -11.906 1.00 13.30 ? 159  VAL A CG1 1 
ATOM   1193 C CG2 . VAL A 1 159 ? -4.424  3.993   -11.868 1.00 12.81 ? 159  VAL A CG2 1 
ATOM   1194 N N   . LYS A 1 160 ? -7.530  5.897   -14.733 1.00 12.82 ? 160  LYS A N   1 
ATOM   1195 C CA  . LYS A 1 160 ? -8.304  6.815   -15.582 1.00 12.91 ? 160  LYS A CA  1 
ATOM   1196 C C   . LYS A 1 160 ? -8.546  8.186   -14.947 1.00 12.70 ? 160  LYS A C   1 
ATOM   1197 O O   . LYS A 1 160 ? -8.736  9.175   -15.654 1.00 13.12 ? 160  LYS A O   1 
ATOM   1198 C CB  . LYS A 1 160 ? -9.647  6.184   -15.944 1.00 13.17 ? 160  LYS A CB  1 
ATOM   1199 C CG  . LYS A 1 160 ? -9.527  4.896   -16.743 1.00 13.81 ? 160  LYS A CG  1 
ATOM   1200 C CD  . LYS A 1 160 ? -10.879 4.227   -16.920 1.00 13.95 ? 160  LYS A CD  1 
ATOM   1201 C CE  . LYS A 1 160 ? -10.764 2.955   -17.741 1.00 14.74 ? 160  LYS A CE  1 
ATOM   1202 N NZ  . LYS A 1 160 ? -12.069 2.251   -17.856 1.00 15.55 ? 160  LYS A NZ  1 
ATOM   1203 N N   . GLU A 1 161 ? -8.570  8.236   -13.620 1.00 12.13 ? 161  GLU A N   1 
ATOM   1204 C CA  . GLU A 1 161 ? -8.718  9.486   -12.879 1.00 11.90 ? 161  GLU A CA  1 
ATOM   1205 C C   . GLU A 1 161 ? -7.795  9.418   -11.668 1.00 11.35 ? 161  GLU A C   1 
ATOM   1206 O O   . GLU A 1 161 ? -7.495  8.320   -11.204 1.00 11.42 ? 161  GLU A O   1 
ATOM   1207 C CB  . GLU A 1 161 ? -10.163 9.675   -12.413 1.00 12.07 ? 161  GLU A CB  1 
ATOM   1208 C CG  . GLU A 1 161 ? -11.199 9.671   -13.533 1.00 12.74 ? 161  GLU A CG  1 
ATOM   1209 C CD  . GLU A 1 161 ? -12.594 10.025  -13.048 1.00 12.88 ? 161  GLU A CD  1 
ATOM   1210 O OE1 . GLU A 1 161 ? -12.737 11.019  -12.305 0.20 12.86 ? 161  GLU A OE1 1 
ATOM   1211 O OE2 . GLU A 1 161 ? -13.553 9.313   -13.419 0.50 13.64 ? 161  GLU A OE2 1 
ATOM   1212 N N   . PRO A 1 162 ? -7.335  10.575  -11.147 1.00 10.95 ? 162  PRO A N   1 
ATOM   1213 C CA  A PRO A 1 162 ? -6.438  10.548  -9.993  0.50 10.80 ? 162  PRO A CA  1 
ATOM   1214 C CA  B PRO A 1 162 ? -6.436  10.543  -9.995  0.50 10.81 ? 162  PRO A CA  1 
ATOM   1215 C C   . PRO A 1 162 ? -7.048  9.842   -8.782  1.00 10.57 ? 162  PRO A C   1 
ATOM   1216 O O   . PRO A 1 162 ? -8.182  10.142  -8.400  1.00 10.62 ? 162  PRO A O   1 
ATOM   1217 C CB  A PRO A 1 162 ? -6.206  12.034  -9.691  0.50 10.88 ? 162  PRO A CB  1 
ATOM   1218 C CB  B PRO A 1 162 ? -6.186  12.029  -9.695  0.50 10.89 ? 162  PRO A CB  1 
ATOM   1219 C CG  A PRO A 1 162 ? -6.494  12.733  -10.966 0.50 10.88 ? 162  PRO A CG  1 
ATOM   1220 C CG  B PRO A 1 162 ? -7.294  12.759  -10.367 0.50 10.98 ? 162  PRO A CG  1 
ATOM   1221 C CD  A PRO A 1 162 ? -7.593  11.951  -11.606 0.50 10.95 ? 162  PRO A CD  1 
ATOM   1222 C CD  B PRO A 1 162 ? -7.617  11.954  -11.581 0.50 10.97 ? 162  PRO A CD  1 
ATOM   1223 N N   . VAL A 1 163 ? -6.299  8.906   -8.206  1.00 10.07 ? 163  VAL A N   1 
ATOM   1224 C CA  . VAL A 1 163 ? -6.686  8.225   -6.975  1.00 9.86  ? 163  VAL A CA  1 
ATOM   1225 C C   . VAL A 1 163 ? -5.672  8.662   -5.934  1.00 9.57  ? 163  VAL A C   1 
ATOM   1226 O O   . VAL A 1 163 ? -4.532  8.197   -5.939  1.00 9.71  ? 163  VAL A O   1 
ATOM   1227 C CB  . VAL A 1 163 ? -6.656  6.691   -7.132  1.00 9.80  ? 163  VAL A CB  1 
ATOM   1228 C CG1 . VAL A 1 163 ? -7.040  6.006   -5.817  1.00 9.70  ? 163  VAL A CG1 1 
ATOM   1229 C CG2 . VAL A 1 163 ? -7.577  6.253   -8.263  1.00 9.76  ? 163  VAL A CG2 1 
ATOM   1230 N N   . ILE A 1 164 ? -6.088  9.574   -5.061  1.00 9.15  ? 164  ILE A N   1 
ATOM   1231 C CA  . ILE A 1 164 ? -5.176  10.258  -4.153  1.00 8.95  ? 164  ILE A CA  1 
ATOM   1232 C C   . ILE A 1 164 ? -5.449  9.891   -2.699  1.00 8.54  ? 164  ILE A C   1 
ATOM   1233 O O   . ILE A 1 164 ? -6.602  9.799   -2.274  1.00 8.23  ? 164  ILE A O   1 
ATOM   1234 C CB  . ILE A 1 164 ? -5.306  11.796  -4.298  1.00 9.25  ? 164  ILE A CB  1 
ATOM   1235 C CG1 . ILE A 1 164 ? -5.082  12.224  -5.755  1.00 9.80  ? 164  ILE A CG1 1 
ATOM   1236 C CG2 . ILE A 1 164 ? -4.333  12.522  -3.369  1.00 9.54  ? 164  ILE A CG2 1 
ATOM   1237 C CD1 . ILE A 1 164 ? -3.730  11.843  -6.324  1.00 10.92 ? 164  ILE A CD1 1 
ATOM   1238 N N   . ILE A 1 165 ? -4.372  9.691   -1.945  1.00 8.16  ? 165  ILE A N   1 
ATOM   1239 C CA  . ILE A 1 165 ? -4.454  9.590   -0.497  1.00 8.21  ? 165  ILE A CA  1 
ATOM   1240 C C   . ILE A 1 165 ? -4.530  11.023  0.032   1.00 8.20  ? 165  ILE A C   1 
ATOM   1241 O O   . ILE A 1 165 ? -3.506  11.668  0.260   1.00 8.13  ? 165  ILE A O   1 
ATOM   1242 C CB  . ILE A 1 165 ? -3.237  8.829   0.084   1.00 8.03  ? 165  ILE A CB  1 
ATOM   1243 C CG1 . ILE A 1 165 ? -3.187  7.405   -0.487  1.00 8.18  ? 165  ILE A CG1 1 
ATOM   1244 C CG2 . ILE A 1 165 ? -3.306  8.795   1.608   1.00 7.98  ? 165  ILE A CG2 1 
ATOM   1245 C CD1 . ILE A 1 165 ? -1.893  6.668   -0.206  1.00 8.03  ? 165  ILE A CD1 1 
ATOM   1246 N N   . SER A 1 166 ? -5.757  11.519  0.200   1.00 8.32  ? 166  SER A N   1 
ATOM   1247 C CA  A SER A 1 166 ? -5.995  12.909  0.603   0.50 8.45  ? 166  SER A CA  1 
ATOM   1248 C CA  B SER A 1 166 ? -5.986  12.910  0.597   0.50 8.43  ? 166  SER A CA  1 
ATOM   1249 C C   . SER A 1 166 ? -5.599  13.165  2.051   1.00 8.53  ? 166  SER A C   1 
ATOM   1250 O O   . SER A 1 166 ? -5.267  14.293  2.423   1.00 8.91  ? 166  SER A O   1 
ATOM   1251 C CB  A SER A 1 166 ? -7.466  13.283  0.406   0.50 8.60  ? 166  SER A CB  1 
ATOM   1252 C CB  B SER A 1 166 ? -7.449  13.297  0.371   0.50 8.58  ? 166  SER A CB  1 
ATOM   1253 O OG  A SER A 1 166 ? -8.319  12.468  1.119   0.50 8.64  ? 166  SER A OG  1 
ATOM   1254 O OG  B SER A 1 166 ? -7.793  13.346  -0.969  0.30 8.79  ? 166  SER A OG  1 
ATOM   1255 N N   . ARG A 1 167 ? -5.651  12.115  2.864   1.00 8.38  ? 167  ARG A N   1 
ATOM   1256 C CA  . ARG A 1 167 ? -5.258  12.185  4.262   1.00 8.26  ? 167  ARG A CA  1 
ATOM   1257 C C   . ARG A 1 167 ? -4.851  10.789  4.703   1.00 8.00  ? 167  ARG A C   1 
ATOM   1258 O O   . ARG A 1 167 ? -5.376  9.796   4.201   1.00 7.73  ? 167  ARG A O   1 
ATOM   1259 C CB  . ARG A 1 167 ? -6.421  12.688  5.116   1.00 8.40  ? 167  ARG A CB  1 
ATOM   1260 C CG  . ARG A 1 167 ? -6.049  13.091  6.529   1.00 8.71  ? 167  ARG A CG  1 
ATOM   1261 C CD  . ARG A 1 167 ? -7.292  13.305  7.381   0.30 8.45  ? 167  ARG A CD  1 
ATOM   1262 N NE  . ARG A 1 167 ? -7.000  14.060  8.598   0.30 8.63  ? 167  ARG A NE  1 
ATOM   1263 C CZ  . ARG A 1 167 ? -6.792  15.375  8.646   0.30 8.80  ? 167  ARG A CZ  1 
ATOM   1264 N NH1 . ARG A 1 167 ? -6.829  16.110  7.537   0.30 8.56  ? 167  ARG A NH1 1 
ATOM   1265 N NH2 . ARG A 1 167 ? -6.538  15.960  9.811   0.30 8.88  ? 167  ARG A NH2 1 
ATOM   1266 N N   . CYS A 1 168 ? -3.904  10.709  5.628   1.00 7.70  ? 168  CYS A N   1 
ATOM   1267 C CA  . CYS A 1 168 ? -3.513  9.425   6.193   1.00 7.86  ? 168  CYS A CA  1 
ATOM   1268 C C   . CYS A 1 168 ? -2.912  9.603   7.575   1.00 7.88  ? 168  CYS A C   1 
ATOM   1269 O O   . CYS A 1 168 ? -2.512  10.705  7.959   1.00 8.18  ? 168  CYS A O   1 
ATOM   1270 C CB  . CYS A 1 168 ? -2.545  8.687   5.263   1.00 7.82  ? 168  CYS A CB  1 
ATOM   1271 S SG  . CYS A 1 168 ? -1.099  9.626   4.738   1.00 7.40  ? 168  CYS A SG  1 
ATOM   1272 N N   . GLY A 1 169 ? -2.866  8.513   8.325   1.00 7.81  ? 169  GLY A N   1 
ATOM   1273 C CA  . GLY A 1 169 ? -2.338  8.564   9.678   1.00 8.17  ? 169  GLY A CA  1 
ATOM   1274 C C   . GLY A 1 169 ? -2.594  7.294   10.449  1.00 8.41  ? 169  GLY A C   1 
ATOM   1275 O O   . GLY A 1 169 ? -2.863  6.243   9.866   1.00 8.22  ? 169  GLY A O   1 
ATOM   1276 N N   . GLU A 1 170 ? -2.504  7.405   11.772  1.00 8.95  ? 170  GLU A N   1 
ATOM   1277 C CA  . GLU A 1 170 ? -2.705  6.280   12.670  1.00 9.32  ? 170  GLU A CA  1 
ATOM   1278 C C   . GLU A 1 170 ? -3.945  6.522   13.523  1.00 9.62  ? 170  GLU A C   1 
ATOM   1279 O O   . GLU A 1 170 ? -4.244  7.662   13.888  1.00 9.97  ? 170  GLU A O   1 
ATOM   1280 C CB  . GLU A 1 170 ? -1.475  6.089   13.560  1.00 9.28  ? 170  GLU A CB  1 
ATOM   1281 C CG  . GLU A 1 170 ? -1.542  4.854   14.448  1.00 9.67  ? 170  GLU A CG  1 
ATOM   1282 C CD  . GLU A 1 170 ? -0.232  4.544   15.146  1.00 9.93  ? 170  GLU A CD  1 
ATOM   1283 O OE1 . GLU A 1 170 ? 0.675   5.407   15.150  1.00 11.59 ? 170  GLU A OE1 1 
ATOM   1284 O OE2 . GLU A 1 170 ? -0.111  3.429   15.694  1.00 11.69 ? 170  GLU A OE2 1 
ATOM   1285 N N   . LEU A 1 171 ? -4.669  5.445   13.817  1.00 9.95  ? 171  LEU A N   1 
ATOM   1286 C CA  . LEU A 1 171 ? -5.857  5.496   14.665  1.00 10.24 ? 171  LEU A CA  1 
ATOM   1287 C C   . LEU A 1 171 ? -5.565  4.857   16.011  1.00 10.46 ? 171  LEU A C   1 
ATOM   1288 O O   . LEU A 1 171 ? -4.654  4.040   16.135  1.00 10.57 ? 171  LEU A O   1 
ATOM   1289 C CB  . LEU A 1 171 ? -7.014  4.746   14.004  1.00 10.41 ? 171  LEU A CB  1 
ATOM   1290 C CG  . LEU A 1 171 ? -7.471  5.255   12.637  1.00 11.08 ? 171  LEU A CG  1 
ATOM   1291 C CD1 . LEU A 1 171 ? -8.529  4.337   12.049  1.00 11.47 ? 171  LEU A CD1 1 
ATOM   1292 C CD2 . LEU A 1 171 ? -7.994  6.680   12.730  1.00 12.00 ? 171  LEU A CD2 1 
ATOM   1293 N N   . ILE A 1 172 ? -6.346  5.225   17.023  1.00 10.86 ? 172  ILE A N   1 
ATOM   1294 C CA  . ILE A 1 172 ? -6.255  4.573   18.323  0.40 10.77 ? 172  ILE A CA  1 
ATOM   1295 C C   . ILE A 1 172 ? -6.717  3.132   18.160  0.40 10.68 ? 172  ILE A C   1 
ATOM   1296 O O   . ILE A 1 172 ? -7.794  2.879   17.619  0.40 10.43 ? 172  ILE A O   1 
ATOM   1297 C CB  . ILE A 1 172 ? -7.119  5.276   19.393  1.00 11.06 ? 172  ILE A CB  1 
ATOM   1298 C CG1 . ILE A 1 172 ? -6.583  6.684   19.668  1.00 11.41 ? 172  ILE A CG1 1 
ATOM   1299 C CG2 . ILE A 1 172 ? -7.145  4.457   20.685  1.00 11.28 ? 172  ILE A CG2 1 
ATOM   1300 C CD1 . ILE A 1 172 ? -7.503  7.548   20.506  0.40 10.97 ? 172  ILE A CD1 1 
ATOM   1301 O OXT . ILE A 1 172 ? -6.013  2.204   18.548  0.40 10.55 ? 172  ILE A OXT 1 
HETATM 1302 C C   . ACT B 2 .   ? -13.914 -8.821  0.998   0.80 35.24 ? 1210 ACT A C   1 
HETATM 1303 O O   . ACT B 2 .   ? -14.022 -9.582  0.012   0.80 35.20 ? 1210 ACT A O   1 
HETATM 1304 O OXT . ACT B 2 .   ? -14.571 -7.758  0.945   0.80 35.18 ? 1210 ACT A OXT 1 
HETATM 1305 C CH3 . ACT B 2 .   ? -13.048 -9.162  2.174   0.80 35.24 ? 1210 ACT A CH3 1 
HETATM 1306 O O   . HOH C 3 .   ? -3.332  -5.430  18.568  1.00 24.59 ? 2001 HOH A O   1 
HETATM 1307 O O   . HOH C 3 .   ? -11.001 3.346   14.959  1.00 24.62 ? 2002 HOH A O   1 
HETATM 1308 O O   . HOH C 3 .   ? -6.750  -2.805  13.595  1.00 25.05 ? 2003 HOH A O   1 
HETATM 1309 O O   . HOH C 3 .   ? -12.740 9.448   4.196   1.00 20.79 ? 2004 HOH A O   1 
HETATM 1310 O O   . HOH C 3 .   ? -10.144 13.240  5.077   1.00 30.46 ? 2005 HOH A O   1 
HETATM 1311 O O   . HOH C 3 .   ? -12.408 10.068  1.339   1.00 15.49 ? 2006 HOH A O   1 
HETATM 1312 O O   . HOH C 3 .   ? -6.764  -9.080  9.462   1.00 33.91 ? 2007 HOH A O   1 
HETATM 1313 O O   . HOH C 3 .   ? -8.615  12.871  -6.794  1.00 12.48 ? 2008 HOH A O   1 
HETATM 1314 O O   . HOH C 3 .   ? 3.858   0.600   16.671  1.00 24.02 ? 2009 HOH A O   1 
HETATM 1315 O O   . HOH C 3 .   ? 2.144   13.248  13.877  1.00 34.05 ? 2010 HOH A O   1 
HETATM 1316 O O   . HOH C 3 .   ? -13.562 2.949   6.883   1.00 30.96 ? 2011 HOH A O   1 
HETATM 1317 O O   . HOH C 3 .   ? -11.636 5.208   11.150  1.00 23.56 ? 2012 HOH A O   1 
HETATM 1318 O O   . HOH C 3 .   ? -15.456 5.133   4.485   1.00 20.98 ? 2013 HOH A O   1 
HETATM 1319 O O   . HOH C 3 .   ? -9.218  10.050  12.801  1.00 35.57 ? 2014 HOH A O   1 
HETATM 1320 O O   . HOH C 3 .   ? -3.505  -7.697  9.737   1.00 23.32 ? 2015 HOH A O   1 
HETATM 1321 O O   . HOH C 3 .   ? -1.682  -15.152 9.891   1.00 45.91 ? 2016 HOH A O   1 
HETATM 1322 O O   . HOH C 3 .   ? -2.801  -10.067 8.624   1.00 13.58 ? 2017 HOH A O   1 
HETATM 1323 O O   . HOH C 3 .   ? 7.715   -7.891  16.721  1.00 26.40 ? 2018 HOH A O   1 
HETATM 1324 O O   . HOH C 3 .   ? 2.272   -13.510 16.156  1.00 27.40 ? 2019 HOH A O   1 
HETATM 1325 O O   . HOH C 3 .   ? 6.586   -2.299  14.317  1.00 14.44 ? 2020 HOH A O   1 
HETATM 1326 O O   . HOH C 3 .   ? 15.693  -7.372  8.128   1.00 22.02 ? 2021 HOH A O   1 
HETATM 1327 O O   . HOH C 3 .   ? 6.893   -0.816  4.792   1.00 6.77  ? 2022 HOH A O   1 
HETATM 1328 O O   . HOH C 3 .   ? 10.799  -6.074  4.343   1.00 6.79  ? 2023 HOH A O   1 
HETATM 1329 O O   . HOH C 3 .   ? 5.068   -0.073  14.273  1.00 14.51 ? 2024 HOH A O   1 
HETATM 1330 O O   . HOH C 3 .   ? 3.417   -5.857  -7.440  1.00 34.25 ? 2025 HOH A O   1 
HETATM 1331 O O   . HOH C 3 .   ? 11.500  -3.486  -11.795 1.00 35.04 ? 2026 HOH A O   1 
HETATM 1332 O O   . HOH C 3 .   ? 2.132   11.141  5.351   1.00 9.76  ? 2027 HOH A O   1 
HETATM 1333 O O   . HOH C 3 .   ? 0.106   12.143  7.137   1.00 12.75 ? 2028 HOH A O   1 
HETATM 1334 O O   . HOH C 3 .   ? 3.624   13.578  11.701  1.00 16.01 ? 2029 HOH A O   1 
HETATM 1335 O O   . HOH C 3 .   ? 5.185   14.952  7.122   1.00 22.36 ? 2030 HOH A O   1 
HETATM 1336 O O   . HOH C 3 .   ? 7.431   9.674   7.976   1.00 7.59  ? 2031 HOH A O   1 
HETATM 1337 O O   . HOH C 3 .   ? 6.210   13.261  1.376   1.00 13.04 ? 2032 HOH A O   1 
HETATM 1338 O O   . HOH C 3 .   ? 3.827   13.230  4.847   1.00 16.96 ? 2033 HOH A O   1 
HETATM 1339 O O   . HOH C 3 .   ? 3.500   13.734  2.047   1.00 16.41 ? 2034 HOH A O   1 
HETATM 1340 O O   . HOH C 3 .   ? -4.090  16.534  -3.658  1.00 27.32 ? 2035 HOH A O   1 
HETATM 1341 O O   . HOH C 3 .   ? -5.225  16.443  0.417   1.00 24.40 ? 2036 HOH A O   1 
HETATM 1342 O O   . HOH C 3 .   ? -3.151  18.443  0.247   1.00 27.86 ? 2037 HOH A O   1 
HETATM 1343 O O   . HOH C 3 .   ? 2.294   5.958   -6.255  1.00 8.54  ? 2038 HOH A O   1 
HETATM 1344 O O   . HOH C 3 .   ? -3.829  8.057   -9.417  1.00 13.54 ? 2039 HOH A O   1 
HETATM 1345 O O   . HOH C 3 .   ? -1.807  4.779   -14.285 1.00 20.77 ? 2040 HOH A O   1 
HETATM 1346 O O   . HOH C 3 .   ? -8.166  -4.334  -7.646  1.00 20.41 ? 2041 HOH A O   1 
HETATM 1347 O O   . HOH C 3 .   ? -8.783  -6.533  -14.458 1.00 14.26 ? 2042 HOH A O   1 
HETATM 1348 O O   . HOH C 3 .   ? -14.379 -8.724  -5.349  1.00 25.04 ? 2043 HOH A O   1 
HETATM 1349 O O   . HOH C 3 .   ? 2.245   10.093  -5.662  1.00 22.37 ? 2044 HOH A O   1 
HETATM 1350 O O   . HOH C 3 .   ? 4.603   13.479  -5.763  1.00 38.36 ? 2045 HOH A O   1 
HETATM 1351 O O   . HOH C 3 .   ? 12.995  7.451   -5.608  1.00 21.77 ? 2046 HOH A O   1 
HETATM 1352 O O   . HOH C 3 .   ? 15.191  8.040   3.789   1.00 24.92 ? 2047 HOH A O   1 
HETATM 1353 O O   . HOH C 3 .   ? 16.683  5.715   9.344   1.00 26.58 ? 2048 HOH A O   1 
HETATM 1354 O O   . HOH C 3 .   ? 13.858  8.589   8.006   1.00 23.84 ? 2049 HOH A O   1 
HETATM 1355 O O   . HOH C 3 .   ? 13.700  1.338   -2.737  1.00 21.15 ? 2050 HOH A O   1 
HETATM 1356 O O   . HOH C 3 .   ? 19.824  5.859   1.850   1.00 26.56 ? 2051 HOH A O   1 
HETATM 1357 O O   . HOH C 3 .   ? 19.518  -4.402  -2.646  1.00 23.71 ? 2052 HOH A O   1 
HETATM 1358 O O   . HOH C 3 .   ? 18.343  -3.279  1.199   1.00 15.50 ? 2053 HOH A O   1 
HETATM 1359 O O   . HOH C 3 .   ? 17.852  -3.188  5.483   1.00 17.77 ? 2054 HOH A O   1 
HETATM 1360 O O   . HOH C 3 .   ? 14.119  -5.449  6.950   1.00 17.75 ? 2055 HOH A O   1 
HETATM 1361 O O   . HOH C 3 .   ? 12.647  -6.291  -1.990  1.00 8.88  ? 2056 HOH A O   1 
HETATM 1362 O O   . HOH C 3 .   ? 12.106  -10.092 -2.877  1.00 17.80 ? 2057 HOH A O   1 
HETATM 1363 O O   . HOH C 3 .   ? 15.117  -11.564 -0.453  1.00 15.15 ? 2058 HOH A O   1 
HETATM 1364 O O   . HOH C 3 .   ? 12.901  -8.023  12.174  1.00 21.15 ? 2059 HOH A O   1 
HETATM 1365 O O   . HOH C 3 .   ? 12.303  -11.503 10.720  1.00 22.43 ? 2060 HOH A O   1 
HETATM 1366 O O   . HOH C 3 .   ? 5.056   -15.918 2.045   1.00 13.78 ? 2061 HOH A O   1 
HETATM 1367 O O   . HOH C 3 .   ? 5.648   -12.149 3.359   1.00 6.76  ? 2062 HOH A O   1 
HETATM 1368 O O   . HOH C 3 .   ? -1.411  -12.356 5.248   1.00 11.98 ? 2063 HOH A O   1 
HETATM 1369 O O   . HOH C 3 .   ? -0.362  -15.336 6.033   1.00 17.25 ? 2064 HOH A O   1 
HETATM 1370 O O   . HOH C 3 .   ? 8.675   -0.616  -1.966  1.00 7.47  ? 2065 HOH A O   1 
HETATM 1371 O O   . HOH C 3 .   ? 10.033  -2.824  -9.684  1.00 19.20 ? 2066 HOH A O   1 
HETATM 1372 O O   . HOH C 3 .   ? 6.883   -4.753  -7.335  1.00 13.22 ? 2067 HOH A O   1 
HETATM 1373 O O   . HOH C 3 .   ? 8.849   -0.719  -8.481  1.00 36.64 ? 2068 HOH A O   1 
HETATM 1374 O O   . HOH C 3 .   ? 18.247  -7.001  -5.646  1.00 26.18 ? 2069 HOH A O   1 
HETATM 1375 O O   . HOH C 3 .   ? 16.555  -10.327 3.231   1.00 15.55 ? 2070 HOH A O   1 
HETATM 1376 O O   . HOH C 3 .   ? 19.977  -8.659  -2.559  1.00 26.02 ? 2071 HOH A O   1 
HETATM 1377 O O   . HOH C 3 .   ? 9.201   -6.982  -0.737  1.00 10.35 ? 2072 HOH A O   1 
HETATM 1378 O O   . HOH C 3 .   ? 9.416   2.274   -3.256  1.00 11.98 ? 2073 HOH A O   1 
HETATM 1379 O O   . HOH C 3 .   ? -3.664  -11.660 -1.494  1.00 17.33 ? 2074 HOH A O   1 
HETATM 1380 O O   . HOH C 3 .   ? -3.338  -18.061 -5.341  1.00 25.22 ? 2075 HOH A O   1 
HETATM 1381 O O   . HOH C 3 .   ? -0.813  -17.135 -0.408  1.00 13.88 ? 2076 HOH A O   1 
HETATM 1382 O O   . HOH C 3 .   ? 2.682   -19.899 -0.509  1.00 21.74 ? 2077 HOH A O   1 
HETATM 1383 O O   . HOH C 3 .   ? 5.720   -13.366 0.551   1.00 8.67  ? 2078 HOH A O   1 
HETATM 1384 O O   . HOH C 3 .   ? 5.930   -11.475 5.999   1.00 7.07  ? 2079 HOH A O   1 
HETATM 1385 O O   . HOH C 3 .   ? -1.286  -9.925  6.374   1.00 12.32 ? 2080 HOH A O   1 
HETATM 1386 O O   . HOH C 3 .   ? -9.757  -7.029  3.777   1.00 18.96 ? 2081 HOH A O   1 
HETATM 1387 O O   . HOH C 3 .   ? -15.848 -1.632  5.170   1.00 27.24 ? 2082 HOH A O   1 
HETATM 1388 O O   . HOH C 3 .   ? -17.434 -0.732  6.961   1.00 27.28 ? 2083 HOH A O   1 
HETATM 1389 O O   . HOH C 3 .   ? -16.626 -2.869  2.954   1.00 26.52 ? 2084 HOH A O   1 
HETATM 1390 O O   . HOH C 3 .   ? -16.418 1.582   4.578   1.00 21.06 ? 2085 HOH A O   1 
HETATM 1391 O O   . HOH C 3 .   ? -9.836  -2.808  -6.260  1.00 20.15 ? 2086 HOH A O   1 
HETATM 1392 O O   . HOH C 3 .   ? -18.029 -5.290  -1.361  1.00 20.51 ? 2087 HOH A O   1 
HETATM 1393 O O   . HOH C 3 .   ? -16.300 3.771   -7.788  1.00 29.04 ? 2088 HOH A O   1 
HETATM 1394 O O   . HOH C 3 .   ? -12.673 1.196   -15.119 1.00 22.30 ? 2089 HOH A O   1 
HETATM 1395 O O   . HOH C 3 .   ? -9.780  -2.399  -19.104 1.00 21.34 ? 2090 HOH A O   1 
HETATM 1396 O O   . HOH C 3 .   ? -6.781  -7.476  -15.946 1.00 21.18 ? 2091 HOH A O   1 
HETATM 1397 O O   . HOH C 3 .   ? -6.430  -1.853  -20.388 1.00 20.00 ? 2092 HOH A O   1 
HETATM 1398 O O   . HOH C 3 .   ? -2.289  0.741   -20.899 1.00 29.72 ? 2093 HOH A O   1 
HETATM 1399 O O   . HOH C 3 .   ? -10.877 12.081  0.477   1.00 27.84 ? 2094 HOH A O   1 
HETATM 1400 O O   . HOH C 3 .   ? -2.422  13.116  6.225   1.00 12.73 ? 2095 HOH A O   1 
HETATM 1401 O O   . HOH C 3 .   ? -2.553  2.240   16.078  1.00 9.82  ? 2096 HOH A O   1 
HETATM 1402 O O   . HOH C 3 .   ? -1.640  10.140  12.632  1.00 13.51 ? 2097 HOH A O   1 
HETATM 1403 O O   . HOH C 3 .   ? 1.582   1.900   17.132  1.00 23.60 ? 2098 HOH A O   1 
HETATM 1404 O O   . HOH C 3 .   ? -10.333 3.980   17.464  1.00 17.99 ? 2099 HOH A O   1 
HETATM 1405 O O   . HOH C 3 .   ? -16.014 -6.342  2.768   1.00 39.15 ? 2100 HOH A O   1 
# 
loop_
_atom_site_anisotrop.id 
_atom_site_anisotrop.type_symbol 
_atom_site_anisotrop.pdbx_label_atom_id 
_atom_site_anisotrop.pdbx_label_alt_id 
_atom_site_anisotrop.pdbx_label_comp_id 
_atom_site_anisotrop.pdbx_label_asym_id 
_atom_site_anisotrop.pdbx_label_seq_id 
_atom_site_anisotrop.pdbx_PDB_ins_code 
_atom_site_anisotrop.U[1][1] 
_atom_site_anisotrop.U[2][2] 
_atom_site_anisotrop.U[3][3] 
_atom_site_anisotrop.U[1][2] 
_atom_site_anisotrop.U[1][3] 
_atom_site_anisotrop.U[2][3] 
_atom_site_anisotrop.pdbx_auth_seq_id 
_atom_site_anisotrop.pdbx_auth_comp_id 
_atom_site_anisotrop.pdbx_auth_asym_id 
_atom_site_anisotrop.pdbx_auth_atom_id 
1302 C C   . ACT B . ? 0.4448 0.4470 0.4472 -0.0016 0.0002 0.0006 1210 ACT A C   
1303 O O   . ACT B . ? 0.4429 0.4472 0.4473 -0.0027 0.0000 0.0009 1210 ACT A O   
1304 O OXT . ACT B . ? 0.4433 0.4462 0.4471 -0.0022 0.0000 0.0010 1210 ACT A OXT 
1305 C CH3 . ACT B . ? 0.4450 0.4466 0.4472 -0.0014 0.0002 0.0008 1210 ACT A CH3 
# 
loop_
_pdbx_poly_seq_scheme.asym_id 
_pdbx_poly_seq_scheme.entity_id 
_pdbx_poly_seq_scheme.seq_id 
_pdbx_poly_seq_scheme.mon_id 
_pdbx_poly_seq_scheme.ndb_seq_num 
_pdbx_poly_seq_scheme.pdb_seq_num 
_pdbx_poly_seq_scheme.auth_seq_num 
_pdbx_poly_seq_scheme.pdb_mon_id 
_pdbx_poly_seq_scheme.auth_mon_id 
_pdbx_poly_seq_scheme.pdb_strand_id 
_pdbx_poly_seq_scheme.pdb_ins_code 
_pdbx_poly_seq_scheme.hetero 
A 1 1   MET 1   1   ?   ?   ?   A . n 
A 1 2   ARG 2   2   ?   ?   ?   A . n 
A 1 3   THR 3   3   ?   ?   ?   A . n 
A 1 4   LYS 4   4   ?   ?   ?   A . n 
A 1 5   LYS 5   5   ?   ?   ?   A . n 
A 1 6   GLN 6   6   ?   ?   ?   A . n 
A 1 7   LYS 7   7   ?   ?   ?   A . n 
A 1 8   ARG 8   8   ?   ?   ?   A . n 
A 1 9   ASN 9   9   9   ASN ASN A . n 
A 1 10  LEU 10  10  10  LEU LEU A . n 
A 1 11  PRO 11  11  11  PRO PRO A . n 
A 1 12  ARG 12  12  12  ARG ARG A . n 
A 1 13  VAL 13  13  13  VAL VAL A . n 
A 1 14  PHE 14  14  14  PHE PHE A . n 
A 1 15  PHE 15  15  15  PHE PHE A . n 
A 1 16  ASP 16  16  16  ASP ASP A . n 
A 1 17  ILE 17  17  17  ILE ILE A . n 
A 1 18  ARG 18  18  18  ARG ARG A . n 
A 1 19  ILE 19  19  19  ILE ILE A . n 
A 1 20  GLY 20  20  20  GLY GLY A . n 
A 1 21  ASN 21  21  21  ASN ASN A . n 
A 1 22  GLY 22  22  22  GLY GLY A . n 
A 1 23  ASP 23  23  23  ASP ASP A . n 
A 1 24  ALA 24  24  24  ALA ALA A . n 
A 1 25  GLY 25  25  25  GLY GLY A . n 
A 1 26  ARG 26  26  26  ARG ARG A . n 
A 1 27  ILE 27  27  27  ILE ILE A . n 
A 1 28  VAL 28  28  28  VAL VAL A . n 
A 1 29  MET 29  29  29  MET MET A . n 
A 1 30  GLU 30  30  30  GLU GLU A . n 
A 1 31  LEU 31  31  31  LEU LEU A . n 
A 1 32  ARG 32  32  32  ARG ARG A . n 
A 1 33  SER 33  33  33  SER SER A . n 
A 1 34  ASP 34  34  34  ASP ASP A . n 
A 1 35  ILE 35  35  35  ILE ILE A . n 
A 1 36  VAL 36  36  36  VAL VAL A . n 
A 1 37  PRO 37  37  37  PRO PRO A . n 
A 1 38  ARG 38  38  38  ARG ARG A . n 
A 1 39  THR 39  39  39  THR THR A . n 
A 1 40  ALA 40  40  40  ALA ALA A . n 
A 1 41  GLU 41  41  41  GLU GLU A . n 
A 1 42  ASN 42  42  42  ASN ASN A . n 
A 1 43  PHE 43  43  43  PHE PHE A . n 
A 1 44  ARG 44  44  44  ARG ARG A . n 
A 1 45  ALA 45  45  45  ALA ALA A . n 
A 1 46  LEU 46  46  46  LEU LEU A . n 
A 1 47  CYS 47  47  47  CYS CYS A . n 
A 1 48  THR 48  48  48  THR THR A . n 
A 1 49  GLY 49  49  49  GLY GLY A . n 
A 1 50  GLU 50  50  50  GLU GLU A . n 
A 1 51  ARG 51  51  51  ARG ARG A . n 
A 1 52  GLY 52  52  52  GLY GLY A . n 
A 1 53  PHE 53  53  53  PHE PHE A . n 
A 1 54  GLY 54  54  54  GLY GLY A . n 
A 1 55  TYR 55  55  55  TYR TYR A . n 
A 1 56  HIS 56  56  56  HIS HIS A . n 
A 1 57  ASN 57  57  57  ASN ASN A . n 
A 1 58  CYS 58  58  58  CYS CYS A . n 
A 1 59  CYS 59  59  59  CYS CYS A . n 
A 1 60  PHE 60  60  60  PHE PHE A . n 
A 1 61  HIS 61  61  61  HIS HIS A . n 
A 1 62  ARG 62  62  62  ARG ARG A . n 
A 1 63  VAL 63  63  63  VAL VAL A . n 
A 1 64  ILE 64  64  64  ILE ILE A . n 
A 1 65  PRO 65  65  65  PRO PRO A . n 
A 1 66  GLN 66  66  66  GLN GLN A . n 
A 1 67  PHE 67  67  67  PHE PHE A . n 
A 1 68  MET 68  68  68  MET MET A . n 
A 1 69  CYS 69  69  69  CYS CYS A . n 
A 1 70  GLN 70  70  70  GLN GLN A . n 
A 1 71  GLY 71  71  71  GLY GLY A . n 
A 1 72  GLY 72  72  72  GLY GLY A . n 
A 1 73  ASP 73  73  73  ASP ASP A . n 
A 1 74  PHE 74  74  74  PHE PHE A . n 
A 1 75  VAL 75  75  75  VAL VAL A . n 
A 1 76  LYS 76  76  76  LYS LYS A . n 
A 1 77  GLY 77  77  77  GLY GLY A . n 
A 1 78  ASP 78  78  78  ASP ASP A . n 
A 1 79  GLY 79  79  79  GLY GLY A . n 
A 1 80  THR 80  80  80  THR THR A . n 
A 1 81  GLY 81  81  81  GLY GLY A . n 
A 1 82  GLY 82  82  82  GLY GLY A . n 
A 1 83  LYS 83  83  83  LYS LYS A . n 
A 1 84  SER 84  84  84  SER SER A . n 
A 1 85  ILE 85  85  85  ILE ILE A . n 
A 1 86  TYR 86  86  86  TYR TYR A . n 
A 1 87  GLY 87  87  87  GLY GLY A . n 
A 1 88  ARG 88  88  88  ARG ARG A . n 
A 1 89  LYS 89  89  89  LYS LYS A . n 
A 1 90  PHE 90  90  90  PHE PHE A . n 
A 1 91  ASP 91  91  91  ASP ASP A . n 
A 1 92  ASP 92  92  92  ASP ASP A . n 
A 1 93  GLU 93  93  93  GLU GLU A . n 
A 1 94  ASN 94  94  94  ASN ASN A . n 
A 1 95  PHE 95  95  95  PHE PHE A . n 
A 1 96  GLN 96  96  96  GLN GLN A . n 
A 1 97  LEU 97  97  97  LEU LEU A . n 
A 1 98  ARG 98  98  98  ARG ARG A . n 
A 1 99  HIS 99  99  99  HIS HIS A . n 
A 1 100 GLU 100 100 100 GLU GLU A . n 
A 1 101 GLY 101 101 101 GLY GLY A . n 
A 1 102 PHE 102 102 102 PHE PHE A . n 
A 1 103 GLY 103 103 103 GLY GLY A . n 
A 1 104 VAL 104 104 104 VAL VAL A . n 
A 1 105 LEU 105 105 105 LEU LEU A . n 
A 1 106 SER 106 106 106 SER SER A . n 
A 1 107 MET 107 107 107 MET MET A . n 
A 1 108 ALA 108 108 108 ALA ALA A . n 
A 1 109 ASN 109 109 109 ASN ASN A . n 
A 1 110 SER 110 110 110 SER SER A . n 
A 1 111 GLY 111 111 111 GLY GLY A . n 
A 1 112 PRO 112 112 112 PRO PRO A . n 
A 1 113 ASN 113 113 113 ASN ASN A . n 
A 1 114 THR 114 114 114 THR THR A . n 
A 1 115 ASN 115 115 115 ASN ASN A . n 
A 1 116 GLY 116 116 116 GLY GLY A . n 
A 1 117 SER 117 117 117 SER SER A . n 
A 1 118 GLN 118 118 118 GLN GLN A . n 
A 1 119 PHE 119 119 119 PHE PHE A . n 
A 1 120 PHE 120 120 120 PHE PHE A . n 
A 1 121 ILE 121 121 121 ILE ILE A . n 
A 1 122 CYS 122 122 122 CYS CYS A . n 
A 1 123 THR 123 123 123 THR THR A . n 
A 1 124 THR 124 124 124 THR THR A . n 
A 1 125 LYS 125 125 125 LYS LYS A . n 
A 1 126 CYS 126 126 126 CYS CYS A . n 
A 1 127 ASP 127 127 127 ASP ASP A . n 
A 1 128 TRP 128 128 128 TRP TRP A . n 
A 1 129 LEU 129 129 129 LEU LEU A . n 
A 1 130 ASP 130 130 130 ASP ASP A . n 
A 1 131 GLY 131 131 131 GLY GLY A . n 
A 1 132 LYS 132 132 132 LYS LYS A . n 
A 1 133 HIS 133 133 133 HIS HIS A . n 
A 1 134 VAL 134 134 134 VAL VAL A . n 
A 1 135 VAL 135 135 135 VAL VAL A . n 
A 1 136 PHE 136 136 136 PHE PHE A . n 
A 1 137 GLY 137 137 137 GLY GLY A . n 
A 1 138 ARG 138 138 138 ARG ARG A . n 
A 1 139 VAL 139 139 139 VAL VAL A . n 
A 1 140 VAL 140 140 140 VAL VAL A . n 
A 1 141 ASP 141 141 141 ASP ASP A . n 
A 1 142 GLY 142 142 142 GLY GLY A . n 
A 1 143 GLN 143 143 143 GLN GLN A . n 
A 1 144 ASN 144 144 144 ASN ASN A . n 
A 1 145 VAL 145 145 145 VAL VAL A . n 
A 1 146 VAL 146 146 146 VAL VAL A . n 
A 1 147 LYS 147 147 147 LYS LYS A . n 
A 1 148 LYS 148 148 148 LYS LYS A . n 
A 1 149 MET 149 149 149 MET MET A . n 
A 1 150 GLU 150 150 150 GLU GLU A . n 
A 1 151 SER 151 151 151 SER SER A . n 
A 1 152 VAL 152 152 152 VAL VAL A . n 
A 1 153 GLY 153 153 153 GLY GLY A . n 
A 1 154 SER 154 154 154 SER SER A . n 
A 1 155 LYS 155 155 155 LYS LYS A . n 
A 1 156 SER 156 156 156 SER SER A . n 
A 1 157 GLY 157 157 157 GLY GLY A . n 
A 1 158 LYS 158 158 158 LYS LYS A . n 
A 1 159 VAL 159 159 159 VAL VAL A . n 
A 1 160 LYS 160 160 160 LYS LYS A . n 
A 1 161 GLU 161 161 161 GLU GLU A . n 
A 1 162 PRO 162 162 162 PRO PRO A . n 
A 1 163 VAL 163 163 163 VAL VAL A . n 
A 1 164 ILE 164 164 164 ILE ILE A . n 
A 1 165 ILE 165 165 165 ILE ILE A . n 
A 1 166 SER 166 166 166 SER SER A . n 
A 1 167 ARG 167 167 167 ARG ARG A . n 
A 1 168 CYS 168 168 168 CYS CYS A . n 
A 1 169 GLY 169 169 169 GLY GLY A . n 
A 1 170 GLU 170 170 170 GLU GLU A . n 
A 1 171 LEU 171 171 171 LEU LEU A . n 
A 1 172 ILE 172 172 172 ILE ILE A . n 
# 
loop_
_pdbx_nonpoly_scheme.asym_id 
_pdbx_nonpoly_scheme.entity_id 
_pdbx_nonpoly_scheme.mon_id 
_pdbx_nonpoly_scheme.ndb_seq_num 
_pdbx_nonpoly_scheme.pdb_seq_num 
_pdbx_nonpoly_scheme.auth_seq_num 
_pdbx_nonpoly_scheme.pdb_mon_id 
_pdbx_nonpoly_scheme.auth_mon_id 
_pdbx_nonpoly_scheme.pdb_strand_id 
_pdbx_nonpoly_scheme.pdb_ins_code 
B 2 ACT 1   1210 1210 ACT ACT A . 
C 3 HOH 1   2001 2001 HOH HOH A . 
C 3 HOH 2   2002 2002 HOH HOH A . 
C 3 HOH 3   2003 2003 HOH HOH A . 
C 3 HOH 4   2004 2004 HOH HOH A . 
C 3 HOH 5   2005 2005 HOH HOH A . 
C 3 HOH 6   2006 2006 HOH HOH A . 
C 3 HOH 7   2007 2007 HOH HOH A . 
C 3 HOH 8   2008 2008 HOH HOH A . 
C 3 HOH 9   2009 2009 HOH HOH A . 
C 3 HOH 10  2010 2010 HOH HOH A . 
C 3 HOH 11  2011 2011 HOH HOH A . 
C 3 HOH 12  2012 2012 HOH HOH A . 
C 3 HOH 13  2013 2013 HOH HOH A . 
C 3 HOH 14  2014 2014 HOH HOH A . 
C 3 HOH 15  2015 2015 HOH HOH A . 
C 3 HOH 16  2016 2016 HOH HOH A . 
C 3 HOH 17  2017 2017 HOH HOH A . 
C 3 HOH 18  2018 2018 HOH HOH A . 
C 3 HOH 19  2019 2019 HOH HOH A . 
C 3 HOH 20  2020 2020 HOH HOH A . 
C 3 HOH 21  2021 2021 HOH HOH A . 
C 3 HOH 22  2022 2022 HOH HOH A . 
C 3 HOH 23  2023 2023 HOH HOH A . 
C 3 HOH 24  2024 2024 HOH HOH A . 
C 3 HOH 25  2025 2025 HOH HOH A . 
C 3 HOH 26  2026 2026 HOH HOH A . 
C 3 HOH 27  2027 2027 HOH HOH A . 
C 3 HOH 28  2028 2028 HOH HOH A . 
C 3 HOH 29  2029 2029 HOH HOH A . 
C 3 HOH 30  2030 2030 HOH HOH A . 
C 3 HOH 31  2031 2031 HOH HOH A . 
C 3 HOH 32  2032 2032 HOH HOH A . 
C 3 HOH 33  2033 2033 HOH HOH A . 
C 3 HOH 34  2034 2034 HOH HOH A . 
C 3 HOH 35  2035 2035 HOH HOH A . 
C 3 HOH 36  2036 2036 HOH HOH A . 
C 3 HOH 37  2037 2037 HOH HOH A . 
C 3 HOH 38  2038 2038 HOH HOH A . 
C 3 HOH 39  2039 2039 HOH HOH A . 
C 3 HOH 40  2040 2040 HOH HOH A . 
C 3 HOH 41  2041 2041 HOH HOH A . 
C 3 HOH 42  2042 2042 HOH HOH A . 
C 3 HOH 43  2043 2043 HOH HOH A . 
C 3 HOH 44  2044 2044 HOH HOH A . 
C 3 HOH 45  2045 2045 HOH HOH A . 
C 3 HOH 46  2046 2046 HOH HOH A . 
C 3 HOH 47  2047 2047 HOH HOH A . 
C 3 HOH 48  2048 2048 HOH HOH A . 
C 3 HOH 49  2049 2049 HOH HOH A . 
C 3 HOH 50  2050 2050 HOH HOH A . 
C 3 HOH 51  2051 2051 HOH HOH A . 
C 3 HOH 52  2052 2052 HOH HOH A . 
C 3 HOH 53  2053 2053 HOH HOH A . 
C 3 HOH 54  2054 2054 HOH HOH A . 
C 3 HOH 55  2055 2055 HOH HOH A . 
C 3 HOH 56  2056 2056 HOH HOH A . 
C 3 HOH 57  2057 2057 HOH HOH A . 
C 3 HOH 58  2058 2058 HOH HOH A . 
C 3 HOH 59  2059 2059 HOH HOH A . 
C 3 HOH 60  2060 2060 HOH HOH A . 
C 3 HOH 61  2061 2061 HOH HOH A . 
C 3 HOH 62  2062 2062 HOH HOH A . 
C 3 HOH 63  2063 2063 HOH HOH A . 
C 3 HOH 64  2064 2064 HOH HOH A . 
C 3 HOH 65  2065 2065 HOH HOH A . 
C 3 HOH 66  2066 2066 HOH HOH A . 
C 3 HOH 67  2067 2067 HOH HOH A . 
C 3 HOH 68  2068 2068 HOH HOH A . 
C 3 HOH 69  2069 2069 HOH HOH A . 
C 3 HOH 70  2070 2070 HOH HOH A . 
C 3 HOH 71  2071 2071 HOH HOH A . 
C 3 HOH 72  2072 2072 HOH HOH A . 
C 3 HOH 73  2073 2073 HOH HOH A . 
C 3 HOH 74  2074 2074 HOH HOH A . 
C 3 HOH 75  2075 2075 HOH HOH A . 
C 3 HOH 76  2076 2076 HOH HOH A . 
C 3 HOH 77  2077 2077 HOH HOH A . 
C 3 HOH 78  2078 2078 HOH HOH A . 
C 3 HOH 79  2079 2079 HOH HOH A . 
C 3 HOH 80  2080 2080 HOH HOH A . 
C 3 HOH 81  2081 2081 HOH HOH A . 
C 3 HOH 82  2082 2082 HOH HOH A . 
C 3 HOH 83  2083 2083 HOH HOH A . 
C 3 HOH 84  2084 2084 HOH HOH A . 
C 3 HOH 85  2085 2085 HOH HOH A . 
C 3 HOH 86  2086 2086 HOH HOH A . 
C 3 HOH 87  2087 2087 HOH HOH A . 
C 3 HOH 88  2088 2088 HOH HOH A . 
C 3 HOH 89  2089 2089 HOH HOH A . 
C 3 HOH 90  2090 2090 HOH HOH A . 
C 3 HOH 91  2091 2091 HOH HOH A . 
C 3 HOH 92  2092 2092 HOH HOH A . 
C 3 HOH 93  2093 2093 HOH HOH A . 
C 3 HOH 94  2094 2094 HOH HOH A . 
C 3 HOH 95  2095 2095 HOH HOH A . 
C 3 HOH 96  2096 2096 HOH HOH A . 
C 3 HOH 97  2097 2097 HOH HOH A . 
C 3 HOH 98  2098 2098 HOH HOH A . 
C 3 HOH 99  2099 2099 HOH HOH A . 
C 3 HOH 100 2100 2100 HOH HOH A . 
# 
_pdbx_struct_assembly.id                   1 
_pdbx_struct_assembly.details              author_and_software_defined_assembly 
_pdbx_struct_assembly.method_details       PQS 
_pdbx_struct_assembly.oligomeric_details   monomeric 
_pdbx_struct_assembly.oligomeric_count     1 
# 
_pdbx_struct_assembly_gen.assembly_id       1 
_pdbx_struct_assembly_gen.oper_expression   1 
_pdbx_struct_assembly_gen.asym_id_list      A,B,C 
# 
_pdbx_struct_oper_list.id                   1 
_pdbx_struct_oper_list.type                 'identity operation' 
_pdbx_struct_oper_list.name                 1_555 
_pdbx_struct_oper_list.symmetry_operation   x,y,z 
_pdbx_struct_oper_list.matrix[1][1]         1.0000000000 
_pdbx_struct_oper_list.matrix[1][2]         0.0000000000 
_pdbx_struct_oper_list.matrix[1][3]         0.0000000000 
_pdbx_struct_oper_list.vector[1]            0.0000000000 
_pdbx_struct_oper_list.matrix[2][1]         0.0000000000 
_pdbx_struct_oper_list.matrix[2][2]         1.0000000000 
_pdbx_struct_oper_list.matrix[2][3]         0.0000000000 
_pdbx_struct_oper_list.vector[2]            0.0000000000 
_pdbx_struct_oper_list.matrix[3][1]         0.0000000000 
_pdbx_struct_oper_list.matrix[3][2]         0.0000000000 
_pdbx_struct_oper_list.matrix[3][3]         1.0000000000 
_pdbx_struct_oper_list.vector[3]            0.0000000000 
# 
loop_
_pdbx_audit_revision_history.ordinal 
_pdbx_audit_revision_history.data_content_type 
_pdbx_audit_revision_history.major_revision 
_pdbx_audit_revision_history.minor_revision 
_pdbx_audit_revision_history.revision_date 
1 'Structure model' 1 0 2007-05-15 
2 'Structure model' 1 1 2011-05-08 
3 'Structure model' 1 2 2011-07-13 
4 'Structure model' 1 3 2023-12-13 
# 
_pdbx_audit_revision_details.ordinal             1 
_pdbx_audit_revision_details.revision_ordinal    1 
_pdbx_audit_revision_details.data_content_type   'Structure model' 
_pdbx_audit_revision_details.provider            repository 
_pdbx_audit_revision_details.type                'Initial release' 
_pdbx_audit_revision_details.description         ? 
_pdbx_audit_revision_details.details             ? 
# 
loop_
_pdbx_audit_revision_group.ordinal 
_pdbx_audit_revision_group.revision_ordinal 
_pdbx_audit_revision_group.data_content_type 
_pdbx_audit_revision_group.group 
1 2 'Structure model' 'Version format compliance' 
2 3 'Structure model' 'Version format compliance' 
3 4 'Structure model' 'Data collection'           
4 4 'Structure model' 'Database references'       
5 4 'Structure model' Other                       
6 4 'Structure model' 'Refinement description'    
# 
loop_
_pdbx_audit_revision_category.ordinal 
_pdbx_audit_revision_category.revision_ordinal 
_pdbx_audit_revision_category.data_content_type 
_pdbx_audit_revision_category.category 
1 4 'Structure model' chem_comp_atom                
2 4 'Structure model' chem_comp_bond                
3 4 'Structure model' database_2                    
4 4 'Structure model' pdbx_database_status          
5 4 'Structure model' pdbx_initial_refinement_model 
# 
loop_
_pdbx_audit_revision_item.ordinal 
_pdbx_audit_revision_item.revision_ordinal 
_pdbx_audit_revision_item.data_content_type 
_pdbx_audit_revision_item.item 
1 4 'Structure model' '_database_2.pdbx_DOI'                 
2 4 'Structure model' '_database_2.pdbx_database_accession'  
3 4 'Structure model' '_pdbx_database_status.status_code_sf' 
# 
loop_
_software.name 
_software.classification 
_software.version 
_software.citation_id 
_software.pdbx_ordinal 
REFMAC refinement       5.2.0005 ? 1 
MOSFLM 'data reduction' .        ? 2 
SCALA  'data scaling'   .        ? 3 
MOLREP phasing          .        ? 4 
# 
_pdbx_entry_details.entry_id                 2CMT 
_pdbx_entry_details.compound_details         
;PPIASES TAKES PART IN THE CIS-TRANS ISOMERIZATION
 OF PROLINE IMIDIC PEPTIDE BONDS IN OLIGOPEPTIDES.
;
_pdbx_entry_details.source_details           ? 
_pdbx_entry_details.nonpolymer_details       ? 
_pdbx_entry_details.sequence_details         ? 
_pdbx_entry_details.has_ligand_of_interest   ? 
# 
_pdbx_validate_torsion.id              1 
_pdbx_validate_torsion.PDB_model_num   1 
_pdbx_validate_torsion.auth_comp_id    PHE 
_pdbx_validate_torsion.auth_asym_id    A 
_pdbx_validate_torsion.auth_seq_id     67 
_pdbx_validate_torsion.PDB_ins_code    ? 
_pdbx_validate_torsion.label_alt_id    ? 
_pdbx_validate_torsion.phi             -128.00 
_pdbx_validate_torsion.psi             -65.19 
# 
loop_
_pdbx_unobs_or_zero_occ_residues.id 
_pdbx_unobs_or_zero_occ_residues.PDB_model_num 
_pdbx_unobs_or_zero_occ_residues.polymer_flag 
_pdbx_unobs_or_zero_occ_residues.occupancy_flag 
_pdbx_unobs_or_zero_occ_residues.auth_asym_id 
_pdbx_unobs_or_zero_occ_residues.auth_comp_id 
_pdbx_unobs_or_zero_occ_residues.auth_seq_id 
_pdbx_unobs_or_zero_occ_residues.PDB_ins_code 
_pdbx_unobs_or_zero_occ_residues.label_asym_id 
_pdbx_unobs_or_zero_occ_residues.label_comp_id 
_pdbx_unobs_or_zero_occ_residues.label_seq_id 
1 1 Y 1 A MET 1 ? A MET 1 
2 1 Y 1 A ARG 2 ? A ARG 2 
3 1 Y 1 A THR 3 ? A THR 3 
4 1 Y 1 A LYS 4 ? A LYS 4 
5 1 Y 1 A LYS 5 ? A LYS 5 
6 1 Y 1 A GLN 6 ? A GLN 6 
7 1 Y 1 A LYS 7 ? A LYS 7 
8 1 Y 1 A ARG 8 ? A ARG 8 
# 
loop_
_chem_comp_atom.comp_id 
_chem_comp_atom.atom_id 
_chem_comp_atom.type_symbol 
_chem_comp_atom.pdbx_aromatic_flag 
_chem_comp_atom.pdbx_stereo_config 
_chem_comp_atom.pdbx_ordinal 
ACT C    C N N 1   
ACT O    O N N 2   
ACT OXT  O N N 3   
ACT CH3  C N N 4   
ACT H1   H N N 5   
ACT H2   H N N 6   
ACT H3   H N N 7   
ALA N    N N N 8   
ALA CA   C N S 9   
ALA C    C N N 10  
ALA O    O N N 11  
ALA CB   C N N 12  
ALA OXT  O N N 13  
ALA H    H N N 14  
ALA H2   H N N 15  
ALA HA   H N N 16  
ALA HB1  H N N 17  
ALA HB2  H N N 18  
ALA HB3  H N N 19  
ALA HXT  H N N 20  
ARG N    N N N 21  
ARG CA   C N S 22  
ARG C    C N N 23  
ARG O    O N N 24  
ARG CB   C N N 25  
ARG CG   C N N 26  
ARG CD   C N N 27  
ARG NE   N N N 28  
ARG CZ   C N N 29  
ARG NH1  N N N 30  
ARG NH2  N N N 31  
ARG OXT  O N N 32  
ARG H    H N N 33  
ARG H2   H N N 34  
ARG HA   H N N 35  
ARG HB2  H N N 36  
ARG HB3  H N N 37  
ARG HG2  H N N 38  
ARG HG3  H N N 39  
ARG HD2  H N N 40  
ARG HD3  H N N 41  
ARG HE   H N N 42  
ARG HH11 H N N 43  
ARG HH12 H N N 44  
ARG HH21 H N N 45  
ARG HH22 H N N 46  
ARG HXT  H N N 47  
ASN N    N N N 48  
ASN CA   C N S 49  
ASN C    C N N 50  
ASN O    O N N 51  
ASN CB   C N N 52  
ASN CG   C N N 53  
ASN OD1  O N N 54  
ASN ND2  N N N 55  
ASN OXT  O N N 56  
ASN H    H N N 57  
ASN H2   H N N 58  
ASN HA   H N N 59  
ASN HB2  H N N 60  
ASN HB3  H N N 61  
ASN HD21 H N N 62  
ASN HD22 H N N 63  
ASN HXT  H N N 64  
ASP N    N N N 65  
ASP CA   C N S 66  
ASP C    C N N 67  
ASP O    O N N 68  
ASP CB   C N N 69  
ASP CG   C N N 70  
ASP OD1  O N N 71  
ASP OD2  O N N 72  
ASP OXT  O N N 73  
ASP H    H N N 74  
ASP H2   H N N 75  
ASP HA   H N N 76  
ASP HB2  H N N 77  
ASP HB3  H N N 78  
ASP HD2  H N N 79  
ASP HXT  H N N 80  
CYS N    N N N 81  
CYS CA   C N R 82  
CYS C    C N N 83  
CYS O    O N N 84  
CYS CB   C N N 85  
CYS SG   S N N 86  
CYS OXT  O N N 87  
CYS H    H N N 88  
CYS H2   H N N 89  
CYS HA   H N N 90  
CYS HB2  H N N 91  
CYS HB3  H N N 92  
CYS HG   H N N 93  
CYS HXT  H N N 94  
GLN N    N N N 95  
GLN CA   C N S 96  
GLN C    C N N 97  
GLN O    O N N 98  
GLN CB   C N N 99  
GLN CG   C N N 100 
GLN CD   C N N 101 
GLN OE1  O N N 102 
GLN NE2  N N N 103 
GLN OXT  O N N 104 
GLN H    H N N 105 
GLN H2   H N N 106 
GLN HA   H N N 107 
GLN HB2  H N N 108 
GLN HB3  H N N 109 
GLN HG2  H N N 110 
GLN HG3  H N N 111 
GLN HE21 H N N 112 
GLN HE22 H N N 113 
GLN HXT  H N N 114 
GLU N    N N N 115 
GLU CA   C N S 116 
GLU C    C N N 117 
GLU O    O N N 118 
GLU CB   C N N 119 
GLU CG   C N N 120 
GLU CD   C N N 121 
GLU OE1  O N N 122 
GLU OE2  O N N 123 
GLU OXT  O N N 124 
GLU H    H N N 125 
GLU H2   H N N 126 
GLU HA   H N N 127 
GLU HB2  H N N 128 
GLU HB3  H N N 129 
GLU HG2  H N N 130 
GLU HG3  H N N 131 
GLU HE2  H N N 132 
GLU HXT  H N N 133 
GLY N    N N N 134 
GLY CA   C N N 135 
GLY C    C N N 136 
GLY O    O N N 137 
GLY OXT  O N N 138 
GLY H    H N N 139 
GLY H2   H N N 140 
GLY HA2  H N N 141 
GLY HA3  H N N 142 
GLY HXT  H N N 143 
HIS N    N N N 144 
HIS CA   C N S 145 
HIS C    C N N 146 
HIS O    O N N 147 
HIS CB   C N N 148 
HIS CG   C Y N 149 
HIS ND1  N Y N 150 
HIS CD2  C Y N 151 
HIS CE1  C Y N 152 
HIS NE2  N Y N 153 
HIS OXT  O N N 154 
HIS H    H N N 155 
HIS H2   H N N 156 
HIS HA   H N N 157 
HIS HB2  H N N 158 
HIS HB3  H N N 159 
HIS HD1  H N N 160 
HIS HD2  H N N 161 
HIS HE1  H N N 162 
HIS HE2  H N N 163 
HIS HXT  H N N 164 
HOH O    O N N 165 
HOH H1   H N N 166 
HOH H2   H N N 167 
ILE N    N N N 168 
ILE CA   C N S 169 
ILE C    C N N 170 
ILE O    O N N 171 
ILE CB   C N S 172 
ILE CG1  C N N 173 
ILE CG2  C N N 174 
ILE CD1  C N N 175 
ILE OXT  O N N 176 
ILE H    H N N 177 
ILE H2   H N N 178 
ILE HA   H N N 179 
ILE HB   H N N 180 
ILE HG12 H N N 181 
ILE HG13 H N N 182 
ILE HG21 H N N 183 
ILE HG22 H N N 184 
ILE HG23 H N N 185 
ILE HD11 H N N 186 
ILE HD12 H N N 187 
ILE HD13 H N N 188 
ILE HXT  H N N 189 
LEU N    N N N 190 
LEU CA   C N S 191 
LEU C    C N N 192 
LEU O    O N N 193 
LEU CB   C N N 194 
LEU CG   C N N 195 
LEU CD1  C N N 196 
LEU CD2  C N N 197 
LEU OXT  O N N 198 
LEU H    H N N 199 
LEU H2   H N N 200 
LEU HA   H N N 201 
LEU HB2  H N N 202 
LEU HB3  H N N 203 
LEU HG   H N N 204 
LEU HD11 H N N 205 
LEU HD12 H N N 206 
LEU HD13 H N N 207 
LEU HD21 H N N 208 
LEU HD22 H N N 209 
LEU HD23 H N N 210 
LEU HXT  H N N 211 
LYS N    N N N 212 
LYS CA   C N S 213 
LYS C    C N N 214 
LYS O    O N N 215 
LYS CB   C N N 216 
LYS CG   C N N 217 
LYS CD   C N N 218 
LYS CE   C N N 219 
LYS NZ   N N N 220 
LYS OXT  O N N 221 
LYS H    H N N 222 
LYS H2   H N N 223 
LYS HA   H N N 224 
LYS HB2  H N N 225 
LYS HB3  H N N 226 
LYS HG2  H N N 227 
LYS HG3  H N N 228 
LYS HD2  H N N 229 
LYS HD3  H N N 230 
LYS HE2  H N N 231 
LYS HE3  H N N 232 
LYS HZ1  H N N 233 
LYS HZ2  H N N 234 
LYS HZ3  H N N 235 
LYS HXT  H N N 236 
MET N    N N N 237 
MET CA   C N S 238 
MET C    C N N 239 
MET O    O N N 240 
MET CB   C N N 241 
MET CG   C N N 242 
MET SD   S N N 243 
MET CE   C N N 244 
MET OXT  O N N 245 
MET H    H N N 246 
MET H2   H N N 247 
MET HA   H N N 248 
MET HB2  H N N 249 
MET HB3  H N N 250 
MET HG2  H N N 251 
MET HG3  H N N 252 
MET HE1  H N N 253 
MET HE2  H N N 254 
MET HE3  H N N 255 
MET HXT  H N N 256 
PHE N    N N N 257 
PHE CA   C N S 258 
PHE C    C N N 259 
PHE O    O N N 260 
PHE CB   C N N 261 
PHE CG   C Y N 262 
PHE CD1  C Y N 263 
PHE CD2  C Y N 264 
PHE CE1  C Y N 265 
PHE CE2  C Y N 266 
PHE CZ   C Y N 267 
PHE OXT  O N N 268 
PHE H    H N N 269 
PHE H2   H N N 270 
PHE HA   H N N 271 
PHE HB2  H N N 272 
PHE HB3  H N N 273 
PHE HD1  H N N 274 
PHE HD2  H N N 275 
PHE HE1  H N N 276 
PHE HE2  H N N 277 
PHE HZ   H N N 278 
PHE HXT  H N N 279 
PRO N    N N N 280 
PRO CA   C N S 281 
PRO C    C N N 282 
PRO O    O N N 283 
PRO CB   C N N 284 
PRO CG   C N N 285 
PRO CD   C N N 286 
PRO OXT  O N N 287 
PRO H    H N N 288 
PRO HA   H N N 289 
PRO HB2  H N N 290 
PRO HB3  H N N 291 
PRO HG2  H N N 292 
PRO HG3  H N N 293 
PRO HD2  H N N 294 
PRO HD3  H N N 295 
PRO HXT  H N N 296 
SER N    N N N 297 
SER CA   C N S 298 
SER C    C N N 299 
SER O    O N N 300 
SER CB   C N N 301 
SER OG   O N N 302 
SER OXT  O N N 303 
SER H    H N N 304 
SER H2   H N N 305 
SER HA   H N N 306 
SER HB2  H N N 307 
SER HB3  H N N 308 
SER HG   H N N 309 
SER HXT  H N N 310 
THR N    N N N 311 
THR CA   C N S 312 
THR C    C N N 313 
THR O    O N N 314 
THR CB   C N R 315 
THR OG1  O N N 316 
THR CG2  C N N 317 
THR OXT  O N N 318 
THR H    H N N 319 
THR H2   H N N 320 
THR HA   H N N 321 
THR HB   H N N 322 
THR HG1  H N N 323 
THR HG21 H N N 324 
THR HG22 H N N 325 
THR HG23 H N N 326 
THR HXT  H N N 327 
TRP N    N N N 328 
TRP CA   C N S 329 
TRP C    C N N 330 
TRP O    O N N 331 
TRP CB   C N N 332 
TRP CG   C Y N 333 
TRP CD1  C Y N 334 
TRP CD2  C Y N 335 
TRP NE1  N Y N 336 
TRP CE2  C Y N 337 
TRP CE3  C Y N 338 
TRP CZ2  C Y N 339 
TRP CZ3  C Y N 340 
TRP CH2  C Y N 341 
TRP OXT  O N N 342 
TRP H    H N N 343 
TRP H2   H N N 344 
TRP HA   H N N 345 
TRP HB2  H N N 346 
TRP HB3  H N N 347 
TRP HD1  H N N 348 
TRP HE1  H N N 349 
TRP HE3  H N N 350 
TRP HZ2  H N N 351 
TRP HZ3  H N N 352 
TRP HH2  H N N 353 
TRP HXT  H N N 354 
TYR N    N N N 355 
TYR CA   C N S 356 
TYR C    C N N 357 
TYR O    O N N 358 
TYR CB   C N N 359 
TYR CG   C Y N 360 
TYR CD1  C Y N 361 
TYR CD2  C Y N 362 
TYR CE1  C Y N 363 
TYR CE2  C Y N 364 
TYR CZ   C Y N 365 
TYR OH   O N N 366 
TYR OXT  O N N 367 
TYR H    H N N 368 
TYR H2   H N N 369 
TYR HA   H N N 370 
TYR HB2  H N N 371 
TYR HB3  H N N 372 
TYR HD1  H N N 373 
TYR HD2  H N N 374 
TYR HE1  H N N 375 
TYR HE2  H N N 376 
TYR HH   H N N 377 
TYR HXT  H N N 378 
VAL N    N N N 379 
VAL CA   C N S 380 
VAL C    C N N 381 
VAL O    O N N 382 
VAL CB   C N N 383 
VAL CG1  C N N 384 
VAL CG2  C N N 385 
VAL OXT  O N N 386 
VAL H    H N N 387 
VAL H2   H N N 388 
VAL HA   H N N 389 
VAL HB   H N N 390 
VAL HG11 H N N 391 
VAL HG12 H N N 392 
VAL HG13 H N N 393 
VAL HG21 H N N 394 
VAL HG22 H N N 395 
VAL HG23 H N N 396 
VAL HXT  H N N 397 
# 
loop_
_chem_comp_bond.comp_id 
_chem_comp_bond.atom_id_1 
_chem_comp_bond.atom_id_2 
_chem_comp_bond.value_order 
_chem_comp_bond.pdbx_aromatic_flag 
_chem_comp_bond.pdbx_stereo_config 
_chem_comp_bond.pdbx_ordinal 
ACT C   O    doub N N 1   
ACT C   OXT  sing N N 2   
ACT C   CH3  sing N N 3   
ACT CH3 H1   sing N N 4   
ACT CH3 H2   sing N N 5   
ACT CH3 H3   sing N N 6   
ALA N   CA   sing N N 7   
ALA N   H    sing N N 8   
ALA N   H2   sing N N 9   
ALA CA  C    sing N N 10  
ALA CA  CB   sing N N 11  
ALA CA  HA   sing N N 12  
ALA C   O    doub N N 13  
ALA C   OXT  sing N N 14  
ALA CB  HB1  sing N N 15  
ALA CB  HB2  sing N N 16  
ALA CB  HB3  sing N N 17  
ALA OXT HXT  sing N N 18  
ARG N   CA   sing N N 19  
ARG N   H    sing N N 20  
ARG N   H2   sing N N 21  
ARG CA  C    sing N N 22  
ARG CA  CB   sing N N 23  
ARG CA  HA   sing N N 24  
ARG C   O    doub N N 25  
ARG C   OXT  sing N N 26  
ARG CB  CG   sing N N 27  
ARG CB  HB2  sing N N 28  
ARG CB  HB3  sing N N 29  
ARG CG  CD   sing N N 30  
ARG CG  HG2  sing N N 31  
ARG CG  HG3  sing N N 32  
ARG CD  NE   sing N N 33  
ARG CD  HD2  sing N N 34  
ARG CD  HD3  sing N N 35  
ARG NE  CZ   sing N N 36  
ARG NE  HE   sing N N 37  
ARG CZ  NH1  sing N N 38  
ARG CZ  NH2  doub N N 39  
ARG NH1 HH11 sing N N 40  
ARG NH1 HH12 sing N N 41  
ARG NH2 HH21 sing N N 42  
ARG NH2 HH22 sing N N 43  
ARG OXT HXT  sing N N 44  
ASN N   CA   sing N N 45  
ASN N   H    sing N N 46  
ASN N   H2   sing N N 47  
ASN CA  C    sing N N 48  
ASN CA  CB   sing N N 49  
ASN CA  HA   sing N N 50  
ASN C   O    doub N N 51  
ASN C   OXT  sing N N 52  
ASN CB  CG   sing N N 53  
ASN CB  HB2  sing N N 54  
ASN CB  HB3  sing N N 55  
ASN CG  OD1  doub N N 56  
ASN CG  ND2  sing N N 57  
ASN ND2 HD21 sing N N 58  
ASN ND2 HD22 sing N N 59  
ASN OXT HXT  sing N N 60  
ASP N   CA   sing N N 61  
ASP N   H    sing N N 62  
ASP N   H2   sing N N 63  
ASP CA  C    sing N N 64  
ASP CA  CB   sing N N 65  
ASP CA  HA   sing N N 66  
ASP C   O    doub N N 67  
ASP C   OXT  sing N N 68  
ASP CB  CG   sing N N 69  
ASP CB  HB2  sing N N 70  
ASP CB  HB3  sing N N 71  
ASP CG  OD1  doub N N 72  
ASP CG  OD2  sing N N 73  
ASP OD2 HD2  sing N N 74  
ASP OXT HXT  sing N N 75  
CYS N   CA   sing N N 76  
CYS N   H    sing N N 77  
CYS N   H2   sing N N 78  
CYS CA  C    sing N N 79  
CYS CA  CB   sing N N 80  
CYS CA  HA   sing N N 81  
CYS C   O    doub N N 82  
CYS C   OXT  sing N N 83  
CYS CB  SG   sing N N 84  
CYS CB  HB2  sing N N 85  
CYS CB  HB3  sing N N 86  
CYS SG  HG   sing N N 87  
CYS OXT HXT  sing N N 88  
GLN N   CA   sing N N 89  
GLN N   H    sing N N 90  
GLN N   H2   sing N N 91  
GLN CA  C    sing N N 92  
GLN CA  CB   sing N N 93  
GLN CA  HA   sing N N 94  
GLN C   O    doub N N 95  
GLN C   OXT  sing N N 96  
GLN CB  CG   sing N N 97  
GLN CB  HB2  sing N N 98  
GLN CB  HB3  sing N N 99  
GLN CG  CD   sing N N 100 
GLN CG  HG2  sing N N 101 
GLN CG  HG3  sing N N 102 
GLN CD  OE1  doub N N 103 
GLN CD  NE2  sing N N 104 
GLN NE2 HE21 sing N N 105 
GLN NE2 HE22 sing N N 106 
GLN OXT HXT  sing N N 107 
GLU N   CA   sing N N 108 
GLU N   H    sing N N 109 
GLU N   H2   sing N N 110 
GLU CA  C    sing N N 111 
GLU CA  CB   sing N N 112 
GLU CA  HA   sing N N 113 
GLU C   O    doub N N 114 
GLU C   OXT  sing N N 115 
GLU CB  CG   sing N N 116 
GLU CB  HB2  sing N N 117 
GLU CB  HB3  sing N N 118 
GLU CG  CD   sing N N 119 
GLU CG  HG2  sing N N 120 
GLU CG  HG3  sing N N 121 
GLU CD  OE1  doub N N 122 
GLU CD  OE2  sing N N 123 
GLU OE2 HE2  sing N N 124 
GLU OXT HXT  sing N N 125 
GLY N   CA   sing N N 126 
GLY N   H    sing N N 127 
GLY N   H2   sing N N 128 
GLY CA  C    sing N N 129 
GLY CA  HA2  sing N N 130 
GLY CA  HA3  sing N N 131 
GLY C   O    doub N N 132 
GLY C   OXT  sing N N 133 
GLY OXT HXT  sing N N 134 
HIS N   CA   sing N N 135 
HIS N   H    sing N N 136 
HIS N   H2   sing N N 137 
HIS CA  C    sing N N 138 
HIS CA  CB   sing N N 139 
HIS CA  HA   sing N N 140 
HIS C   O    doub N N 141 
HIS C   OXT  sing N N 142 
HIS CB  CG   sing N N 143 
HIS CB  HB2  sing N N 144 
HIS CB  HB3  sing N N 145 
HIS CG  ND1  sing Y N 146 
HIS CG  CD2  doub Y N 147 
HIS ND1 CE1  doub Y N 148 
HIS ND1 HD1  sing N N 149 
HIS CD2 NE2  sing Y N 150 
HIS CD2 HD2  sing N N 151 
HIS CE1 NE2  sing Y N 152 
HIS CE1 HE1  sing N N 153 
HIS NE2 HE2  sing N N 154 
HIS OXT HXT  sing N N 155 
HOH O   H1   sing N N 156 
HOH O   H2   sing N N 157 
ILE N   CA   sing N N 158 
ILE N   H    sing N N 159 
ILE N   H2   sing N N 160 
ILE CA  C    sing N N 161 
ILE CA  CB   sing N N 162 
ILE CA  HA   sing N N 163 
ILE C   O    doub N N 164 
ILE C   OXT  sing N N 165 
ILE CB  CG1  sing N N 166 
ILE CB  CG2  sing N N 167 
ILE CB  HB   sing N N 168 
ILE CG1 CD1  sing N N 169 
ILE CG1 HG12 sing N N 170 
ILE CG1 HG13 sing N N 171 
ILE CG2 HG21 sing N N 172 
ILE CG2 HG22 sing N N 173 
ILE CG2 HG23 sing N N 174 
ILE CD1 HD11 sing N N 175 
ILE CD1 HD12 sing N N 176 
ILE CD1 HD13 sing N N 177 
ILE OXT HXT  sing N N 178 
LEU N   CA   sing N N 179 
LEU N   H    sing N N 180 
LEU N   H2   sing N N 181 
LEU CA  C    sing N N 182 
LEU CA  CB   sing N N 183 
LEU CA  HA   sing N N 184 
LEU C   O    doub N N 185 
LEU C   OXT  sing N N 186 
LEU CB  CG   sing N N 187 
LEU CB  HB2  sing N N 188 
LEU CB  HB3  sing N N 189 
LEU CG  CD1  sing N N 190 
LEU CG  CD2  sing N N 191 
LEU CG  HG   sing N N 192 
LEU CD1 HD11 sing N N 193 
LEU CD1 HD12 sing N N 194 
LEU CD1 HD13 sing N N 195 
LEU CD2 HD21 sing N N 196 
LEU CD2 HD22 sing N N 197 
LEU CD2 HD23 sing N N 198 
LEU OXT HXT  sing N N 199 
LYS N   CA   sing N N 200 
LYS N   H    sing N N 201 
LYS N   H2   sing N N 202 
LYS CA  C    sing N N 203 
LYS CA  CB   sing N N 204 
LYS CA  HA   sing N N 205 
LYS C   O    doub N N 206 
LYS C   OXT  sing N N 207 
LYS CB  CG   sing N N 208 
LYS CB  HB2  sing N N 209 
LYS CB  HB3  sing N N 210 
LYS CG  CD   sing N N 211 
LYS CG  HG2  sing N N 212 
LYS CG  HG3  sing N N 213 
LYS CD  CE   sing N N 214 
LYS CD  HD2  sing N N 215 
LYS CD  HD3  sing N N 216 
LYS CE  NZ   sing N N 217 
LYS CE  HE2  sing N N 218 
LYS CE  HE3  sing N N 219 
LYS NZ  HZ1  sing N N 220 
LYS NZ  HZ2  sing N N 221 
LYS NZ  HZ3  sing N N 222 
LYS OXT HXT  sing N N 223 
MET N   CA   sing N N 224 
MET N   H    sing N N 225 
MET N   H2   sing N N 226 
MET CA  C    sing N N 227 
MET CA  CB   sing N N 228 
MET CA  HA   sing N N 229 
MET C   O    doub N N 230 
MET C   OXT  sing N N 231 
MET CB  CG   sing N N 232 
MET CB  HB2  sing N N 233 
MET CB  HB3  sing N N 234 
MET CG  SD   sing N N 235 
MET CG  HG2  sing N N 236 
MET CG  HG3  sing N N 237 
MET SD  CE   sing N N 238 
MET CE  HE1  sing N N 239 
MET CE  HE2  sing N N 240 
MET CE  HE3  sing N N 241 
MET OXT HXT  sing N N 242 
PHE N   CA   sing N N 243 
PHE N   H    sing N N 244 
PHE N   H2   sing N N 245 
PHE CA  C    sing N N 246 
PHE CA  CB   sing N N 247 
PHE CA  HA   sing N N 248 
PHE C   O    doub N N 249 
PHE C   OXT  sing N N 250 
PHE CB  CG   sing N N 251 
PHE CB  HB2  sing N N 252 
PHE CB  HB3  sing N N 253 
PHE CG  CD1  doub Y N 254 
PHE CG  CD2  sing Y N 255 
PHE CD1 CE1  sing Y N 256 
PHE CD1 HD1  sing N N 257 
PHE CD2 CE2  doub Y N 258 
PHE CD2 HD2  sing N N 259 
PHE CE1 CZ   doub Y N 260 
PHE CE1 HE1  sing N N 261 
PHE CE2 CZ   sing Y N 262 
PHE CE2 HE2  sing N N 263 
PHE CZ  HZ   sing N N 264 
PHE OXT HXT  sing N N 265 
PRO N   CA   sing N N 266 
PRO N   CD   sing N N 267 
PRO N   H    sing N N 268 
PRO CA  C    sing N N 269 
PRO CA  CB   sing N N 270 
PRO CA  HA   sing N N 271 
PRO C   O    doub N N 272 
PRO C   OXT  sing N N 273 
PRO CB  CG   sing N N 274 
PRO CB  HB2  sing N N 275 
PRO CB  HB3  sing N N 276 
PRO CG  CD   sing N N 277 
PRO CG  HG2  sing N N 278 
PRO CG  HG3  sing N N 279 
PRO CD  HD2  sing N N 280 
PRO CD  HD3  sing N N 281 
PRO OXT HXT  sing N N 282 
SER N   CA   sing N N 283 
SER N   H    sing N N 284 
SER N   H2   sing N N 285 
SER CA  C    sing N N 286 
SER CA  CB   sing N N 287 
SER CA  HA   sing N N 288 
SER C   O    doub N N 289 
SER C   OXT  sing N N 290 
SER CB  OG   sing N N 291 
SER CB  HB2  sing N N 292 
SER CB  HB3  sing N N 293 
SER OG  HG   sing N N 294 
SER OXT HXT  sing N N 295 
THR N   CA   sing N N 296 
THR N   H    sing N N 297 
THR N   H2   sing N N 298 
THR CA  C    sing N N 299 
THR CA  CB   sing N N 300 
THR CA  HA   sing N N 301 
THR C   O    doub N N 302 
THR C   OXT  sing N N 303 
THR CB  OG1  sing N N 304 
THR CB  CG2  sing N N 305 
THR CB  HB   sing N N 306 
THR OG1 HG1  sing N N 307 
THR CG2 HG21 sing N N 308 
THR CG2 HG22 sing N N 309 
THR CG2 HG23 sing N N 310 
THR OXT HXT  sing N N 311 
TRP N   CA   sing N N 312 
TRP N   H    sing N N 313 
TRP N   H2   sing N N 314 
TRP CA  C    sing N N 315 
TRP CA  CB   sing N N 316 
TRP CA  HA   sing N N 317 
TRP C   O    doub N N 318 
TRP C   OXT  sing N N 319 
TRP CB  CG   sing N N 320 
TRP CB  HB2  sing N N 321 
TRP CB  HB3  sing N N 322 
TRP CG  CD1  doub Y N 323 
TRP CG  CD2  sing Y N 324 
TRP CD1 NE1  sing Y N 325 
TRP CD1 HD1  sing N N 326 
TRP CD2 CE2  doub Y N 327 
TRP CD2 CE3  sing Y N 328 
TRP NE1 CE2  sing Y N 329 
TRP NE1 HE1  sing N N 330 
TRP CE2 CZ2  sing Y N 331 
TRP CE3 CZ3  doub Y N 332 
TRP CE3 HE3  sing N N 333 
TRP CZ2 CH2  doub Y N 334 
TRP CZ2 HZ2  sing N N 335 
TRP CZ3 CH2  sing Y N 336 
TRP CZ3 HZ3  sing N N 337 
TRP CH2 HH2  sing N N 338 
TRP OXT HXT  sing N N 339 
TYR N   CA   sing N N 340 
TYR N   H    sing N N 341 
TYR N   H2   sing N N 342 
TYR CA  C    sing N N 343 
TYR CA  CB   sing N N 344 
TYR CA  HA   sing N N 345 
TYR C   O    doub N N 346 
TYR C   OXT  sing N N 347 
TYR CB  CG   sing N N 348 
TYR CB  HB2  sing N N 349 
TYR CB  HB3  sing N N 350 
TYR CG  CD1  doub Y N 351 
TYR CG  CD2  sing Y N 352 
TYR CD1 CE1  sing Y N 353 
TYR CD1 HD1  sing N N 354 
TYR CD2 CE2  doub Y N 355 
TYR CD2 HD2  sing N N 356 
TYR CE1 CZ   doub Y N 357 
TYR CE1 HE1  sing N N 358 
TYR CE2 CZ   sing Y N 359 
TYR CE2 HE2  sing N N 360 
TYR CZ  OH   sing N N 361 
TYR OH  HH   sing N N 362 
TYR OXT HXT  sing N N 363 
VAL N   CA   sing N N 364 
VAL N   H    sing N N 365 
VAL N   H2   sing N N 366 
VAL CA  C    sing N N 367 
VAL CA  CB   sing N N 368 
VAL CA  HA   sing N N 369 
VAL C   O    doub N N 370 
VAL C   OXT  sing N N 371 
VAL CB  CG1  sing N N 372 
VAL CB  CG2  sing N N 373 
VAL CB  HB   sing N N 374 
VAL CG1 HG11 sing N N 375 
VAL CG1 HG12 sing N N 376 
VAL CG1 HG13 sing N N 377 
VAL CG2 HG21 sing N N 378 
VAL CG2 HG22 sing N N 379 
VAL CG2 HG23 sing N N 380 
VAL OXT HXT  sing N N 381 
# 
loop_
_pdbx_entity_nonpoly.entity_id 
_pdbx_entity_nonpoly.name 
_pdbx_entity_nonpoly.comp_id 
2 'ACETATE ION' ACT 
3 water         HOH 
# 
_pdbx_initial_refinement_model.id               1 
_pdbx_initial_refinement_model.entity_id_list   ? 
_pdbx_initial_refinement_model.type             'experimental model' 
_pdbx_initial_refinement_model.source_name      PDB 
_pdbx_initial_refinement_model.accession_code   1ZMF 
_pdbx_initial_refinement_model.details          'PDB ENTRY 1ZMF' 
# 
